data_1IX2
# 
_entry.id   1IX2 
# 
_audit_conform.dict_name       mmcif_pdbx.dic 
_audit_conform.dict_version    5.398 
_audit_conform.dict_location   http://mmcif.pdb.org/dictionaries/ascii/mmcif_pdbx.dic 
# 
loop_
_database_2.database_id 
_database_2.database_code 
_database_2.pdbx_database_accession 
_database_2.pdbx_DOI 
PDB   1IX2         pdb_00001ix2 10.2210/pdb1ix2/pdb 
RCSB  RCSB005362   ?            ?                   
WWPDB D_1000005362 ?            ?                   
# 
loop_
_pdbx_audit_revision_history.ordinal 
_pdbx_audit_revision_history.data_content_type 
_pdbx_audit_revision_history.major_revision 
_pdbx_audit_revision_history.minor_revision 
_pdbx_audit_revision_history.revision_date 
1 'Structure model' 1 0 2002-11-27 
2 'Structure model' 1 1 2008-04-27 
3 'Structure model' 1 2 2011-07-13 
4 'Structure model' 1 3 2023-12-27 
5 'Structure model' 1 4 2024-10-30 
# 
_pdbx_audit_revision_details.ordinal             1 
_pdbx_audit_revision_details.revision_ordinal    1 
_pdbx_audit_revision_details.data_content_type   'Structure model' 
_pdbx_audit_revision_details.provider            repository 
_pdbx_audit_revision_details.type                'Initial release' 
_pdbx_audit_revision_details.description         ? 
_pdbx_audit_revision_details.details             ? 
# 
loop_
_pdbx_audit_revision_group.ordinal 
_pdbx_audit_revision_group.revision_ordinal 
_pdbx_audit_revision_group.data_content_type 
_pdbx_audit_revision_group.group 
1 2 'Structure model' 'Version format compliance' 
2 3 'Structure model' 'Version format compliance' 
3 4 'Structure model' 'Data collection'           
4 4 'Structure model' 'Database references'       
5 4 'Structure model' 'Derived calculations'      
6 5 'Structure model' 'Structure summary'         
# 
loop_
_pdbx_audit_revision_category.ordinal 
_pdbx_audit_revision_category.revision_ordinal 
_pdbx_audit_revision_category.data_content_type 
_pdbx_audit_revision_category.category 
1 4 'Structure model' chem_comp_atom            
2 4 'Structure model' chem_comp_bond            
3 4 'Structure model' database_2                
4 4 'Structure model' struct_conn               
5 4 'Structure model' struct_ref_seq_dif        
6 5 'Structure model' pdbx_entry_details        
7 5 'Structure model' pdbx_modification_feature 
# 
loop_
_pdbx_audit_revision_item.ordinal 
_pdbx_audit_revision_item.revision_ordinal 
_pdbx_audit_revision_item.data_content_type 
_pdbx_audit_revision_item.item 
1 4 'Structure model' '_database_2.pdbx_DOI'                
2 4 'Structure model' '_database_2.pdbx_database_accession' 
3 4 'Structure model' '_struct_conn.pdbx_leaving_atom_flag' 
4 4 'Structure model' '_struct_ref_seq_dif.details'         
# 
_pdbx_database_status.status_code                     REL 
_pdbx_database_status.entry_id                        1IX2 
_pdbx_database_status.recvd_initial_deposition_date   2002-06-10 
_pdbx_database_status.deposit_site                    PDBJ 
_pdbx_database_status.process_site                    PDBJ 
_pdbx_database_status.status_code_sf                  REL 
_pdbx_database_status.SG_entry                        . 
_pdbx_database_status.pdb_format_compatible           Y 
_pdbx_database_status.status_code_mr                  ? 
_pdbx_database_status.status_code_cs                  ? 
_pdbx_database_status.status_code_nmr_data            ? 
_pdbx_database_status.methods_development_category    ? 
# 
_pdbx_database_related.db_name        PDB 
_pdbx_database_related.db_id          1LYQ 
_pdbx_database_related.details        '1LYQ contains the same protein, Native form' 
_pdbx_database_related.content_type   unspecified 
# 
loop_
_audit_author.name 
_audit_author.pdbx_ordinal 
'Wernimont, A.K.'  1 
'Huffman, D.L.'    2 
'Finney, L.A.'     3 
'Demeler, B.'      4 
;O'Halloran, T.V.
;
5 
'Rosenzweig, A.C.' 6 
# 
_citation.id                        primary 
_citation.title                     
'Crystal structure and dimerization equilibria of PcoC, a methionine-rich copper resistance protein from Escherichia coli' 
_citation.journal_abbrev            J.BIOL.INORG.CHEM. 
_citation.journal_volume            8 
_citation.page_first                185 
_citation.page_last                 194 
_citation.year                      2003 
_citation.journal_id_ASTM           JJBCFA 
_citation.country                   GW 
_citation.journal_id_ISSN           0949-8257 
_citation.journal_id_CSD            2154 
_citation.book_publisher            ? 
_citation.pdbx_database_id_PubMed   12459914 
_citation.pdbx_database_id_DOI      10.1007/s00775-002-0404-9 
# 
loop_
_citation_author.citation_id 
_citation_author.name 
_citation_author.ordinal 
_citation_author.identifier_ORCID 
primary 'Wernimont, A.K.'  1 ? 
primary 'Huffman, D.L.'    2 ? 
primary 'Finney, L.A.'     3 ? 
primary 'Demeler, B.'      4 ? 
primary 
;O'Halloran, T.V.
;
5 ? 
primary 'Rosenzweig, A.C.' 6 ? 
# 
loop_
_entity.id 
_entity.type 
_entity.src_method 
_entity.pdbx_description 
_entity.formula_weight 
_entity.pdbx_number_of_molecules 
_entity.pdbx_ec 
_entity.pdbx_mutation 
_entity.pdbx_fragment 
_entity.details 
1 polymer man 'PcoC copper resistance protein' 11298.170 2   ? ? ? ? 
2 water   nat water                            18.015    193 ? ? ? ? 
# 
_entity_name_com.entity_id   1 
_entity_name_com.name        'Copper resistance protein C' 
# 
_entity_poly.entity_id                      1 
_entity_poly.type                           'polypeptide(L)' 
_entity_poly.nstd_linkage                   no 
_entity_poly.nstd_monomer                   yes 
_entity_poly.pdbx_seq_one_letter_code       
;AHPELKSSVPQADSAVAAPEKIQLNFSENLTVKFSGAKLT(MSE)TG(MSE)KG(MSE)SSHSP(MSE)PVAAKVAPGAD
PKS(MSE)VIIPREPLPAGTYRVDWRAVSSDTHPITGNYTFTVK
;
_entity_poly.pdbx_seq_one_letter_code_can   
;AHPELKSSVPQADSAVAAPEKIQLNFSENLTVKFSGAKLTMTGMKGMSSHSPMPVAAKVAPGADPKSMVIIPREPLPAGT
YRVDWRAVSSDTHPITGNYTFTVK
;
_entity_poly.pdbx_strand_id                 A,B 
_entity_poly.pdbx_target_identifier         ? 
# 
_pdbx_entity_nonpoly.entity_id   2 
_pdbx_entity_nonpoly.name        water 
_pdbx_entity_nonpoly.comp_id     HOH 
# 
loop_
_entity_poly_seq.entity_id 
_entity_poly_seq.num 
_entity_poly_seq.mon_id 
_entity_poly_seq.hetero 
1 1   ALA n 
1 2   HIS n 
1 3   PRO n 
1 4   GLU n 
1 5   LEU n 
1 6   LYS n 
1 7   SER n 
1 8   SER n 
1 9   VAL n 
1 10  PRO n 
1 11  GLN n 
1 12  ALA n 
1 13  ASP n 
1 14  SER n 
1 15  ALA n 
1 16  VAL n 
1 17  ALA n 
1 18  ALA n 
1 19  PRO n 
1 20  GLU n 
1 21  LYS n 
1 22  ILE n 
1 23  GLN n 
1 24  LEU n 
1 25  ASN n 
1 26  PHE n 
1 27  SER n 
1 28  GLU n 
1 29  ASN n 
1 30  LEU n 
1 31  THR n 
1 32  VAL n 
1 33  LYS n 
1 34  PHE n 
1 35  SER n 
1 36  GLY n 
1 37  ALA n 
1 38  LYS n 
1 39  LEU n 
1 40  THR n 
1 41  MSE n 
1 42  THR n 
1 43  GLY n 
1 44  MSE n 
1 45  LYS n 
1 46  GLY n 
1 47  MSE n 
1 48  SER n 
1 49  SER n 
1 50  HIS n 
1 51  SER n 
1 52  PRO n 
1 53  MSE n 
1 54  PRO n 
1 55  VAL n 
1 56  ALA n 
1 57  ALA n 
1 58  LYS n 
1 59  VAL n 
1 60  ALA n 
1 61  PRO n 
1 62  GLY n 
1 63  ALA n 
1 64  ASP n 
1 65  PRO n 
1 66  LYS n 
1 67  SER n 
1 68  MSE n 
1 69  VAL n 
1 70  ILE n 
1 71  ILE n 
1 72  PRO n 
1 73  ARG n 
1 74  GLU n 
1 75  PRO n 
1 76  LEU n 
1 77  PRO n 
1 78  ALA n 
1 79  GLY n 
1 80  THR n 
1 81  TYR n 
1 82  ARG n 
1 83  VAL n 
1 84  ASP n 
1 85  TRP n 
1 86  ARG n 
1 87  ALA n 
1 88  VAL n 
1 89  SER n 
1 90  SER n 
1 91  ASP n 
1 92  THR n 
1 93  HIS n 
1 94  PRO n 
1 95  ILE n 
1 96  THR n 
1 97  GLY n 
1 98  ASN n 
1 99  TYR n 
1 100 THR n 
1 101 PHE n 
1 102 THR n 
1 103 VAL n 
1 104 LYS n 
# 
_entity_src_gen.entity_id                          1 
_entity_src_gen.pdbx_src_id                        1 
_entity_src_gen.pdbx_alt_source_flag               sample 
_entity_src_gen.pdbx_seq_type                      ? 
_entity_src_gen.pdbx_beg_seq_num                   ? 
_entity_src_gen.pdbx_end_seq_num                   ? 
_entity_src_gen.gene_src_common_name               ? 
_entity_src_gen.gene_src_genus                     Escherichia 
_entity_src_gen.pdbx_gene_src_gene                 'plasmid pRJ1004' 
_entity_src_gen.gene_src_species                   ? 
_entity_src_gen.gene_src_strain                    ? 
_entity_src_gen.gene_src_tissue                    ? 
_entity_src_gen.gene_src_tissue_fraction           ? 
_entity_src_gen.gene_src_details                   ? 
_entity_src_gen.pdbx_gene_src_fragment             ? 
_entity_src_gen.pdbx_gene_src_scientific_name      'Escherichia coli' 
_entity_src_gen.pdbx_gene_src_ncbi_taxonomy_id     562 
_entity_src_gen.pdbx_gene_src_variant              ? 
_entity_src_gen.pdbx_gene_src_cell_line            ? 
_entity_src_gen.pdbx_gene_src_atcc                 ? 
_entity_src_gen.pdbx_gene_src_organ                ? 
_entity_src_gen.pdbx_gene_src_organelle            ? 
_entity_src_gen.pdbx_gene_src_cell                 ? 
_entity_src_gen.pdbx_gene_src_cellular_location    ? 
_entity_src_gen.host_org_common_name               ? 
_entity_src_gen.pdbx_host_org_scientific_name      'Escherichia coli' 
_entity_src_gen.pdbx_host_org_ncbi_taxonomy_id     562 
_entity_src_gen.host_org_genus                     Escherichia 
_entity_src_gen.pdbx_host_org_gene                 ? 
_entity_src_gen.pdbx_host_org_organ                ? 
_entity_src_gen.host_org_species                   ? 
_entity_src_gen.pdbx_host_org_tissue               ? 
_entity_src_gen.pdbx_host_org_tissue_fraction      ? 
_entity_src_gen.pdbx_host_org_strain               'B834(DE3)' 
_entity_src_gen.pdbx_host_org_variant              ? 
_entity_src_gen.pdbx_host_org_cell_line            ? 
_entity_src_gen.pdbx_host_org_atcc                 ? 
_entity_src_gen.pdbx_host_org_culture_collection   ? 
_entity_src_gen.pdbx_host_org_cell                 ? 
_entity_src_gen.pdbx_host_org_organelle            ? 
_entity_src_gen.pdbx_host_org_cellular_location    ? 
_entity_src_gen.pdbx_host_org_vector_type          PLASMID 
_entity_src_gen.pdbx_host_org_vector               ? 
_entity_src_gen.host_org_details                   ? 
_entity_src_gen.expression_system_id               ? 
_entity_src_gen.plasmid_name                       pDLHII265 
_entity_src_gen.plasmid_details                    ? 
_entity_src_gen.pdbx_description                   ? 
# 
loop_
_chem_comp.id 
_chem_comp.type 
_chem_comp.mon_nstd_flag 
_chem_comp.name 
_chem_comp.pdbx_synonyms 
_chem_comp.formula 
_chem_comp.formula_weight 
ALA 'L-peptide linking' y ALANINE          ? 'C3 H7 N O2'     89.093  
ARG 'L-peptide linking' y ARGININE         ? 'C6 H15 N4 O2 1' 175.209 
ASN 'L-peptide linking' y ASPARAGINE       ? 'C4 H8 N2 O3'    132.118 
ASP 'L-peptide linking' y 'ASPARTIC ACID'  ? 'C4 H7 N O4'     133.103 
GLN 'L-peptide linking' y GLUTAMINE        ? 'C5 H10 N2 O3'   146.144 
GLU 'L-peptide linking' y 'GLUTAMIC ACID'  ? 'C5 H9 N O4'     147.129 
GLY 'peptide linking'   y GLYCINE          ? 'C2 H5 N O2'     75.067  
HIS 'L-peptide linking' y HISTIDINE        ? 'C6 H10 N3 O2 1' 156.162 
HOH non-polymer         . WATER            ? 'H2 O'           18.015  
ILE 'L-peptide linking' y ISOLEUCINE       ? 'C6 H13 N O2'    131.173 
LEU 'L-peptide linking' y LEUCINE          ? 'C6 H13 N O2'    131.173 
LYS 'L-peptide linking' y LYSINE           ? 'C6 H15 N2 O2 1' 147.195 
MET 'L-peptide linking' y METHIONINE       ? 'C5 H11 N O2 S'  149.211 
MSE 'L-peptide linking' n SELENOMETHIONINE ? 'C5 H11 N O2 Se' 196.106 
PHE 'L-peptide linking' y PHENYLALANINE    ? 'C9 H11 N O2'    165.189 
PRO 'L-peptide linking' y PROLINE          ? 'C5 H9 N O2'     115.130 
SER 'L-peptide linking' y SERINE           ? 'C3 H7 N O3'     105.093 
THR 'L-peptide linking' y THREONINE        ? 'C4 H9 N O3'     119.119 
TRP 'L-peptide linking' y TRYPTOPHAN       ? 'C11 H12 N2 O2'  204.225 
TYR 'L-peptide linking' y TYROSINE         ? 'C9 H11 N O3'    181.189 
VAL 'L-peptide linking' y VALINE           ? 'C5 H11 N O2'    117.146 
# 
loop_
_pdbx_poly_seq_scheme.asym_id 
_pdbx_poly_seq_scheme.entity_id 
_pdbx_poly_seq_scheme.seq_id 
_pdbx_poly_seq_scheme.mon_id 
_pdbx_poly_seq_scheme.ndb_seq_num 
_pdbx_poly_seq_scheme.pdb_seq_num 
_pdbx_poly_seq_scheme.auth_seq_num 
_pdbx_poly_seq_scheme.pdb_mon_id 
_pdbx_poly_seq_scheme.auth_mon_id 
_pdbx_poly_seq_scheme.pdb_strand_id 
_pdbx_poly_seq_scheme.pdb_ins_code 
_pdbx_poly_seq_scheme.hetero 
A 1 1   ALA 1   1   ?   ?   ?   A . n 
A 1 2   HIS 2   2   ?   ?   ?   A . n 
A 1 3   PRO 3   3   3   PRO PRO A . n 
A 1 4   GLU 4   4   4   GLU GLU A . n 
A 1 5   LEU 5   5   5   LEU LEU A . n 
A 1 6   LYS 6   6   6   LYS LYS A . n 
A 1 7   SER 7   7   7   SER SER A . n 
A 1 8   SER 8   8   8   SER SER A . n 
A 1 9   VAL 9   9   9   VAL VAL A . n 
A 1 10  PRO 10  10  10  PRO PRO A . n 
A 1 11  GLN 11  11  11  GLN GLN A . n 
A 1 12  ALA 12  12  12  ALA ALA A . n 
A 1 13  ASP 13  13  13  ASP ASP A . n 
A 1 14  SER 14  14  14  SER SER A . n 
A 1 15  ALA 15  15  15  ALA ALA A . n 
A 1 16  VAL 16  16  16  VAL VAL A . n 
A 1 17  ALA 17  17  17  ALA ALA A . n 
A 1 18  ALA 18  18  18  ALA ALA A . n 
A 1 19  PRO 19  19  19  PRO PRO A . n 
A 1 20  GLU 20  20  20  GLU GLU A . n 
A 1 21  LYS 21  21  21  LYS LYS A . n 
A 1 22  ILE 22  22  22  ILE ILE A . n 
A 1 23  GLN 23  23  23  GLN GLN A . n 
A 1 24  LEU 24  24  24  LEU LEU A . n 
A 1 25  ASN 25  25  25  ASN ASN A . n 
A 1 26  PHE 26  26  26  PHE PHE A . n 
A 1 27  SER 27  27  27  SER SER A . n 
A 1 28  GLU 28  28  28  GLU GLU A . n 
A 1 29  ASN 29  29  29  ASN ASN A . n 
A 1 30  LEU 30  30  30  LEU LEU A . n 
A 1 31  THR 31  31  31  THR THR A . n 
A 1 32  VAL 32  32  32  VAL VAL A . n 
A 1 33  LYS 33  33  33  LYS LYS A . n 
A 1 34  PHE 34  34  34  PHE PHE A . n 
A 1 35  SER 35  35  35  SER SER A . n 
A 1 36  GLY 36  36  36  GLY GLY A . n 
A 1 37  ALA 37  37  37  ALA ALA A . n 
A 1 38  LYS 38  38  38  LYS LYS A . n 
A 1 39  LEU 39  39  39  LEU LEU A . n 
A 1 40  THR 40  40  40  THR THR A . n 
A 1 41  MSE 41  41  41  MSE MSE A . n 
A 1 42  THR 42  42  42  THR THR A . n 
A 1 43  GLY 43  43  43  GLY GLY A . n 
A 1 44  MSE 44  44  44  MSE MSE A . n 
A 1 45  LYS 45  45  45  LYS LYS A . n 
A 1 46  GLY 46  46  46  GLY GLY A . n 
A 1 47  MSE 47  47  47  MSE MSE A . n 
A 1 48  SER 48  48  48  SER SER A . n 
A 1 49  SER 49  49  49  SER SER A . n 
A 1 50  HIS 50  50  50  HIS HIS A . n 
A 1 51  SER 51  51  51  SER SER A . n 
A 1 52  PRO 52  52  52  PRO PRO A . n 
A 1 53  MSE 53  53  53  MSE MSE A . n 
A 1 54  PRO 54  54  54  PRO PRO A . n 
A 1 55  VAL 55  55  55  VAL VAL A . n 
A 1 56  ALA 56  56  56  ALA ALA A . n 
A 1 57  ALA 57  57  57  ALA ALA A . n 
A 1 58  LYS 58  58  58  LYS LYS A . n 
A 1 59  VAL 59  59  59  VAL VAL A . n 
A 1 60  ALA 60  60  60  ALA ALA A . n 
A 1 61  PRO 61  61  61  PRO PRO A . n 
A 1 62  GLY 62  62  62  GLY GLY A . n 
A 1 63  ALA 63  63  63  ALA ALA A . n 
A 1 64  ASP 64  64  64  ASP ASP A . n 
A 1 65  PRO 65  65  65  PRO PRO A . n 
A 1 66  LYS 66  66  66  LYS LYS A . n 
A 1 67  SER 67  67  67  SER SER A . n 
A 1 68  MSE 68  68  68  MSE MSE A . n 
A 1 69  VAL 69  69  69  VAL VAL A . n 
A 1 70  ILE 70  70  70  ILE ILE A . n 
A 1 71  ILE 71  71  71  ILE ILE A . n 
A 1 72  PRO 72  72  72  PRO PRO A . n 
A 1 73  ARG 73  73  73  ARG ARG A . n 
A 1 74  GLU 74  74  74  GLU GLU A . n 
A 1 75  PRO 75  75  75  PRO PRO A . n 
A 1 76  LEU 76  76  76  LEU LEU A . n 
A 1 77  PRO 77  77  77  PRO PRO A . n 
A 1 78  ALA 78  78  78  ALA ALA A . n 
A 1 79  GLY 79  79  79  GLY GLY A . n 
A 1 80  THR 80  80  80  THR THR A . n 
A 1 81  TYR 81  81  81  TYR TYR A . n 
A 1 82  ARG 82  82  82  ARG ARG A . n 
A 1 83  VAL 83  83  83  VAL VAL A . n 
A 1 84  ASP 84  84  84  ASP ASP A . n 
A 1 85  TRP 85  85  85  TRP TRP A . n 
A 1 86  ARG 86  86  86  ARG ARG A . n 
A 1 87  ALA 87  87  87  ALA ALA A . n 
A 1 88  VAL 88  88  88  VAL VAL A . n 
A 1 89  SER 89  89  89  SER SER A . n 
A 1 90  SER 90  90  90  SER SER A . n 
A 1 91  ASP 91  91  91  ASP ASP A . n 
A 1 92  THR 92  92  92  THR THR A . n 
A 1 93  HIS 93  93  93  HIS HIS A . n 
A 1 94  PRO 94  94  94  PRO PRO A . n 
A 1 95  ILE 95  95  95  ILE ILE A . n 
A 1 96  THR 96  96  96  THR THR A . n 
A 1 97  GLY 97  97  97  GLY GLY A . n 
A 1 98  ASN 98  98  98  ASN ASN A . n 
A 1 99  TYR 99  99  99  TYR TYR A . n 
A 1 100 THR 100 100 100 THR THR A . n 
A 1 101 PHE 101 101 101 PHE PHE A . n 
A 1 102 THR 102 102 102 THR THR A . n 
A 1 103 VAL 103 103 103 VAL VAL A . n 
A 1 104 LYS 104 104 104 LYS LYS A . n 
B 1 1   ALA 1   1   ?   ?   ?   B . n 
B 1 2   HIS 2   2   2   HIS HIS B . n 
B 1 3   PRO 3   3   3   PRO PRO B . n 
B 1 4   GLU 4   4   4   GLU GLU B . n 
B 1 5   LEU 5   5   5   LEU LEU B . n 
B 1 6   LYS 6   6   6   LYS LYS B . n 
B 1 7   SER 7   7   7   SER SER B . n 
B 1 8   SER 8   8   8   SER SER B . n 
B 1 9   VAL 9   9   9   VAL VAL B . n 
B 1 10  PRO 10  10  10  PRO PRO B . n 
B 1 11  GLN 11  11  11  GLN GLN B . n 
B 1 12  ALA 12  12  12  ALA ALA B . n 
B 1 13  ASP 13  13  13  ASP ASP B . n 
B 1 14  SER 14  14  14  SER SER B . n 
B 1 15  ALA 15  15  15  ALA ALA B . n 
B 1 16  VAL 16  16  16  VAL VAL B . n 
B 1 17  ALA 17  17  17  ALA ALA B . n 
B 1 18  ALA 18  18  18  ALA ALA B . n 
B 1 19  PRO 19  19  19  PRO PRO B . n 
B 1 20  GLU 20  20  20  GLU GLU B . n 
B 1 21  LYS 21  21  21  LYS LYS B . n 
B 1 22  ILE 22  22  22  ILE ILE B . n 
B 1 23  GLN 23  23  23  GLN GLN B . n 
B 1 24  LEU 24  24  24  LEU LEU B . n 
B 1 25  ASN 25  25  25  ASN ASN B . n 
B 1 26  PHE 26  26  26  PHE PHE B . n 
B 1 27  SER 27  27  27  SER SER B . n 
B 1 28  GLU 28  28  28  GLU GLU B . n 
B 1 29  ASN 29  29  29  ASN ASN B . n 
B 1 30  LEU 30  30  30  LEU LEU B . n 
B 1 31  THR 31  31  31  THR THR B . n 
B 1 32  VAL 32  32  32  VAL VAL B . n 
B 1 33  LYS 33  33  33  LYS LYS B . n 
B 1 34  PHE 34  34  34  PHE PHE B . n 
B 1 35  SER 35  35  35  SER SER B . n 
B 1 36  GLY 36  36  36  GLY GLY B . n 
B 1 37  ALA 37  37  37  ALA ALA B . n 
B 1 38  LYS 38  38  38  LYS LYS B . n 
B 1 39  LEU 39  39  39  LEU LEU B . n 
B 1 40  THR 40  40  40  THR THR B . n 
B 1 41  MSE 41  41  41  MSE MSE B . n 
B 1 42  THR 42  42  42  THR THR B . n 
B 1 43  GLY 43  43  43  GLY GLY B . n 
B 1 44  MSE 44  44  44  MSE MSE B . n 
B 1 45  LYS 45  45  45  LYS LYS B . n 
B 1 46  GLY 46  46  46  GLY GLY B . n 
B 1 47  MSE 47  47  47  MSE MSE B . n 
B 1 48  SER 48  48  48  SER SER B . n 
B 1 49  SER 49  49  49  SER SER B . n 
B 1 50  HIS 50  50  50  HIS HIS B . n 
B 1 51  SER 51  51  51  SER SER B . n 
B 1 52  PRO 52  52  52  PRO PRO B . n 
B 1 53  MSE 53  53  53  MSE MSE B . n 
B 1 54  PRO 54  54  54  PRO PRO B . n 
B 1 55  VAL 55  55  55  VAL VAL B . n 
B 1 56  ALA 56  56  56  ALA ALA B . n 
B 1 57  ALA 57  57  57  ALA ALA B . n 
B 1 58  LYS 58  58  58  LYS LYS B . n 
B 1 59  VAL 59  59  59  VAL VAL B . n 
B 1 60  ALA 60  60  60  ALA ALA B . n 
B 1 61  PRO 61  61  61  PRO PRO B . n 
B 1 62  GLY 62  62  62  GLY GLY B . n 
B 1 63  ALA 63  63  63  ALA ALA B . n 
B 1 64  ASP 64  64  64  ASP ASP B . n 
B 1 65  PRO 65  65  65  PRO PRO B . n 
B 1 66  LYS 66  66  66  LYS LYS B . n 
B 1 67  SER 67  67  67  SER SER B . n 
B 1 68  MSE 68  68  68  MSE MSE B . n 
B 1 69  VAL 69  69  69  VAL VAL B . n 
B 1 70  ILE 70  70  70  ILE ILE B . n 
B 1 71  ILE 71  71  71  ILE ILE B . n 
B 1 72  PRO 72  72  72  PRO PRO B . n 
B 1 73  ARG 73  73  73  ARG ARG B . n 
B 1 74  GLU 74  74  74  GLU GLU B . n 
B 1 75  PRO 75  75  75  PRO PRO B . n 
B 1 76  LEU 76  76  76  LEU LEU B . n 
B 1 77  PRO 77  77  77  PRO PRO B . n 
B 1 78  ALA 78  78  78  ALA ALA B . n 
B 1 79  GLY 79  79  79  GLY GLY B . n 
B 1 80  THR 80  80  80  THR THR B . n 
B 1 81  TYR 81  81  81  TYR TYR B . n 
B 1 82  ARG 82  82  82  ARG ARG B . n 
B 1 83  VAL 83  83  83  VAL VAL B . n 
B 1 84  ASP 84  84  84  ASP ASP B . n 
B 1 85  TRP 85  85  85  TRP TRP B . n 
B 1 86  ARG 86  86  86  ARG ARG B . n 
B 1 87  ALA 87  87  87  ALA ALA B . n 
B 1 88  VAL 88  88  88  VAL VAL B . n 
B 1 89  SER 89  89  89  SER SER B . n 
B 1 90  SER 90  90  90  SER SER B . n 
B 1 91  ASP 91  91  91  ASP ASP B . n 
B 1 92  THR 92  92  92  THR THR B . n 
B 1 93  HIS 93  93  93  HIS HIS B . n 
B 1 94  PRO 94  94  94  PRO PRO B . n 
B 1 95  ILE 95  95  95  ILE ILE B . n 
B 1 96  THR 96  96  96  THR THR B . n 
B 1 97  GLY 97  97  97  GLY GLY B . n 
B 1 98  ASN 98  98  98  ASN ASN B . n 
B 1 99  TYR 99  99  99  TYR TYR B . n 
B 1 100 THR 100 100 100 THR THR B . n 
B 1 101 PHE 101 101 101 PHE PHE B . n 
B 1 102 THR 102 102 102 THR THR B . n 
B 1 103 VAL 103 103 103 VAL VAL B . n 
B 1 104 LYS 104 104 104 LYS LYS B . n 
# 
loop_
_pdbx_nonpoly_scheme.asym_id 
_pdbx_nonpoly_scheme.entity_id 
_pdbx_nonpoly_scheme.mon_id 
_pdbx_nonpoly_scheme.ndb_seq_num 
_pdbx_nonpoly_scheme.pdb_seq_num 
_pdbx_nonpoly_scheme.auth_seq_num 
_pdbx_nonpoly_scheme.pdb_mon_id 
_pdbx_nonpoly_scheme.auth_mon_id 
_pdbx_nonpoly_scheme.pdb_strand_id 
_pdbx_nonpoly_scheme.pdb_ins_code 
C 2 HOH 1   105 3   HOH HOH A . 
C 2 HOH 2   106 4   HOH HOH A . 
C 2 HOH 3   107 5   HOH HOH A . 
C 2 HOH 4   108 8   HOH HOH A . 
C 2 HOH 5   109 9   HOH HOH A . 
C 2 HOH 6   110 11  HOH HOH A . 
C 2 HOH 7   111 13  HOH HOH A . 
C 2 HOH 8   112 17  HOH HOH A . 
C 2 HOH 9   113 19  HOH HOH A . 
C 2 HOH 10  114 22  HOH HOH A . 
C 2 HOH 11  115 26  HOH HOH A . 
C 2 HOH 12  116 28  HOH HOH A . 
C 2 HOH 13  117 29  HOH HOH A . 
C 2 HOH 14  118 36  HOH HOH A . 
C 2 HOH 15  119 37  HOH HOH A . 
C 2 HOH 16  120 39  HOH HOH A . 
C 2 HOH 17  121 44  HOH HOH A . 
C 2 HOH 18  122 45  HOH HOH A . 
C 2 HOH 19  123 47  HOH HOH A . 
C 2 HOH 20  124 48  HOH HOH A . 
C 2 HOH 21  125 49  HOH HOH A . 
C 2 HOH 22  126 50  HOH HOH A . 
C 2 HOH 23  127 55  HOH HOH A . 
C 2 HOH 24  128 56  HOH HOH A . 
C 2 HOH 25  129 57  HOH HOH A . 
C 2 HOH 26  130 68  HOH HOH A . 
C 2 HOH 27  131 69  HOH HOH A . 
C 2 HOH 28  132 71  HOH HOH A . 
C 2 HOH 29  133 72  HOH HOH A . 
C 2 HOH 30  134 75  HOH HOH A . 
C 2 HOH 31  135 77  HOH HOH A . 
C 2 HOH 32  136 78  HOH HOH A . 
C 2 HOH 33  137 80  HOH HOH A . 
C 2 HOH 34  138 81  HOH HOH A . 
C 2 HOH 35  139 84  HOH HOH A . 
C 2 HOH 36  140 85  HOH HOH A . 
C 2 HOH 37  141 86  HOH HOH A . 
C 2 HOH 38  142 90  HOH HOH A . 
C 2 HOH 39  143 94  HOH HOH A . 
C 2 HOH 40  144 96  HOH HOH A . 
C 2 HOH 41  145 97  HOH HOH A . 
C 2 HOH 42  146 99  HOH HOH A . 
C 2 HOH 43  147 100 HOH HOH A . 
C 2 HOH 44  148 101 HOH HOH A . 
C 2 HOH 45  149 104 HOH HOH A . 
C 2 HOH 46  150 106 HOH HOH A . 
C 2 HOH 47  151 107 HOH HOH A . 
C 2 HOH 48  152 108 HOH HOH A . 
C 2 HOH 49  153 109 HOH HOH A . 
C 2 HOH 50  154 111 HOH HOH A . 
C 2 HOH 51  155 112 HOH HOH A . 
C 2 HOH 52  156 113 HOH HOH A . 
C 2 HOH 53  157 115 HOH HOH A . 
C 2 HOH 54  158 116 HOH HOH A . 
C 2 HOH 55  159 120 HOH HOH A . 
C 2 HOH 56  160 122 HOH HOH A . 
C 2 HOH 57  161 124 HOH HOH A . 
C 2 HOH 58  162 125 HOH HOH A . 
C 2 HOH 59  163 126 HOH HOH A . 
C 2 HOH 60  164 127 HOH HOH A . 
C 2 HOH 61  165 130 HOH HOH A . 
C 2 HOH 62  166 132 HOH HOH A . 
C 2 HOH 63  167 134 HOH HOH A . 
C 2 HOH 64  168 137 HOH HOH A . 
C 2 HOH 65  169 140 HOH HOH A . 
C 2 HOH 66  170 141 HOH HOH A . 
C 2 HOH 67  171 147 HOH HOH A . 
C 2 HOH 68  172 148 HOH HOH A . 
C 2 HOH 69  173 151 HOH HOH A . 
C 2 HOH 70  174 152 HOH HOH A . 
C 2 HOH 71  175 153 HOH HOH A . 
C 2 HOH 72  176 155 HOH HOH A . 
C 2 HOH 73  177 156 HOH HOH A . 
C 2 HOH 74  178 160 HOH HOH A . 
C 2 HOH 75  179 161 HOH HOH A . 
C 2 HOH 76  180 162 HOH HOH A . 
C 2 HOH 77  181 163 HOH HOH A . 
C 2 HOH 78  182 170 HOH HOH A . 
C 2 HOH 79  183 171 HOH HOH A . 
C 2 HOH 80  184 172 HOH HOH A . 
C 2 HOH 81  185 178 HOH HOH A . 
C 2 HOH 82  186 179 HOH HOH A . 
C 2 HOH 83  187 180 HOH HOH A . 
C 2 HOH 84  188 183 HOH HOH A . 
C 2 HOH 85  189 185 HOH HOH A . 
C 2 HOH 86  190 186 HOH HOH A . 
C 2 HOH 87  191 187 HOH HOH A . 
C 2 HOH 88  192 188 HOH HOH A . 
C 2 HOH 89  193 189 HOH HOH A . 
C 2 HOH 90  194 190 HOH HOH A . 
C 2 HOH 91  195 192 HOH HOH A . 
C 2 HOH 92  196 195 HOH HOH A . 
D 2 HOH 1   105 1   HOH HOH B . 
D 2 HOH 2   106 2   HOH HOH B . 
D 2 HOH 3   107 6   HOH HOH B . 
D 2 HOH 4   108 7   HOH HOH B . 
D 2 HOH 5   109 10  HOH HOH B . 
D 2 HOH 6   110 12  HOH HOH B . 
D 2 HOH 7   111 14  HOH HOH B . 
D 2 HOH 8   112 15  HOH HOH B . 
D 2 HOH 9   113 16  HOH HOH B . 
D 2 HOH 10  114 18  HOH HOH B . 
D 2 HOH 11  115 20  HOH HOH B . 
D 2 HOH 12  116 21  HOH HOH B . 
D 2 HOH 13  117 23  HOH HOH B . 
D 2 HOH 14  118 24  HOH HOH B . 
D 2 HOH 15  119 25  HOH HOH B . 
D 2 HOH 16  120 27  HOH HOH B . 
D 2 HOH 17  121 30  HOH HOH B . 
D 2 HOH 18  122 31  HOH HOH B . 
D 2 HOH 19  123 32  HOH HOH B . 
D 2 HOH 20  124 33  HOH HOH B . 
D 2 HOH 21  125 34  HOH HOH B . 
D 2 HOH 22  126 35  HOH HOH B . 
D 2 HOH 23  127 38  HOH HOH B . 
D 2 HOH 24  128 40  HOH HOH B . 
D 2 HOH 25  129 41  HOH HOH B . 
D 2 HOH 26  130 42  HOH HOH B . 
D 2 HOH 27  131 43  HOH HOH B . 
D 2 HOH 28  132 46  HOH HOH B . 
D 2 HOH 29  133 51  HOH HOH B . 
D 2 HOH 30  134 52  HOH HOH B . 
D 2 HOH 31  135 53  HOH HOH B . 
D 2 HOH 32  136 54  HOH HOH B . 
D 2 HOH 33  137 58  HOH HOH B . 
D 2 HOH 34  138 59  HOH HOH B . 
D 2 HOH 35  139 60  HOH HOH B . 
D 2 HOH 36  140 61  HOH HOH B . 
D 2 HOH 37  141 62  HOH HOH B . 
D 2 HOH 38  142 63  HOH HOH B . 
D 2 HOH 39  143 64  HOH HOH B . 
D 2 HOH 40  144 65  HOH HOH B . 
D 2 HOH 41  145 66  HOH HOH B . 
D 2 HOH 42  146 67  HOH HOH B . 
D 2 HOH 43  147 70  HOH HOH B . 
D 2 HOH 44  148 74  HOH HOH B . 
D 2 HOH 45  149 76  HOH HOH B . 
D 2 HOH 46  150 79  HOH HOH B . 
D 2 HOH 47  151 82  HOH HOH B . 
D 2 HOH 48  152 83  HOH HOH B . 
D 2 HOH 49  153 87  HOH HOH B . 
D 2 HOH 50  154 88  HOH HOH B . 
D 2 HOH 51  155 89  HOH HOH B . 
D 2 HOH 52  156 91  HOH HOH B . 
D 2 HOH 53  157 93  HOH HOH B . 
D 2 HOH 54  158 95  HOH HOH B . 
D 2 HOH 55  159 98  HOH HOH B . 
D 2 HOH 56  160 102 HOH HOH B . 
D 2 HOH 57  161 103 HOH HOH B . 
D 2 HOH 58  162 105 HOH HOH B . 
D 2 HOH 59  163 110 HOH HOH B . 
D 2 HOH 60  164 114 HOH HOH B . 
D 2 HOH 61  165 117 HOH HOH B . 
D 2 HOH 62  166 118 HOH HOH B . 
D 2 HOH 63  167 119 HOH HOH B . 
D 2 HOH 64  168 121 HOH HOH B . 
D 2 HOH 65  169 123 HOH HOH B . 
D 2 HOH 66  170 128 HOH HOH B . 
D 2 HOH 67  171 129 HOH HOH B . 
D 2 HOH 68  172 131 HOH HOH B . 
D 2 HOH 69  173 133 HOH HOH B . 
D 2 HOH 70  174 135 HOH HOH B . 
D 2 HOH 71  175 136 HOH HOH B . 
D 2 HOH 72  176 138 HOH HOH B . 
D 2 HOH 73  177 139 HOH HOH B . 
D 2 HOH 74  178 142 HOH HOH B . 
D 2 HOH 75  179 143 HOH HOH B . 
D 2 HOH 76  180 144 HOH HOH B . 
D 2 HOH 77  181 145 HOH HOH B . 
D 2 HOH 78  182 146 HOH HOH B . 
D 2 HOH 79  183 149 HOH HOH B . 
D 2 HOH 80  184 150 HOH HOH B . 
D 2 HOH 81  185 154 HOH HOH B . 
D 2 HOH 82  186 157 HOH HOH B . 
D 2 HOH 83  187 158 HOH HOH B . 
D 2 HOH 84  188 159 HOH HOH B . 
D 2 HOH 85  189 164 HOH HOH B . 
D 2 HOH 86  190 165 HOH HOH B . 
D 2 HOH 87  191 166 HOH HOH B . 
D 2 HOH 88  192 167 HOH HOH B . 
D 2 HOH 89  193 168 HOH HOH B . 
D 2 HOH 90  194 169 HOH HOH B . 
D 2 HOH 91  195 173 HOH HOH B . 
D 2 HOH 92  196 174 HOH HOH B . 
D 2 HOH 93  197 175 HOH HOH B . 
D 2 HOH 94  198 176 HOH HOH B . 
D 2 HOH 95  199 177 HOH HOH B . 
D 2 HOH 96  200 181 HOH HOH B . 
D 2 HOH 97  201 182 HOH HOH B . 
D 2 HOH 98  202 184 HOH HOH B . 
D 2 HOH 99  203 191 HOH HOH B . 
D 2 HOH 100 204 193 HOH HOH B . 
D 2 HOH 101 205 194 HOH HOH B . 
# 
loop_
_software.name 
_software.classification 
_software.version 
_software.citation_id 
_software.pdbx_ordinal 
DENZO     'data reduction' .   ? 1 
SCALEPACK 'data scaling'   .   ? 2 
SOLVE     phasing          .   ? 3 
CNS       refinement       1.0 ? 4 
# 
_cell.entry_id           1IX2 
_cell.length_a           107.650 
_cell.length_b           107.650 
_cell.length_c           107.650 
_cell.angle_alpha        90.00 
_cell.angle_beta         90.00 
_cell.angle_gamma        90.00 
_cell.Z_PDB              48 
_cell.pdbx_unique_axis   ? 
# 
_symmetry.entry_id                         1IX2 
_symmetry.space_group_name_H-M             'I 2 3' 
_symmetry.pdbx_full_space_group_name_H-M   ? 
_symmetry.cell_setting                     ? 
_symmetry.Int_Tables_number                197 
# 
_exptl.entry_id          1IX2 
_exptl.method            'X-RAY DIFFRACTION' 
_exptl.crystals_number   3 
# 
_exptl_crystal.id                    1 
_exptl_crystal.density_meas          ? 
_exptl_crystal.density_percent_sol   46.48 
_exptl_crystal.density_Matthews      2.30 
_exptl_crystal.description           ? 
# 
_exptl_crystal_grow.crystal_id      1 
_exptl_crystal_grow.method          'VAPOR DIFFUSION, HANGING DROP' 
_exptl_crystal_grow.temp            296 
_exptl_crystal_grow.temp_details    ? 
_exptl_crystal_grow.pH              7.5 
_exptl_crystal_grow.pdbx_details    'SODIUM CITRATE, pH 7.5, VAPOR DIFFUSION, HANGING DROP, temperature 296K' 
_exptl_crystal_grow.pdbx_pH_range   . 
# 
loop_
_diffrn.id 
_diffrn.ambient_temp 
_diffrn.ambient_temp_details 
_diffrn.crystal_id 
1 100 ? 1 
2 100 ? 1 
# 
loop_
_diffrn_detector.diffrn_id 
_diffrn_detector.detector 
_diffrn_detector.type 
_diffrn_detector.pdbx_collection_date 
_diffrn_detector.details 
1 CCD MARRESEARCH 1999-08-08 ? 
2 CCD MARRESEARCH 1999-12-29 ? 
# 
loop_
_diffrn_radiation.diffrn_id 
_diffrn_radiation.wavelength_id 
_diffrn_radiation.pdbx_monochromatic_or_laue_m_l 
_diffrn_radiation.monochromator 
_diffrn_radiation.pdbx_diffrn_protocol 
_diffrn_radiation.pdbx_scattering_type 
1 1 M ? MAD                 x-ray 
2 1 M ? 'SINGLE WAVELENGTH' x-ray 
# 
loop_
_diffrn_radiation_wavelength.id 
_diffrn_radiation_wavelength.wavelength 
_diffrn_radiation_wavelength.wt 
1 0.9795 1.0 
2 0.9793 1.0 
3 0.9643 1.0 
4 1.000  1.0 
# 
loop_
_diffrn_source.diffrn_id 
_diffrn_source.source 
_diffrn_source.type 
_diffrn_source.pdbx_synchrotron_site 
_diffrn_source.pdbx_synchrotron_beamline 
_diffrn_source.pdbx_wavelength 
_diffrn_source.pdbx_wavelength_list 
1 SYNCHROTRON 'APS BEAMLINE 5ID-B' APS 5ID-B ? '0.9795, 0.9793, 0.9643' 
2 SYNCHROTRON 'APS BEAMLINE 5ID-B' APS 5ID-B ? 1.000                    
# 
_reflns.entry_id                     1IX2 
_reflns.observed_criterion_sigma_F   2 
_reflns.observed_criterion_sigma_I   2 
_reflns.d_resolution_high            1.55 
_reflns.d_resolution_low             30 
_reflns.number_all                   30839 
_reflns.number_obs                   30655 
_reflns.percent_possible_obs         99.4 
_reflns.pdbx_Rmerge_I_obs            0.081 
_reflns.pdbx_Rsym_value              0.067 
_reflns.pdbx_netI_over_sigmaI        8.5 
_reflns.B_iso_Wilson_estimate        20.1 
_reflns.pdbx_redundancy              4 
_reflns.R_free_details               ? 
_reflns.limit_h_max                  ? 
_reflns.limit_h_min                  ? 
_reflns.limit_k_max                  ? 
_reflns.limit_k_min                  ? 
_reflns.limit_l_max                  ? 
_reflns.limit_l_min                  ? 
_reflns.observed_criterion_F_max     ? 
_reflns.observed_criterion_F_min     ? 
_reflns.pdbx_diffrn_id               1,2 
_reflns.pdbx_ordinal                 1 
# 
_reflns_shell.d_res_high             1.55 
_reflns_shell.d_res_low              1.61 
_reflns_shell.percent_possible_all   99.4 
_reflns_shell.Rmerge_I_obs           0.302 
_reflns_shell.pdbx_Rsym_value        0.312 
_reflns_shell.meanI_over_sigI_obs    1.8 
_reflns_shell.pdbx_redundancy        2.8 
_reflns_shell.percent_possible_obs   ? 
_reflns_shell.number_unique_all      3031 
_reflns_shell.pdbx_diffrn_id         ? 
_reflns_shell.pdbx_ordinal           1 
# 
_refine.entry_id                                 1IX2 
_refine.ls_d_res_high                            1.55 
_refine.ls_d_res_low                             30 
_refine.pdbx_ls_sigma_F                          0 
_refine.pdbx_ls_sigma_I                          0 
_refine.ls_number_reflns_all                     30187 
_refine.ls_number_reflns_obs                     28875 
_refine.ls_number_reflns_R_free                  2048 
_refine.ls_percent_reflns_obs                    95.7 
_refine.ls_R_factor_all                          0.207 
_refine.ls_R_factor_obs                          0.207 
_refine.ls_R_factor_R_work                       0.207 
_refine.ls_R_factor_R_free                       0.228 
_refine.ls_redundancy_reflns_obs                 ? 
_refine.pdbx_data_cutoff_high_absF               ? 
_refine.pdbx_data_cutoff_low_absF                ? 
_refine.ls_number_parameters                     ? 
_refine.ls_number_restraints                     ? 
_refine.ls_percent_reflns_R_free                 ? 
_refine.ls_R_factor_R_free_error                 ? 
_refine.ls_R_factor_R_free_error_details         ? 
_refine.pdbx_method_to_determine_struct          MAD 
_refine.pdbx_starting_model                      ? 
_refine.pdbx_ls_cross_valid_method               THROUGHOUT 
_refine.pdbx_R_Free_selection_details            random 
_refine.pdbx_stereochem_target_val_spec_case     ? 
_refine.pdbx_stereochemistry_target_values       'Engh & Huber' 
_refine.solvent_model_details                    ? 
_refine.solvent_model_param_bsol                 ? 
_refine.solvent_model_param_ksol                 ? 
_refine.occupancy_max                            ? 
_refine.occupancy_min                            ? 
_refine.pdbx_isotropic_thermal_model             ? 
_refine.B_iso_mean                               22.94 
_refine.aniso_B[1][1]                            0 
_refine.aniso_B[1][2]                            0 
_refine.aniso_B[1][3]                            0 
_refine.aniso_B[2][2]                            0 
_refine.aniso_B[2][3]                            0 
_refine.aniso_B[3][3]                            0 
_refine.details                                  ? 
_refine.B_iso_min                                ? 
_refine.B_iso_max                                ? 
_refine.correlation_coeff_Fo_to_Fc               ? 
_refine.correlation_coeff_Fo_to_Fc_free          ? 
_refine.pdbx_solvent_vdw_probe_radii             ? 
_refine.pdbx_solvent_ion_probe_radii             ? 
_refine.pdbx_solvent_shrinkage_radii             ? 
_refine.overall_SU_R_Cruickshank_DPI             ? 
_refine.overall_SU_R_free                        ? 
_refine.overall_SU_B                             ? 
_refine.overall_SU_ML                            ? 
_refine.pdbx_overall_ESU_R                       ? 
_refine.pdbx_overall_ESU_R_Free                  ? 
_refine.pdbx_data_cutoff_high_rms_absF           ? 
_refine.pdbx_refine_id                           'X-RAY DIFFRACTION' 
_refine.pdbx_diffrn_id                           1 
_refine.pdbx_TLS_residual_ADP_flag               ? 
_refine.pdbx_overall_phase_error                 ? 
_refine.pdbx_overall_SU_R_free_Cruickshank_DPI   ? 
_refine.pdbx_overall_SU_R_Blow_DPI               ? 
_refine.pdbx_overall_SU_R_free_Blow_DPI          ? 
# 
_refine_analyze.entry_id                        1IX2 
_refine_analyze.Luzzati_coordinate_error_obs    0.17 
_refine_analyze.Luzzati_sigma_a_obs             0.09 
_refine_analyze.Luzzati_d_res_low_obs           5.00 
_refine_analyze.Luzzati_coordinate_error_free   0.20 
_refine_analyze.Luzzati_sigma_a_free            0.09 
_refine_analyze.Luzzati_d_res_low_free          ? 
_refine_analyze.number_disordered_residues      ? 
_refine_analyze.occupancy_sum_non_hydrogen      ? 
_refine_analyze.occupancy_sum_hydrogen          ? 
_refine_analyze.pdbx_Luzzati_d_res_high_obs     ? 
_refine_analyze.pdbx_refine_id                  'X-RAY DIFFRACTION' 
# 
_refine_hist.pdbx_refine_id                   'X-RAY DIFFRACTION' 
_refine_hist.cycle_id                         LAST 
_refine_hist.pdbx_number_atoms_protein        1530 
_refine_hist.pdbx_number_atoms_nucleic_acid   0 
_refine_hist.pdbx_number_atoms_ligand         0 
_refine_hist.number_atoms_solvent             193 
_refine_hist.number_atoms_total               1723 
_refine_hist.d_res_high                       1.55 
_refine_hist.d_res_low                        30 
# 
loop_
_refine_ls_restr.type 
_refine_ls_restr.dev_ideal 
_refine_ls_restr.dev_ideal_target 
_refine_ls_restr.weight 
_refine_ls_restr.number 
_refine_ls_restr.pdbx_refine_id 
_refine_ls_restr.pdbx_restraint_function 
x_bond_d    0.006 ? ? ? 'X-RAY DIFFRACTION' ? 
x_angle_deg 1.5   ? ? ? 'X-RAY DIFFRACTION' ? 
# 
_refine_ls_shell.pdbx_total_number_of_bins_used   ? 
_refine_ls_shell.d_res_high                       1.55 
_refine_ls_shell.d_res_low                        1.62 
_refine_ls_shell.number_reflns_R_work             ? 
_refine_ls_shell.R_factor_R_work                  0.23 
_refine_ls_shell.percent_reflns_obs               89 
_refine_ls_shell.R_factor_R_free                  0.237 
_refine_ls_shell.R_factor_R_free_error            0.016 
_refine_ls_shell.percent_reflns_R_free            ? 
_refine_ls_shell.number_reflns_R_free             154 
_refine_ls_shell.number_reflns_obs                3307 
_refine_ls_shell.redundancy_reflns_obs            ? 
_refine_ls_shell.number_reflns_all                ? 
_refine_ls_shell.pdbx_refine_id                   'X-RAY DIFFRACTION' 
_refine_ls_shell.R_factor_all                     ? 
# 
_struct.entry_id                  1IX2 
_struct.title                     'Crystal Structure of Selenomethionine PcoC, a Copper Resistance Protein from Escherichia coli' 
_struct.pdbx_model_details        ? 
_struct.pdbx_CASP_flag            ? 
_struct.pdbx_model_type_details   ? 
# 
_struct_keywords.entry_id        1IX2 
_struct_keywords.pdbx_keywords   'METAL BINDING PROTEIN' 
_struct_keywords.text            'BETA BARREL, POLYMETHIONINE CLUSTER, METAL BINDING PROTEIN' 
# 
loop_
_struct_asym.id 
_struct_asym.pdbx_blank_PDB_chainid_flag 
_struct_asym.pdbx_modified 
_struct_asym.entity_id 
_struct_asym.details 
A N N 1 ? 
B N N 1 ? 
C N N 2 ? 
D N N 2 ? 
# 
_struct_ref.id                         1 
_struct_ref.db_name                    UNP 
_struct_ref.db_code                    PCOC_ECOLI 
_struct_ref.entity_id                  1 
_struct_ref.pdbx_seq_one_letter_code   
;AHPELKSSVPQADSAVAAPEKIQLNFSENLTVKFSGAKLTMTGMKGMSSHSPMPVAAKVAPGADPKSMVIIPREPLPAGT
YRVDWRAVSSDTHPITGNYTFTVK
;
_struct_ref.pdbx_align_begin           23 
_struct_ref.pdbx_db_accession          Q47454 
_struct_ref.pdbx_db_isoform            ? 
# 
loop_
_struct_ref_seq.align_id 
_struct_ref_seq.ref_id 
_struct_ref_seq.pdbx_PDB_id_code 
_struct_ref_seq.pdbx_strand_id 
_struct_ref_seq.seq_align_beg 
_struct_ref_seq.pdbx_seq_align_beg_ins_code 
_struct_ref_seq.seq_align_end 
_struct_ref_seq.pdbx_seq_align_end_ins_code 
_struct_ref_seq.pdbx_db_accession 
_struct_ref_seq.db_align_beg 
_struct_ref_seq.pdbx_db_align_beg_ins_code 
_struct_ref_seq.db_align_end 
_struct_ref_seq.pdbx_db_align_end_ins_code 
_struct_ref_seq.pdbx_auth_seq_align_beg 
_struct_ref_seq.pdbx_auth_seq_align_end 
1 1 1IX2 A 1 ? 104 ? Q47454 23 ? 126 ? 1 104 
2 1 1IX2 B 1 ? 104 ? Q47454 23 ? 126 ? 1 104 
# 
loop_
_struct_ref_seq_dif.align_id 
_struct_ref_seq_dif.pdbx_pdb_id_code 
_struct_ref_seq_dif.mon_id 
_struct_ref_seq_dif.pdbx_pdb_strand_id 
_struct_ref_seq_dif.seq_num 
_struct_ref_seq_dif.pdbx_pdb_ins_code 
_struct_ref_seq_dif.pdbx_seq_db_name 
_struct_ref_seq_dif.pdbx_seq_db_accession_code 
_struct_ref_seq_dif.db_mon_id 
_struct_ref_seq_dif.pdbx_seq_db_seq_num 
_struct_ref_seq_dif.details 
_struct_ref_seq_dif.pdbx_auth_seq_num 
_struct_ref_seq_dif.pdbx_ordinal 
1 1IX2 MSE A 41 ? UNP Q47454 MET 63 'modified residue' 41 1  
1 1IX2 MSE A 44 ? UNP Q47454 MET 66 'modified residue' 44 2  
1 1IX2 MSE A 47 ? UNP Q47454 MET 69 'modified residue' 47 3  
1 1IX2 MSE A 53 ? UNP Q47454 MET 75 'modified residue' 53 4  
1 1IX2 MSE A 68 ? UNP Q47454 MET 90 'modified residue' 68 5  
2 1IX2 MSE B 41 ? UNP Q47454 MET 63 'modified residue' 41 6  
2 1IX2 MSE B 44 ? UNP Q47454 MET 66 'modified residue' 44 7  
2 1IX2 MSE B 47 ? UNP Q47454 MET 69 'modified residue' 47 8  
2 1IX2 MSE B 53 ? UNP Q47454 MET 75 'modified residue' 53 9  
2 1IX2 MSE B 68 ? UNP Q47454 MET 90 'modified residue' 68 10 
# 
_pdbx_struct_assembly.id                   1 
_pdbx_struct_assembly.details              author_defined_assembly 
_pdbx_struct_assembly.method_details       ? 
_pdbx_struct_assembly.oligomeric_details   dimeric 
_pdbx_struct_assembly.oligomeric_count     2 
# 
_pdbx_struct_assembly_gen.assembly_id       1 
_pdbx_struct_assembly_gen.oper_expression   1 
_pdbx_struct_assembly_gen.asym_id_list      A,B,C,D 
# 
_pdbx_struct_oper_list.id                   1 
_pdbx_struct_oper_list.type                 'identity operation' 
_pdbx_struct_oper_list.name                 1_555 
_pdbx_struct_oper_list.symmetry_operation   x,y,z 
_pdbx_struct_oper_list.matrix[1][1]         1.0000000000 
_pdbx_struct_oper_list.matrix[1][2]         0.0000000000 
_pdbx_struct_oper_list.matrix[1][3]         0.0000000000 
_pdbx_struct_oper_list.vector[1]            0.0000000000 
_pdbx_struct_oper_list.matrix[2][1]         0.0000000000 
_pdbx_struct_oper_list.matrix[2][2]         1.0000000000 
_pdbx_struct_oper_list.matrix[2][3]         0.0000000000 
_pdbx_struct_oper_list.vector[2]            0.0000000000 
_pdbx_struct_oper_list.matrix[3][1]         0.0000000000 
_pdbx_struct_oper_list.matrix[3][2]         0.0000000000 
_pdbx_struct_oper_list.matrix[3][3]         1.0000000000 
_pdbx_struct_oper_list.vector[3]            0.0000000000 
# 
_struct_biol.id                    1 
_struct_biol.pdbx_parent_biol_id   ? 
_struct_biol.details               ? 
# 
loop_
_struct_conf.conf_type_id 
_struct_conf.id 
_struct_conf.pdbx_PDB_helix_id 
_struct_conf.beg_label_comp_id 
_struct_conf.beg_label_asym_id 
_struct_conf.beg_label_seq_id 
_struct_conf.pdbx_beg_PDB_ins_code 
_struct_conf.end_label_comp_id 
_struct_conf.end_label_asym_id 
_struct_conf.end_label_seq_id 
_struct_conf.pdbx_end_PDB_ins_code 
_struct_conf.beg_auth_comp_id 
_struct_conf.beg_auth_asym_id 
_struct_conf.beg_auth_seq_id 
_struct_conf.end_auth_comp_id 
_struct_conf.end_auth_asym_id 
_struct_conf.end_auth_seq_id 
_struct_conf.pdbx_PDB_helix_class 
_struct_conf.details 
_struct_conf.pdbx_PDB_helix_length 
HELX_P HELX_P1 1 THR A 31 ? SER A 35 ? THR A 31 SER A 35 5 ? 5 
HELX_P HELX_P2 2 THR B 31 ? SER B 35 ? THR B 31 SER B 35 5 ? 5 
# 
_struct_conf_type.id          HELX_P 
_struct_conf_type.criteria    ? 
_struct_conf_type.reference   ? 
# 
loop_
_struct_conn.id 
_struct_conn.conn_type_id 
_struct_conn.pdbx_leaving_atom_flag 
_struct_conn.pdbx_PDB_id 
_struct_conn.ptnr1_label_asym_id 
_struct_conn.ptnr1_label_comp_id 
_struct_conn.ptnr1_label_seq_id 
_struct_conn.ptnr1_label_atom_id 
_struct_conn.pdbx_ptnr1_label_alt_id 
_struct_conn.pdbx_ptnr1_PDB_ins_code 
_struct_conn.pdbx_ptnr1_standard_comp_id 
_struct_conn.ptnr1_symmetry 
_struct_conn.ptnr2_label_asym_id 
_struct_conn.ptnr2_label_comp_id 
_struct_conn.ptnr2_label_seq_id 
_struct_conn.ptnr2_label_atom_id 
_struct_conn.pdbx_ptnr2_label_alt_id 
_struct_conn.pdbx_ptnr2_PDB_ins_code 
_struct_conn.ptnr1_auth_asym_id 
_struct_conn.ptnr1_auth_comp_id 
_struct_conn.ptnr1_auth_seq_id 
_struct_conn.ptnr2_auth_asym_id 
_struct_conn.ptnr2_auth_comp_id 
_struct_conn.ptnr2_auth_seq_id 
_struct_conn.ptnr2_symmetry 
_struct_conn.pdbx_ptnr3_label_atom_id 
_struct_conn.pdbx_ptnr3_label_seq_id 
_struct_conn.pdbx_ptnr3_label_comp_id 
_struct_conn.pdbx_ptnr3_label_asym_id 
_struct_conn.pdbx_ptnr3_label_alt_id 
_struct_conn.pdbx_ptnr3_PDB_ins_code 
_struct_conn.details 
_struct_conn.pdbx_dist_value 
_struct_conn.pdbx_value_order 
_struct_conn.pdbx_role 
covale1  covale both ? A THR 40 C ? ? ? 1_555 A MSE 41 N ? ? A THR 40 A MSE 41 1_555 ? ? ? ? ? ? ? 1.330 ? ? 
covale2  covale both ? A MSE 41 C ? ? ? 1_555 A THR 42 N ? ? A MSE 41 A THR 42 1_555 ? ? ? ? ? ? ? 1.327 ? ? 
covale3  covale both ? A GLY 43 C ? ? ? 1_555 A MSE 44 N ? ? A GLY 43 A MSE 44 1_555 ? ? ? ? ? ? ? 1.330 ? ? 
covale4  covale both ? A MSE 44 C ? ? ? 1_555 A LYS 45 N ? ? A MSE 44 A LYS 45 1_555 ? ? ? ? ? ? ? 1.329 ? ? 
covale5  covale both ? A GLY 46 C ? ? ? 1_555 A MSE 47 N ? ? A GLY 46 A MSE 47 1_555 ? ? ? ? ? ? ? 1.329 ? ? 
covale6  covale both ? A MSE 47 C ? ? ? 1_555 A SER 48 N ? ? A MSE 47 A SER 48 1_555 ? ? ? ? ? ? ? 1.329 ? ? 
covale7  covale both ? A PRO 52 C ? ? ? 1_555 A MSE 53 N ? ? A PRO 52 A MSE 53 1_555 ? ? ? ? ? ? ? 1.332 ? ? 
covale8  covale both ? A MSE 53 C ? ? ? 1_555 A PRO 54 N ? ? A MSE 53 A PRO 54 1_555 ? ? ? ? ? ? ? 1.340 ? ? 
covale9  covale both ? A SER 67 C ? ? ? 1_555 A MSE 68 N ? ? A SER 67 A MSE 68 1_555 ? ? ? ? ? ? ? 1.327 ? ? 
covale10 covale both ? A MSE 68 C ? ? ? 1_555 A VAL 69 N ? ? A MSE 68 A VAL 69 1_555 ? ? ? ? ? ? ? 1.324 ? ? 
covale11 covale both ? B THR 40 C ? ? ? 1_555 B MSE 41 N ? ? B THR 40 B MSE 41 1_555 ? ? ? ? ? ? ? 1.330 ? ? 
covale12 covale both ? B MSE 41 C ? ? ? 1_555 B THR 42 N ? ? B MSE 41 B THR 42 1_555 ? ? ? ? ? ? ? 1.325 ? ? 
covale13 covale both ? B GLY 43 C ? ? ? 1_555 B MSE 44 N ? ? B GLY 43 B MSE 44 1_555 ? ? ? ? ? ? ? 1.329 ? ? 
covale14 covale both ? B MSE 44 C ? ? ? 1_555 B LYS 45 N ? ? B MSE 44 B LYS 45 1_555 ? ? ? ? ? ? ? 1.329 ? ? 
covale15 covale both ? B GLY 46 C ? ? ? 1_555 B MSE 47 N ? ? B GLY 46 B MSE 47 1_555 ? ? ? ? ? ? ? 1.329 ? ? 
covale16 covale both ? B MSE 47 C ? ? ? 1_555 B SER 48 N ? ? B MSE 47 B SER 48 1_555 ? ? ? ? ? ? ? 1.327 ? ? 
covale17 covale both ? B PRO 52 C ? ? ? 1_555 B MSE 53 N ? ? B PRO 52 B MSE 53 1_555 ? ? ? ? ? ? ? 1.334 ? ? 
covale18 covale both ? B MSE 53 C ? ? ? 1_555 B PRO 54 N ? ? B MSE 53 B PRO 54 1_555 ? ? ? ? ? ? ? 1.338 ? ? 
covale19 covale both ? B SER 67 C ? ? ? 1_555 B MSE 68 N ? ? B SER 67 B MSE 68 1_555 ? ? ? ? ? ? ? 1.328 ? ? 
covale20 covale both ? B MSE 68 C ? ? ? 1_555 B VAL 69 N ? ? B MSE 68 B VAL 69 1_555 ? ? ? ? ? ? ? 1.324 ? ? 
# 
_struct_conn_type.id          covale 
_struct_conn_type.criteria    ? 
_struct_conn_type.reference   ? 
# 
loop_
_pdbx_modification_feature.ordinal 
_pdbx_modification_feature.label_comp_id 
_pdbx_modification_feature.label_asym_id 
_pdbx_modification_feature.label_seq_id 
_pdbx_modification_feature.label_alt_id 
_pdbx_modification_feature.modified_residue_label_comp_id 
_pdbx_modification_feature.modified_residue_label_asym_id 
_pdbx_modification_feature.modified_residue_label_seq_id 
_pdbx_modification_feature.modified_residue_label_alt_id 
_pdbx_modification_feature.auth_comp_id 
_pdbx_modification_feature.auth_asym_id 
_pdbx_modification_feature.auth_seq_id 
_pdbx_modification_feature.PDB_ins_code 
_pdbx_modification_feature.symmetry 
_pdbx_modification_feature.modified_residue_auth_comp_id 
_pdbx_modification_feature.modified_residue_auth_asym_id 
_pdbx_modification_feature.modified_residue_auth_seq_id 
_pdbx_modification_feature.modified_residue_PDB_ins_code 
_pdbx_modification_feature.modified_residue_symmetry 
_pdbx_modification_feature.comp_id_linking_atom 
_pdbx_modification_feature.modified_residue_id_linking_atom 
_pdbx_modification_feature.modified_residue_id 
_pdbx_modification_feature.ref_pcm_id 
_pdbx_modification_feature.ref_comp_id 
_pdbx_modification_feature.type 
_pdbx_modification_feature.category 
1  MSE A 41 ? . . . . MSE A 41 ? 1_555 . . . . . . . MET 1 MSE Selenomethionine 'Named protein modification' 
2  MSE A 44 ? . . . . MSE A 44 ? 1_555 . . . . . . . MET 1 MSE Selenomethionine 'Named protein modification' 
3  MSE A 47 ? . . . . MSE A 47 ? 1_555 . . . . . . . MET 1 MSE Selenomethionine 'Named protein modification' 
4  MSE A 53 ? . . . . MSE A 53 ? 1_555 . . . . . . . MET 1 MSE Selenomethionine 'Named protein modification' 
5  MSE A 68 ? . . . . MSE A 68 ? 1_555 . . . . . . . MET 1 MSE Selenomethionine 'Named protein modification' 
6  MSE B 41 ? . . . . MSE B 41 ? 1_555 . . . . . . . MET 1 MSE Selenomethionine 'Named protein modification' 
7  MSE B 44 ? . . . . MSE B 44 ? 1_555 . . . . . . . MET 1 MSE Selenomethionine 'Named protein modification' 
8  MSE B 47 ? . . . . MSE B 47 ? 1_555 . . . . . . . MET 1 MSE Selenomethionine 'Named protein modification' 
9  MSE B 53 ? . . . . MSE B 53 ? 1_555 . . . . . . . MET 1 MSE Selenomethionine 'Named protein modification' 
10 MSE B 68 ? . . . . MSE B 68 ? 1_555 . . . . . . . MET 1 MSE Selenomethionine 'Named protein modification' 
# 
loop_
_struct_mon_prot_cis.pdbx_id 
_struct_mon_prot_cis.label_comp_id 
_struct_mon_prot_cis.label_seq_id 
_struct_mon_prot_cis.label_asym_id 
_struct_mon_prot_cis.label_alt_id 
_struct_mon_prot_cis.pdbx_PDB_ins_code 
_struct_mon_prot_cis.auth_comp_id 
_struct_mon_prot_cis.auth_seq_id 
_struct_mon_prot_cis.auth_asym_id 
_struct_mon_prot_cis.pdbx_label_comp_id_2 
_struct_mon_prot_cis.pdbx_label_seq_id_2 
_struct_mon_prot_cis.pdbx_label_asym_id_2 
_struct_mon_prot_cis.pdbx_PDB_ins_code_2 
_struct_mon_prot_cis.pdbx_auth_comp_id_2 
_struct_mon_prot_cis.pdbx_auth_seq_id_2 
_struct_mon_prot_cis.pdbx_auth_asym_id_2 
_struct_mon_prot_cis.pdbx_PDB_model_num 
_struct_mon_prot_cis.pdbx_omega_angle 
1 VAL 9 A . ? VAL 9 A PRO 10 A ? PRO 10 A 1 0.07 
2 VAL 9 B . ? VAL 9 B PRO 10 B ? PRO 10 B 1 0.09 
# 
loop_
_struct_sheet.id 
_struct_sheet.type 
_struct_sheet.number_strands 
_struct_sheet.details 
A ? 4 ? 
B ? 5 ? 
C ? 4 ? 
D ? 5 ? 
# 
loop_
_struct_sheet_order.sheet_id 
_struct_sheet_order.range_id_1 
_struct_sheet_order.range_id_2 
_struct_sheet_order.offset 
_struct_sheet_order.sense 
A 1 2 ? anti-parallel 
A 2 3 ? anti-parallel 
A 3 4 ? anti-parallel 
B 1 2 ? parallel      
B 2 3 ? anti-parallel 
B 3 4 ? anti-parallel 
B 4 5 ? anti-parallel 
C 1 2 ? anti-parallel 
C 2 3 ? anti-parallel 
C 3 4 ? anti-parallel 
D 1 2 ? parallel      
D 2 3 ? anti-parallel 
D 3 4 ? anti-parallel 
D 4 5 ? anti-parallel 
# 
loop_
_struct_sheet_range.sheet_id 
_struct_sheet_range.id 
_struct_sheet_range.beg_label_comp_id 
_struct_sheet_range.beg_label_asym_id 
_struct_sheet_range.beg_label_seq_id 
_struct_sheet_range.pdbx_beg_PDB_ins_code 
_struct_sheet_range.end_label_comp_id 
_struct_sheet_range.end_label_asym_id 
_struct_sheet_range.end_label_seq_id 
_struct_sheet_range.pdbx_end_PDB_ins_code 
_struct_sheet_range.beg_auth_comp_id 
_struct_sheet_range.beg_auth_asym_id 
_struct_sheet_range.beg_auth_seq_id 
_struct_sheet_range.end_auth_comp_id 
_struct_sheet_range.end_auth_asym_id 
_struct_sheet_range.end_auth_seq_id 
A 1 LEU A 5  ? VAL A 9   ? LEU A 5  VAL A 9   
A 2 ILE A 22 ? PHE A 26  ? ILE A 22 PHE A 26  
A 3 SER A 67 ? PRO A 72  ? SER A 67 PRO A 72  
A 4 ALA A 57 ? PRO A 61  ? ALA A 57 PRO A 61  
B 1 ALA A 15 ? VAL A 16  ? ALA A 15 VAL A 16  
B 2 ILE A 95 ? VAL A 103 ? ILE A 95 VAL A 103 
B 3 GLY A 79 ? ALA A 87  ? GLY A 79 ALA A 87  
B 4 GLY A 36 ? GLY A 43  ? GLY A 36 GLY A 43  
B 5 MSE A 53 ? VAL A 55  ? MSE A 53 VAL A 55  
C 1 LEU B 5  ? VAL B 9   ? LEU B 5  VAL B 9   
C 2 ILE B 22 ? PHE B 26  ? ILE B 22 PHE B 26  
C 3 SER B 67 ? PRO B 72  ? SER B 67 PRO B 72  
C 4 ALA B 57 ? PRO B 61  ? ALA B 57 PRO B 61  
D 1 ALA B 15 ? VAL B 16  ? ALA B 15 VAL B 16  
D 2 ILE B 95 ? VAL B 103 ? ILE B 95 VAL B 103 
D 3 GLY B 79 ? ALA B 87  ? GLY B 79 ALA B 87  
D 4 GLY B 36 ? GLY B 43  ? GLY B 36 GLY B 43  
D 5 MSE B 53 ? VAL B 55  ? MSE B 53 VAL B 55  
# 
loop_
_pdbx_struct_sheet_hbond.sheet_id 
_pdbx_struct_sheet_hbond.range_id_1 
_pdbx_struct_sheet_hbond.range_id_2 
_pdbx_struct_sheet_hbond.range_1_label_atom_id 
_pdbx_struct_sheet_hbond.range_1_label_comp_id 
_pdbx_struct_sheet_hbond.range_1_label_asym_id 
_pdbx_struct_sheet_hbond.range_1_label_seq_id 
_pdbx_struct_sheet_hbond.range_1_PDB_ins_code 
_pdbx_struct_sheet_hbond.range_1_auth_atom_id 
_pdbx_struct_sheet_hbond.range_1_auth_comp_id 
_pdbx_struct_sheet_hbond.range_1_auth_asym_id 
_pdbx_struct_sheet_hbond.range_1_auth_seq_id 
_pdbx_struct_sheet_hbond.range_2_label_atom_id 
_pdbx_struct_sheet_hbond.range_2_label_comp_id 
_pdbx_struct_sheet_hbond.range_2_label_asym_id 
_pdbx_struct_sheet_hbond.range_2_label_seq_id 
_pdbx_struct_sheet_hbond.range_2_PDB_ins_code 
_pdbx_struct_sheet_hbond.range_2_auth_atom_id 
_pdbx_struct_sheet_hbond.range_2_auth_comp_id 
_pdbx_struct_sheet_hbond.range_2_auth_asym_id 
_pdbx_struct_sheet_hbond.range_2_auth_seq_id 
A 1 2 N SER A 7  ? N SER A 7  O ASN A 25  ? O ASN A 25  
A 2 3 N ILE A 22 ? N ILE A 22 O ILE A 70  ? O ILE A 70  
A 3 4 O ILE A 71 ? O ILE A 71 N LYS A 58  ? N LYS A 58  
B 1 2 N VAL A 16 ? N VAL A 16 O THR A 102 ? O THR A 102 
B 2 3 O ILE A 95 ? O ILE A 95 N ALA A 87  ? N ALA A 87  
B 3 4 O ARG A 86 ? O ARG A 86 N GLY A 36  ? N GLY A 36  
B 4 5 N MSE A 41 ? N MSE A 41 O MSE A 53  ? O MSE A 53  
C 1 2 N VAL B 9  ? N VAL B 9  O GLN B 23  ? O GLN B 23  
C 2 3 N ILE B 22 ? N ILE B 22 O ILE B 70  ? O ILE B 70  
C 3 4 O ILE B 71 ? O ILE B 71 N LYS B 58  ? N LYS B 58  
D 1 2 N VAL B 16 ? N VAL B 16 O THR B 102 ? O THR B 102 
D 2 3 O ILE B 95 ? O ILE B 95 N ALA B 87  ? N ALA B 87  
D 3 4 O ARG B 82 ? O ARG B 82 N THR B 40  ? N THR B 40  
D 4 5 N MSE B 41 ? N MSE B 41 O MSE B 53  ? O MSE B 53  
# 
_pdbx_entry_details.entry_id                   1IX2 
_pdbx_entry_details.compound_details           ? 
_pdbx_entry_details.source_details             ? 
_pdbx_entry_details.nonpolymer_details         ? 
_pdbx_entry_details.sequence_details           ? 
_pdbx_entry_details.has_ligand_of_interest     ? 
_pdbx_entry_details.has_protein_modification   Y 
# 
loop_
_pdbx_struct_mod_residue.id 
_pdbx_struct_mod_residue.label_asym_id 
_pdbx_struct_mod_residue.label_comp_id 
_pdbx_struct_mod_residue.label_seq_id 
_pdbx_struct_mod_residue.auth_asym_id 
_pdbx_struct_mod_residue.auth_comp_id 
_pdbx_struct_mod_residue.auth_seq_id 
_pdbx_struct_mod_residue.PDB_ins_code 
_pdbx_struct_mod_residue.parent_comp_id 
_pdbx_struct_mod_residue.details 
1  A MSE 41 A MSE 41 ? MET SELENOMETHIONINE 
2  A MSE 44 A MSE 44 ? MET SELENOMETHIONINE 
3  A MSE 47 A MSE 47 ? MET SELENOMETHIONINE 
4  A MSE 53 A MSE 53 ? MET SELENOMETHIONINE 
5  A MSE 68 A MSE 68 ? MET SELENOMETHIONINE 
6  B MSE 41 B MSE 41 ? MET SELENOMETHIONINE 
7  B MSE 44 B MSE 44 ? MET SELENOMETHIONINE 
8  B MSE 47 B MSE 47 ? MET SELENOMETHIONINE 
9  B MSE 53 B MSE 53 ? MET SELENOMETHIONINE 
10 B MSE 68 B MSE 68 ? MET SELENOMETHIONINE 
# 
loop_
_pdbx_unobs_or_zero_occ_residues.id 
_pdbx_unobs_or_zero_occ_residues.PDB_model_num 
_pdbx_unobs_or_zero_occ_residues.polymer_flag 
_pdbx_unobs_or_zero_occ_residues.occupancy_flag 
_pdbx_unobs_or_zero_occ_residues.auth_asym_id 
_pdbx_unobs_or_zero_occ_residues.auth_comp_id 
_pdbx_unobs_or_zero_occ_residues.auth_seq_id 
_pdbx_unobs_or_zero_occ_residues.PDB_ins_code 
_pdbx_unobs_or_zero_occ_residues.label_asym_id 
_pdbx_unobs_or_zero_occ_residues.label_comp_id 
_pdbx_unobs_or_zero_occ_residues.label_seq_id 
1 1 Y 1 A ALA 1 ? A ALA 1 
2 1 Y 1 A HIS 2 ? A HIS 2 
3 1 Y 1 B ALA 1 ? B ALA 1 
# 
loop_
_chem_comp_atom.comp_id 
_chem_comp_atom.atom_id 
_chem_comp_atom.type_symbol 
_chem_comp_atom.pdbx_aromatic_flag 
_chem_comp_atom.pdbx_stereo_config 
_chem_comp_atom.pdbx_ordinal 
ALA N    N  N N 1   
ALA CA   C  N S 2   
ALA C    C  N N 3   
ALA O    O  N N 4   
ALA CB   C  N N 5   
ALA OXT  O  N N 6   
ALA H    H  N N 7   
ALA H2   H  N N 8   
ALA HA   H  N N 9   
ALA HB1  H  N N 10  
ALA HB2  H  N N 11  
ALA HB3  H  N N 12  
ALA HXT  H  N N 13  
ARG N    N  N N 14  
ARG CA   C  N S 15  
ARG C    C  N N 16  
ARG O    O  N N 17  
ARG CB   C  N N 18  
ARG CG   C  N N 19  
ARG CD   C  N N 20  
ARG NE   N  N N 21  
ARG CZ   C  N N 22  
ARG NH1  N  N N 23  
ARG NH2  N  N N 24  
ARG OXT  O  N N 25  
ARG H    H  N N 26  
ARG H2   H  N N 27  
ARG HA   H  N N 28  
ARG HB2  H  N N 29  
ARG HB3  H  N N 30  
ARG HG2  H  N N 31  
ARG HG3  H  N N 32  
ARG HD2  H  N N 33  
ARG HD3  H  N N 34  
ARG HE   H  N N 35  
ARG HH11 H  N N 36  
ARG HH12 H  N N 37  
ARG HH21 H  N N 38  
ARG HH22 H  N N 39  
ARG HXT  H  N N 40  
ASN N    N  N N 41  
ASN CA   C  N S 42  
ASN C    C  N N 43  
ASN O    O  N N 44  
ASN CB   C  N N 45  
ASN CG   C  N N 46  
ASN OD1  O  N N 47  
ASN ND2  N  N N 48  
ASN OXT  O  N N 49  
ASN H    H  N N 50  
ASN H2   H  N N 51  
ASN HA   H  N N 52  
ASN HB2  H  N N 53  
ASN HB3  H  N N 54  
ASN HD21 H  N N 55  
ASN HD22 H  N N 56  
ASN HXT  H  N N 57  
ASP N    N  N N 58  
ASP CA   C  N S 59  
ASP C    C  N N 60  
ASP O    O  N N 61  
ASP CB   C  N N 62  
ASP CG   C  N N 63  
ASP OD1  O  N N 64  
ASP OD2  O  N N 65  
ASP OXT  O  N N 66  
ASP H    H  N N 67  
ASP H2   H  N N 68  
ASP HA   H  N N 69  
ASP HB2  H  N N 70  
ASP HB3  H  N N 71  
ASP HD2  H  N N 72  
ASP HXT  H  N N 73  
GLN N    N  N N 74  
GLN CA   C  N S 75  
GLN C    C  N N 76  
GLN O    O  N N 77  
GLN CB   C  N N 78  
GLN CG   C  N N 79  
GLN CD   C  N N 80  
GLN OE1  O  N N 81  
GLN NE2  N  N N 82  
GLN OXT  O  N N 83  
GLN H    H  N N 84  
GLN H2   H  N N 85  
GLN HA   H  N N 86  
GLN HB2  H  N N 87  
GLN HB3  H  N N 88  
GLN HG2  H  N N 89  
GLN HG3  H  N N 90  
GLN HE21 H  N N 91  
GLN HE22 H  N N 92  
GLN HXT  H  N N 93  
GLU N    N  N N 94  
GLU CA   C  N S 95  
GLU C    C  N N 96  
GLU O    O  N N 97  
GLU CB   C  N N 98  
GLU CG   C  N N 99  
GLU CD   C  N N 100 
GLU OE1  O  N N 101 
GLU OE2  O  N N 102 
GLU OXT  O  N N 103 
GLU H    H  N N 104 
GLU H2   H  N N 105 
GLU HA   H  N N 106 
GLU HB2  H  N N 107 
GLU HB3  H  N N 108 
GLU HG2  H  N N 109 
GLU HG3  H  N N 110 
GLU HE2  H  N N 111 
GLU HXT  H  N N 112 
GLY N    N  N N 113 
GLY CA   C  N N 114 
GLY C    C  N N 115 
GLY O    O  N N 116 
GLY OXT  O  N N 117 
GLY H    H  N N 118 
GLY H2   H  N N 119 
GLY HA2  H  N N 120 
GLY HA3  H  N N 121 
GLY HXT  H  N N 122 
HIS N    N  N N 123 
HIS CA   C  N S 124 
HIS C    C  N N 125 
HIS O    O  N N 126 
HIS CB   C  N N 127 
HIS CG   C  Y N 128 
HIS ND1  N  Y N 129 
HIS CD2  C  Y N 130 
HIS CE1  C  Y N 131 
HIS NE2  N  Y N 132 
HIS OXT  O  N N 133 
HIS H    H  N N 134 
HIS H2   H  N N 135 
HIS HA   H  N N 136 
HIS HB2  H  N N 137 
HIS HB3  H  N N 138 
HIS HD1  H  N N 139 
HIS HD2  H  N N 140 
HIS HE1  H  N N 141 
HIS HE2  H  N N 142 
HIS HXT  H  N N 143 
HOH O    O  N N 144 
HOH H1   H  N N 145 
HOH H2   H  N N 146 
ILE N    N  N N 147 
ILE CA   C  N S 148 
ILE C    C  N N 149 
ILE O    O  N N 150 
ILE CB   C  N S 151 
ILE CG1  C  N N 152 
ILE CG2  C  N N 153 
ILE CD1  C  N N 154 
ILE OXT  O  N N 155 
ILE H    H  N N 156 
ILE H2   H  N N 157 
ILE HA   H  N N 158 
ILE HB   H  N N 159 
ILE HG12 H  N N 160 
ILE HG13 H  N N 161 
ILE HG21 H  N N 162 
ILE HG22 H  N N 163 
ILE HG23 H  N N 164 
ILE HD11 H  N N 165 
ILE HD12 H  N N 166 
ILE HD13 H  N N 167 
ILE HXT  H  N N 168 
LEU N    N  N N 169 
LEU CA   C  N S 170 
LEU C    C  N N 171 
LEU O    O  N N 172 
LEU CB   C  N N 173 
LEU CG   C  N N 174 
LEU CD1  C  N N 175 
LEU CD2  C  N N 176 
LEU OXT  O  N N 177 
LEU H    H  N N 178 
LEU H2   H  N N 179 
LEU HA   H  N N 180 
LEU HB2  H  N N 181 
LEU HB3  H  N N 182 
LEU HG   H  N N 183 
LEU HD11 H  N N 184 
LEU HD12 H  N N 185 
LEU HD13 H  N N 186 
LEU HD21 H  N N 187 
LEU HD22 H  N N 188 
LEU HD23 H  N N 189 
LEU HXT  H  N N 190 
LYS N    N  N N 191 
LYS CA   C  N S 192 
LYS C    C  N N 193 
LYS O    O  N N 194 
LYS CB   C  N N 195 
LYS CG   C  N N 196 
LYS CD   C  N N 197 
LYS CE   C  N N 198 
LYS NZ   N  N N 199 
LYS OXT  O  N N 200 
LYS H    H  N N 201 
LYS H2   H  N N 202 
LYS HA   H  N N 203 
LYS HB2  H  N N 204 
LYS HB3  H  N N 205 
LYS HG2  H  N N 206 
LYS HG3  H  N N 207 
LYS HD2  H  N N 208 
LYS HD3  H  N N 209 
LYS HE2  H  N N 210 
LYS HE3  H  N N 211 
LYS HZ1  H  N N 212 
LYS HZ2  H  N N 213 
LYS HZ3  H  N N 214 
LYS HXT  H  N N 215 
MET N    N  N N 216 
MET CA   C  N S 217 
MET C    C  N N 218 
MET O    O  N N 219 
MET CB   C  N N 220 
MET CG   C  N N 221 
MET SD   S  N N 222 
MET CE   C  N N 223 
MET OXT  O  N N 224 
MET H    H  N N 225 
MET H2   H  N N 226 
MET HA   H  N N 227 
MET HB2  H  N N 228 
MET HB3  H  N N 229 
MET HG2  H  N N 230 
MET HG3  H  N N 231 
MET HE1  H  N N 232 
MET HE2  H  N N 233 
MET HE3  H  N N 234 
MET HXT  H  N N 235 
MSE N    N  N N 236 
MSE CA   C  N S 237 
MSE C    C  N N 238 
MSE O    O  N N 239 
MSE OXT  O  N N 240 
MSE CB   C  N N 241 
MSE CG   C  N N 242 
MSE SE   SE N N 243 
MSE CE   C  N N 244 
MSE H    H  N N 245 
MSE H2   H  N N 246 
MSE HA   H  N N 247 
MSE HXT  H  N N 248 
MSE HB2  H  N N 249 
MSE HB3  H  N N 250 
MSE HG2  H  N N 251 
MSE HG3  H  N N 252 
MSE HE1  H  N N 253 
MSE HE2  H  N N 254 
MSE HE3  H  N N 255 
PHE N    N  N N 256 
PHE CA   C  N S 257 
PHE C    C  N N 258 
PHE O    O  N N 259 
PHE CB   C  N N 260 
PHE CG   C  Y N 261 
PHE CD1  C  Y N 262 
PHE CD2  C  Y N 263 
PHE CE1  C  Y N 264 
PHE CE2  C  Y N 265 
PHE CZ   C  Y N 266 
PHE OXT  O  N N 267 
PHE H    H  N N 268 
PHE H2   H  N N 269 
PHE HA   H  N N 270 
PHE HB2  H  N N 271 
PHE HB3  H  N N 272 
PHE HD1  H  N N 273 
PHE HD2  H  N N 274 
PHE HE1  H  N N 275 
PHE HE2  H  N N 276 
PHE HZ   H  N N 277 
PHE HXT  H  N N 278 
PRO N    N  N N 279 
PRO CA   C  N S 280 
PRO C    C  N N 281 
PRO O    O  N N 282 
PRO CB   C  N N 283 
PRO CG   C  N N 284 
PRO CD   C  N N 285 
PRO OXT  O  N N 286 
PRO H    H  N N 287 
PRO HA   H  N N 288 
PRO HB2  H  N N 289 
PRO HB3  H  N N 290 
PRO HG2  H  N N 291 
PRO HG3  H  N N 292 
PRO HD2  H  N N 293 
PRO HD3  H  N N 294 
PRO HXT  H  N N 295 
SER N    N  N N 296 
SER CA   C  N S 297 
SER C    C  N N 298 
SER O    O  N N 299 
SER CB   C  N N 300 
SER OG   O  N N 301 
SER OXT  O  N N 302 
SER H    H  N N 303 
SER H2   H  N N 304 
SER HA   H  N N 305 
SER HB2  H  N N 306 
SER HB3  H  N N 307 
SER HG   H  N N 308 
SER HXT  H  N N 309 
THR N    N  N N 310 
THR CA   C  N S 311 
THR C    C  N N 312 
THR O    O  N N 313 
THR CB   C  N R 314 
THR OG1  O  N N 315 
THR CG2  C  N N 316 
THR OXT  O  N N 317 
THR H    H  N N 318 
THR H2   H  N N 319 
THR HA   H  N N 320 
THR HB   H  N N 321 
THR HG1  H  N N 322 
THR HG21 H  N N 323 
THR HG22 H  N N 324 
THR HG23 H  N N 325 
THR HXT  H  N N 326 
TRP N    N  N N 327 
TRP CA   C  N S 328 
TRP C    C  N N 329 
TRP O    O  N N 330 
TRP CB   C  N N 331 
TRP CG   C  Y N 332 
TRP CD1  C  Y N 333 
TRP CD2  C  Y N 334 
TRP NE1  N  Y N 335 
TRP CE2  C  Y N 336 
TRP CE3  C  Y N 337 
TRP CZ2  C  Y N 338 
TRP CZ3  C  Y N 339 
TRP CH2  C  Y N 340 
TRP OXT  O  N N 341 
TRP H    H  N N 342 
TRP H2   H  N N 343 
TRP HA   H  N N 344 
TRP HB2  H  N N 345 
TRP HB3  H  N N 346 
TRP HD1  H  N N 347 
TRP HE1  H  N N 348 
TRP HE3  H  N N 349 
TRP HZ2  H  N N 350 
TRP HZ3  H  N N 351 
TRP HH2  H  N N 352 
TRP HXT  H  N N 353 
TYR N    N  N N 354 
TYR CA   C  N S 355 
TYR C    C  N N 356 
TYR O    O  N N 357 
TYR CB   C  N N 358 
TYR CG   C  Y N 359 
TYR CD1  C  Y N 360 
TYR CD2  C  Y N 361 
TYR CE1  C  Y N 362 
TYR CE2  C  Y N 363 
TYR CZ   C  Y N 364 
TYR OH   O  N N 365 
TYR OXT  O  N N 366 
TYR H    H  N N 367 
TYR H2   H  N N 368 
TYR HA   H  N N 369 
TYR HB2  H  N N 370 
TYR HB3  H  N N 371 
TYR HD1  H  N N 372 
TYR HD2  H  N N 373 
TYR HE1  H  N N 374 
TYR HE2  H  N N 375 
TYR HH   H  N N 376 
TYR HXT  H  N N 377 
VAL N    N  N N 378 
VAL CA   C  N S 379 
VAL C    C  N N 380 
VAL O    O  N N 381 
VAL CB   C  N N 382 
VAL CG1  C  N N 383 
VAL CG2  C  N N 384 
VAL OXT  O  N N 385 
VAL H    H  N N 386 
VAL H2   H  N N 387 
VAL HA   H  N N 388 
VAL HB   H  N N 389 
VAL HG11 H  N N 390 
VAL HG12 H  N N 391 
VAL HG13 H  N N 392 
VAL HG21 H  N N 393 
VAL HG22 H  N N 394 
VAL HG23 H  N N 395 
VAL HXT  H  N N 396 
# 
loop_
_chem_comp_bond.comp_id 
_chem_comp_bond.atom_id_1 
_chem_comp_bond.atom_id_2 
_chem_comp_bond.value_order 
_chem_comp_bond.pdbx_aromatic_flag 
_chem_comp_bond.pdbx_stereo_config 
_chem_comp_bond.pdbx_ordinal 
ALA N   CA   sing N N 1   
ALA N   H    sing N N 2   
ALA N   H2   sing N N 3   
ALA CA  C    sing N N 4   
ALA CA  CB   sing N N 5   
ALA CA  HA   sing N N 6   
ALA C   O    doub N N 7   
ALA C   OXT  sing N N 8   
ALA CB  HB1  sing N N 9   
ALA CB  HB2  sing N N 10  
ALA CB  HB3  sing N N 11  
ALA OXT HXT  sing N N 12  
ARG N   CA   sing N N 13  
ARG N   H    sing N N 14  
ARG N   H2   sing N N 15  
ARG CA  C    sing N N 16  
ARG CA  CB   sing N N 17  
ARG CA  HA   sing N N 18  
ARG C   O    doub N N 19  
ARG C   OXT  sing N N 20  
ARG CB  CG   sing N N 21  
ARG CB  HB2  sing N N 22  
ARG CB  HB3  sing N N 23  
ARG CG  CD   sing N N 24  
ARG CG  HG2  sing N N 25  
ARG CG  HG3  sing N N 26  
ARG CD  NE   sing N N 27  
ARG CD  HD2  sing N N 28  
ARG CD  HD3  sing N N 29  
ARG NE  CZ   sing N N 30  
ARG NE  HE   sing N N 31  
ARG CZ  NH1  sing N N 32  
ARG CZ  NH2  doub N N 33  
ARG NH1 HH11 sing N N 34  
ARG NH1 HH12 sing N N 35  
ARG NH2 HH21 sing N N 36  
ARG NH2 HH22 sing N N 37  
ARG OXT HXT  sing N N 38  
ASN N   CA   sing N N 39  
ASN N   H    sing N N 40  
ASN N   H2   sing N N 41  
ASN CA  C    sing N N 42  
ASN CA  CB   sing N N 43  
ASN CA  HA   sing N N 44  
ASN C   O    doub N N 45  
ASN C   OXT  sing N N 46  
ASN CB  CG   sing N N 47  
ASN CB  HB2  sing N N 48  
ASN CB  HB3  sing N N 49  
ASN CG  OD1  doub N N 50  
ASN CG  ND2  sing N N 51  
ASN ND2 HD21 sing N N 52  
ASN ND2 HD22 sing N N 53  
ASN OXT HXT  sing N N 54  
ASP N   CA   sing N N 55  
ASP N   H    sing N N 56  
ASP N   H2   sing N N 57  
ASP CA  C    sing N N 58  
ASP CA  CB   sing N N 59  
ASP CA  HA   sing N N 60  
ASP C   O    doub N N 61  
ASP C   OXT  sing N N 62  
ASP CB  CG   sing N N 63  
ASP CB  HB2  sing N N 64  
ASP CB  HB3  sing N N 65  
ASP CG  OD1  doub N N 66  
ASP CG  OD2  sing N N 67  
ASP OD2 HD2  sing N N 68  
ASP OXT HXT  sing N N 69  
GLN N   CA   sing N N 70  
GLN N   H    sing N N 71  
GLN N   H2   sing N N 72  
GLN CA  C    sing N N 73  
GLN CA  CB   sing N N 74  
GLN CA  HA   sing N N 75  
GLN C   O    doub N N 76  
GLN C   OXT  sing N N 77  
GLN CB  CG   sing N N 78  
GLN CB  HB2  sing N N 79  
GLN CB  HB3  sing N N 80  
GLN CG  CD   sing N N 81  
GLN CG  HG2  sing N N 82  
GLN CG  HG3  sing N N 83  
GLN CD  OE1  doub N N 84  
GLN CD  NE2  sing N N 85  
GLN NE2 HE21 sing N N 86  
GLN NE2 HE22 sing N N 87  
GLN OXT HXT  sing N N 88  
GLU N   CA   sing N N 89  
GLU N   H    sing N N 90  
GLU N   H2   sing N N 91  
GLU CA  C    sing N N 92  
GLU CA  CB   sing N N 93  
GLU CA  HA   sing N N 94  
GLU C   O    doub N N 95  
GLU C   OXT  sing N N 96  
GLU CB  CG   sing N N 97  
GLU CB  HB2  sing N N 98  
GLU CB  HB3  sing N N 99  
GLU CG  CD   sing N N 100 
GLU CG  HG2  sing N N 101 
GLU CG  HG3  sing N N 102 
GLU CD  OE1  doub N N 103 
GLU CD  OE2  sing N N 104 
GLU OE2 HE2  sing N N 105 
GLU OXT HXT  sing N N 106 
GLY N   CA   sing N N 107 
GLY N   H    sing N N 108 
GLY N   H2   sing N N 109 
GLY CA  C    sing N N 110 
GLY CA  HA2  sing N N 111 
GLY CA  HA3  sing N N 112 
GLY C   O    doub N N 113 
GLY C   OXT  sing N N 114 
GLY OXT HXT  sing N N 115 
HIS N   CA   sing N N 116 
HIS N   H    sing N N 117 
HIS N   H2   sing N N 118 
HIS CA  C    sing N N 119 
HIS CA  CB   sing N N 120 
HIS CA  HA   sing N N 121 
HIS C   O    doub N N 122 
HIS C   OXT  sing N N 123 
HIS CB  CG   sing N N 124 
HIS CB  HB2  sing N N 125 
HIS CB  HB3  sing N N 126 
HIS CG  ND1  sing Y N 127 
HIS CG  CD2  doub Y N 128 
HIS ND1 CE1  doub Y N 129 
HIS ND1 HD1  sing N N 130 
HIS CD2 NE2  sing Y N 131 
HIS CD2 HD2  sing N N 132 
HIS CE1 NE2  sing Y N 133 
HIS CE1 HE1  sing N N 134 
HIS NE2 HE2  sing N N 135 
HIS OXT HXT  sing N N 136 
HOH O   H1   sing N N 137 
HOH O   H2   sing N N 138 
ILE N   CA   sing N N 139 
ILE N   H    sing N N 140 
ILE N   H2   sing N N 141 
ILE CA  C    sing N N 142 
ILE CA  CB   sing N N 143 
ILE CA  HA   sing N N 144 
ILE C   O    doub N N 145 
ILE C   OXT  sing N N 146 
ILE CB  CG1  sing N N 147 
ILE CB  CG2  sing N N 148 
ILE CB  HB   sing N N 149 
ILE CG1 CD1  sing N N 150 
ILE CG1 HG12 sing N N 151 
ILE CG1 HG13 sing N N 152 
ILE CG2 HG21 sing N N 153 
ILE CG2 HG22 sing N N 154 
ILE CG2 HG23 sing N N 155 
ILE CD1 HD11 sing N N 156 
ILE CD1 HD12 sing N N 157 
ILE CD1 HD13 sing N N 158 
ILE OXT HXT  sing N N 159 
LEU N   CA   sing N N 160 
LEU N   H    sing N N 161 
LEU N   H2   sing N N 162 
LEU CA  C    sing N N 163 
LEU CA  CB   sing N N 164 
LEU CA  HA   sing N N 165 
LEU C   O    doub N N 166 
LEU C   OXT  sing N N 167 
LEU CB  CG   sing N N 168 
LEU CB  HB2  sing N N 169 
LEU CB  HB3  sing N N 170 
LEU CG  CD1  sing N N 171 
LEU CG  CD2  sing N N 172 
LEU CG  HG   sing N N 173 
LEU CD1 HD11 sing N N 174 
LEU CD1 HD12 sing N N 175 
LEU CD1 HD13 sing N N 176 
LEU CD2 HD21 sing N N 177 
LEU CD2 HD22 sing N N 178 
LEU CD2 HD23 sing N N 179 
LEU OXT HXT  sing N N 180 
LYS N   CA   sing N N 181 
LYS N   H    sing N N 182 
LYS N   H2   sing N N 183 
LYS CA  C    sing N N 184 
LYS CA  CB   sing N N 185 
LYS CA  HA   sing N N 186 
LYS C   O    doub N N 187 
LYS C   OXT  sing N N 188 
LYS CB  CG   sing N N 189 
LYS CB  HB2  sing N N 190 
LYS CB  HB3  sing N N 191 
LYS CG  CD   sing N N 192 
LYS CG  HG2  sing N N 193 
LYS CG  HG3  sing N N 194 
LYS CD  CE   sing N N 195 
LYS CD  HD2  sing N N 196 
LYS CD  HD3  sing N N 197 
LYS CE  NZ   sing N N 198 
LYS CE  HE2  sing N N 199 
LYS CE  HE3  sing N N 200 
LYS NZ  HZ1  sing N N 201 
LYS NZ  HZ2  sing N N 202 
LYS NZ  HZ3  sing N N 203 
LYS OXT HXT  sing N N 204 
MET N   CA   sing N N 205 
MET N   H    sing N N 206 
MET N   H2   sing N N 207 
MET CA  C    sing N N 208 
MET CA  CB   sing N N 209 
MET CA  HA   sing N N 210 
MET C   O    doub N N 211 
MET C   OXT  sing N N 212 
MET CB  CG   sing N N 213 
MET CB  HB2  sing N N 214 
MET CB  HB3  sing N N 215 
MET CG  SD   sing N N 216 
MET CG  HG2  sing N N 217 
MET CG  HG3  sing N N 218 
MET SD  CE   sing N N 219 
MET CE  HE1  sing N N 220 
MET CE  HE2  sing N N 221 
MET CE  HE3  sing N N 222 
MET OXT HXT  sing N N 223 
MSE N   CA   sing N N 224 
MSE N   H    sing N N 225 
MSE N   H2   sing N N 226 
MSE CA  C    sing N N 227 
MSE CA  CB   sing N N 228 
MSE CA  HA   sing N N 229 
MSE C   O    doub N N 230 
MSE C   OXT  sing N N 231 
MSE OXT HXT  sing N N 232 
MSE CB  CG   sing N N 233 
MSE CB  HB2  sing N N 234 
MSE CB  HB3  sing N N 235 
MSE CG  SE   sing N N 236 
MSE CG  HG2  sing N N 237 
MSE CG  HG3  sing N N 238 
MSE SE  CE   sing N N 239 
MSE CE  HE1  sing N N 240 
MSE CE  HE2  sing N N 241 
MSE CE  HE3  sing N N 242 
PHE N   CA   sing N N 243 
PHE N   H    sing N N 244 
PHE N   H2   sing N N 245 
PHE CA  C    sing N N 246 
PHE CA  CB   sing N N 247 
PHE CA  HA   sing N N 248 
PHE C   O    doub N N 249 
PHE C   OXT  sing N N 250 
PHE CB  CG   sing N N 251 
PHE CB  HB2  sing N N 252 
PHE CB  HB3  sing N N 253 
PHE CG  CD1  doub Y N 254 
PHE CG  CD2  sing Y N 255 
PHE CD1 CE1  sing Y N 256 
PHE CD1 HD1  sing N N 257 
PHE CD2 CE2  doub Y N 258 
PHE CD2 HD2  sing N N 259 
PHE CE1 CZ   doub Y N 260 
PHE CE1 HE1  sing N N 261 
PHE CE2 CZ   sing Y N 262 
PHE CE2 HE2  sing N N 263 
PHE CZ  HZ   sing N N 264 
PHE OXT HXT  sing N N 265 
PRO N   CA   sing N N 266 
PRO N   CD   sing N N 267 
PRO N   H    sing N N 268 
PRO CA  C    sing N N 269 
PRO CA  CB   sing N N 270 
PRO CA  HA   sing N N 271 
PRO C   O    doub N N 272 
PRO C   OXT  sing N N 273 
PRO CB  CG   sing N N 274 
PRO CB  HB2  sing N N 275 
PRO CB  HB3  sing N N 276 
PRO CG  CD   sing N N 277 
PRO CG  HG2  sing N N 278 
PRO CG  HG3  sing N N 279 
PRO CD  HD2  sing N N 280 
PRO CD  HD3  sing N N 281 
PRO OXT HXT  sing N N 282 
SER N   CA   sing N N 283 
SER N   H    sing N N 284 
SER N   H2   sing N N 285 
SER CA  C    sing N N 286 
SER CA  CB   sing N N 287 
SER CA  HA   sing N N 288 
SER C   O    doub N N 289 
SER C   OXT  sing N N 290 
SER CB  OG   sing N N 291 
SER CB  HB2  sing N N 292 
SER CB  HB3  sing N N 293 
SER OG  HG   sing N N 294 
SER OXT HXT  sing N N 295 
THR N   CA   sing N N 296 
THR N   H    sing N N 297 
THR N   H2   sing N N 298 
THR CA  C    sing N N 299 
THR CA  CB   sing N N 300 
THR CA  HA   sing N N 301 
THR C   O    doub N N 302 
THR C   OXT  sing N N 303 
THR CB  OG1  sing N N 304 
THR CB  CG2  sing N N 305 
THR CB  HB   sing N N 306 
THR OG1 HG1  sing N N 307 
THR CG2 HG21 sing N N 308 
THR CG2 HG22 sing N N 309 
THR CG2 HG23 sing N N 310 
THR OXT HXT  sing N N 311 
TRP N   CA   sing N N 312 
TRP N   H    sing N N 313 
TRP N   H2   sing N N 314 
TRP CA  C    sing N N 315 
TRP CA  CB   sing N N 316 
TRP CA  HA   sing N N 317 
TRP C   O    doub N N 318 
TRP C   OXT  sing N N 319 
TRP CB  CG   sing N N 320 
TRP CB  HB2  sing N N 321 
TRP CB  HB3  sing N N 322 
TRP CG  CD1  doub Y N 323 
TRP CG  CD2  sing Y N 324 
TRP CD1 NE1  sing Y N 325 
TRP CD1 HD1  sing N N 326 
TRP CD2 CE2  doub Y N 327 
TRP CD2 CE3  sing Y N 328 
TRP NE1 CE2  sing Y N 329 
TRP NE1 HE1  sing N N 330 
TRP CE2 CZ2  sing Y N 331 
TRP CE3 CZ3  doub Y N 332 
TRP CE3 HE3  sing N N 333 
TRP CZ2 CH2  doub Y N 334 
TRP CZ2 HZ2  sing N N 335 
TRP CZ3 CH2  sing Y N 336 
TRP CZ3 HZ3  sing N N 337 
TRP CH2 HH2  sing N N 338 
TRP OXT HXT  sing N N 339 
TYR N   CA   sing N N 340 
TYR N   H    sing N N 341 
TYR N   H2   sing N N 342 
TYR CA  C    sing N N 343 
TYR CA  CB   sing N N 344 
TYR CA  HA   sing N N 345 
TYR C   O    doub N N 346 
TYR C   OXT  sing N N 347 
TYR CB  CG   sing N N 348 
TYR CB  HB2  sing N N 349 
TYR CB  HB3  sing N N 350 
TYR CG  CD1  doub Y N 351 
TYR CG  CD2  sing Y N 352 
TYR CD1 CE1  sing Y N 353 
TYR CD1 HD1  sing N N 354 
TYR CD2 CE2  doub Y N 355 
TYR CD2 HD2  sing N N 356 
TYR CE1 CZ   doub Y N 357 
TYR CE1 HE1  sing N N 358 
TYR CE2 CZ   sing Y N 359 
TYR CE2 HE2  sing N N 360 
TYR CZ  OH   sing N N 361 
TYR OH  HH   sing N N 362 
TYR OXT HXT  sing N N 363 
VAL N   CA   sing N N 364 
VAL N   H    sing N N 365 
VAL N   H2   sing N N 366 
VAL CA  C    sing N N 367 
VAL CA  CB   sing N N 368 
VAL CA  HA   sing N N 369 
VAL C   O    doub N N 370 
VAL C   OXT  sing N N 371 
VAL CB  CG1  sing N N 372 
VAL CB  CG2  sing N N 373 
VAL CB  HB   sing N N 374 
VAL CG1 HG11 sing N N 375 
VAL CG1 HG12 sing N N 376 
VAL CG1 HG13 sing N N 377 
VAL CG2 HG21 sing N N 378 
VAL CG2 HG22 sing N N 379 
VAL CG2 HG23 sing N N 380 
VAL OXT HXT  sing N N 381 
# 
_atom_sites.entry_id                    1IX2 
_atom_sites.fract_transf_matrix[1][1]   0.00136538 
_atom_sites.fract_transf_matrix[1][2]   -0.00317868 
_atom_sites.fract_transf_matrix[1][3]   -0.00862075 
_atom_sites.fract_transf_matrix[2][1]   -0.00918809 
_atom_sites.fract_transf_matrix[2][2]   -0.00045918 
_atom_sites.fract_transf_matrix[2][3]   -0.00128592 
_atom_sites.fract_transf_matrix[3][1]   0.00001389 
_atom_sites.fract_transf_matrix[3][2]   0.00871612 
_atom_sites.fract_transf_matrix[3][3]   -0.00321165 
_atom_sites.fract_transf_vector[1]      0.400890 
_atom_sites.fract_transf_vector[2]      0.290192 
_atom_sites.fract_transf_vector[3]      0.197004 
# 
loop_
_atom_type.symbol 
C  
N  
O  
SE 
# 
loop_
_atom_site.group_PDB 
_atom_site.id 
_atom_site.type_symbol 
_atom_site.label_atom_id 
_atom_site.label_alt_id 
_atom_site.label_comp_id 
_atom_site.label_asym_id 
_atom_site.label_entity_id 
_atom_site.label_seq_id 
_atom_site.pdbx_PDB_ins_code 
_atom_site.Cartn_x 
_atom_site.Cartn_y 
_atom_site.Cartn_z 
_atom_site.occupancy 
_atom_site.B_iso_or_equiv 
_atom_site.pdbx_formal_charge 
_atom_site.auth_seq_id 
_atom_site.auth_comp_id 
_atom_site.auth_asym_id 
_atom_site.auth_atom_id 
_atom_site.pdbx_PDB_model_num 
ATOM   1    N  N   . PRO A 1 3   ? -16.560 -14.078 -1.854  1.00 35.15 ? 3   PRO A N   1 
ATOM   2    C  CA  . PRO A 1 3   ? -16.411 -12.645 -2.196  1.00 33.71 ? 3   PRO A CA  1 
ATOM   3    C  C   . PRO A 1 3   ? -15.750 -12.462 -3.561  1.00 32.39 ? 3   PRO A C   1 
ATOM   4    O  O   . PRO A 1 3   ? -14.581 -12.797 -3.743  1.00 32.55 ? 3   PRO A O   1 
ATOM   5    C  CB  . PRO A 1 3   ? -15.558 -12.014 -1.100  1.00 34.76 ? 3   PRO A CB  1 
ATOM   6    C  CG  . PRO A 1 3   ? -15.828 -12.952 0.071   1.00 35.43 ? 3   PRO A CG  1 
ATOM   7    C  CD  . PRO A 1 3   ? -15.913 -14.350 -0.558  1.00 36.08 ? 3   PRO A CD  1 
ATOM   8    N  N   . GLU A 1 4   ? -16.503 -11.931 -4.519  1.00 29.76 ? 4   GLU A N   1 
ATOM   9    C  CA  . GLU A 1 4   ? -15.981 -11.699 -5.860  1.00 28.69 ? 4   GLU A CA  1 
ATOM   10   C  C   . GLU A 1 4   ? -16.451 -10.345 -6.382  1.00 25.18 ? 4   GLU A C   1 
ATOM   11   O  O   . GLU A 1 4   ? -17.591 -9.945  -6.147  1.00 22.77 ? 4   GLU A O   1 
ATOM   12   C  CB  . GLU A 1 4   ? -16.446 -12.810 -6.802  1.00 31.81 ? 4   GLU A CB  1 
ATOM   13   C  CG  . GLU A 1 4   ? -15.827 -12.758 -8.186  1.00 37.84 ? 4   GLU A CG  1 
ATOM   14   C  CD  . GLU A 1 4   ? -16.209 -13.955 -9.038  1.00 41.12 ? 4   GLU A CD  1 
ATOM   15   O  OE1 . GLU A 1 4   ? -17.414 -14.128 -9.319  1.00 43.46 ? 4   GLU A OE1 1 
ATOM   16   O  OE2 . GLU A 1 4   ? -15.303 -14.727 -9.421  1.00 43.46 ? 4   GLU A OE2 1 
ATOM   17   N  N   . LEU A 1 5   ? -15.574 -9.636  -7.083  1.00 22.81 ? 5   LEU A N   1 
ATOM   18   C  CA  . LEU A 1 5   ? -15.932 -8.331  -7.629  1.00 22.45 ? 5   LEU A CA  1 
ATOM   19   C  C   . LEU A 1 5   ? -16.844 -8.491  -8.844  1.00 23.05 ? 5   LEU A C   1 
ATOM   20   O  O   . LEU A 1 5   ? -16.426 -9.033  -9.868  1.00 24.60 ? 5   LEU A O   1 
ATOM   21   C  CB  . LEU A 1 5   ? -14.674 -7.559  -8.039  1.00 21.86 ? 5   LEU A CB  1 
ATOM   22   C  CG  . LEU A 1 5   ? -14.883 -6.156  -8.620  1.00 20.76 ? 5   LEU A CG  1 
ATOM   23   C  CD1 . LEU A 1 5   ? -15.409 -5.219  -7.539  1.00 20.63 ? 5   LEU A CD1 1 
ATOM   24   C  CD2 . LEU A 1 5   ? -13.559 -5.631  -9.175  1.00 23.31 ? 5   LEU A CD2 1 
ATOM   25   N  N   . LYS A 1 6   ? -18.086 -8.026  -8.726  1.00 20.93 ? 6   LYS A N   1 
ATOM   26   C  CA  . LYS A 1 6   ? -19.043 -8.110  -9.831  1.00 21.03 ? 6   LYS A CA  1 
ATOM   27   C  C   . LYS A 1 6   ? -18.836 -6.974  -10.820 1.00 21.24 ? 6   LYS A C   1 
ATOM   28   O  O   . LYS A 1 6   ? -18.877 -7.177  -12.034 1.00 20.90 ? 6   LYS A O   1 
ATOM   29   C  CB  . LYS A 1 6   ? -20.487 -8.065  -9.324  1.00 24.04 ? 6   LYS A CB  1 
ATOM   30   C  CG  . LYS A 1 6   ? -20.943 -9.327  -8.615  1.00 27.38 ? 6   LYS A CG  1 
ATOM   31   C  CD  . LYS A 1 6   ? -22.466 -9.416  -8.571  1.00 28.72 ? 6   LYS A CD  1 
ATOM   32   C  CE  . LYS A 1 6   ? -23.091 -8.221  -7.875  1.00 33.64 ? 6   LYS A CE  1 
ATOM   33   N  NZ  . LYS A 1 6   ? -24.582 -8.306  -7.846  1.00 36.10 ? 6   LYS A NZ  1 
ATOM   34   N  N   . SER A 1 7   ? -18.625 -5.768  -10.305 1.00 18.19 ? 7   SER A N   1 
ATOM   35   C  CA  . SER A 1 7   ? -18.402 -4.629  -11.175 1.00 19.01 ? 7   SER A CA  1 
ATOM   36   C  C   . SER A 1 7   ? -17.769 -3.471  -10.427 1.00 17.89 ? 7   SER A C   1 
ATOM   37   O  O   . SER A 1 7   ? -17.699 -3.462  -9.197  1.00 16.94 ? 7   SER A O   1 
ATOM   38   C  CB  . SER A 1 7   ? -19.720 -4.158  -11.796 1.00 20.66 ? 7   SER A CB  1 
ATOM   39   O  OG  . SER A 1 7   ? -20.572 -3.581  -10.821 1.00 20.62 ? 7   SER A OG  1 
ATOM   40   N  N   . SER A 1 8   ? -17.307 -2.492  -11.187 1.00 19.14 ? 8   SER A N   1 
ATOM   41   C  CA  . SER A 1 8   ? -16.697 -1.309  -10.612 1.00 20.13 ? 8   SER A CA  1 
ATOM   42   C  C   . SER A 1 8   ? -17.010 -0.116  -11.498 1.00 20.13 ? 8   SER A C   1 
ATOM   43   O  O   . SER A 1 8   ? -17.262 -0.255  -12.700 1.00 20.15 ? 8   SER A O   1 
ATOM   44   C  CB  . SER A 1 8   ? -15.181 -1.483  -10.506 1.00 22.06 ? 8   SER A CB  1 
ATOM   45   O  OG  . SER A 1 8   ? -14.587 -1.564  -11.791 1.00 22.11 ? 8   SER A OG  1 
ATOM   46   N  N   . VAL A 1 9   ? -17.025 1.059   -10.886 1.00 20.20 ? 9   VAL A N   1 
ATOM   47   C  CA  . VAL A 1 9   ? -17.267 2.303   -11.599 1.00 20.26 ? 9   VAL A CA  1 
ATOM   48   C  C   . VAL A 1 9   ? -16.248 3.272   -11.012 1.00 20.69 ? 9   VAL A C   1 
ATOM   49   O  O   . VAL A 1 9   ? -16.324 3.608   -9.833  1.00 20.57 ? 9   VAL A O   1 
ATOM   50   C  CB  . VAL A 1 9   ? -18.692 2.839   -11.342 1.00 21.91 ? 9   VAL A CB  1 
ATOM   51   C  CG1 . VAL A 1 9   ? -18.937 4.087   -12.173 1.00 22.17 ? 9   VAL A CG1 1 
ATOM   52   C  CG2 . VAL A 1 9   ? -19.720 1.773   -11.668 1.00 23.04 ? 9   VAL A CG2 1 
ATOM   53   N  N   . PRO A 1 10  ? -15.264 3.715   -11.813 1.00 21.17 ? 10  PRO A N   1 
ATOM   54   C  CA  . PRO A 1 10  ? -14.993 3.412   -13.222 1.00 21.18 ? 10  PRO A CA  1 
ATOM   55   C  C   . PRO A 1 10  ? -14.776 1.935   -13.518 1.00 21.51 ? 10  PRO A C   1 
ATOM   56   O  O   . PRO A 1 10  ? -14.260 1.185   -12.689 1.00 20.19 ? 10  PRO A O   1 
ATOM   57   C  CB  . PRO A 1 10  ? -13.728 4.220   -13.516 1.00 22.41 ? 10  PRO A CB  1 
ATOM   58   C  CG  . PRO A 1 10  ? -13.809 5.355   -12.555 1.00 22.12 ? 10  PRO A CG  1 
ATOM   59   C  CD  . PRO A 1 10  ? -14.270 4.671   -11.297 1.00 21.18 ? 10  PRO A CD  1 
ATOM   60   N  N   . GLN A 1 11  ? -15.161 1.538   -14.725 1.00 22.30 ? 11  GLN A N   1 
ATOM   61   C  CA  . GLN A 1 11  ? -15.007 0.168   -15.182 1.00 24.05 ? 11  GLN A CA  1 
ATOM   62   C  C   . GLN A 1 11  ? -13.526 -0.092  -15.454 1.00 22.65 ? 11  GLN A C   1 
ATOM   63   O  O   . GLN A 1 11  ? -12.790 0.817   -15.841 1.00 22.03 ? 11  GLN A O   1 
ATOM   64   C  CB  . GLN A 1 11  ? -15.831 -0.024  -16.457 1.00 25.93 ? 11  GLN A CB  1 
ATOM   65   C  CG  . GLN A 1 11  ? -15.666 -1.362  -17.148 1.00 30.86 ? 11  GLN A CG  1 
ATOM   66   C  CD  . GLN A 1 11  ? -16.616 -1.512  -18.323 1.00 32.96 ? 11  GLN A CD  1 
ATOM   67   O  OE1 . GLN A 1 11  ? -17.834 -1.595  -18.144 1.00 35.23 ? 11  GLN A OE1 1 
ATOM   68   N  NE2 . GLN A 1 11  ? -16.066 -1.536  -19.532 1.00 33.29 ? 11  GLN A NE2 1 
ATOM   69   N  N   . ALA A 1 12  ? -13.088 -1.327  -15.242 1.00 23.55 ? 12  ALA A N   1 
ATOM   70   C  CA  . ALA A 1 12  ? -11.695 -1.689  -15.473 1.00 23.89 ? 12  ALA A CA  1 
ATOM   71   C  C   . ALA A 1 12  ? -11.268 -1.374  -16.905 1.00 25.32 ? 12  ALA A C   1 
ATOM   72   O  O   . ALA A 1 12  ? -12.000 -1.645  -17.856 1.00 24.10 ? 12  ALA A O   1 
ATOM   73   C  CB  . ALA A 1 12  ? -11.481 -3.174  -15.179 1.00 24.57 ? 12  ALA A CB  1 
ATOM   74   N  N   . ASP A 1 13  ? -10.080 -0.791  -17.038 1.00 26.14 ? 13  ASP A N   1 
ATOM   75   C  CA  . ASP A 1 13  ? -9.509  -0.437  -18.333 1.00 28.15 ? 13  ASP A CA  1 
ATOM   76   C  C   . ASP A 1 13  ? -10.257 0.673   -19.068 1.00 27.69 ? 13  ASP A C   1 
ATOM   77   O  O   . ASP A 1 13  ? -10.041 0.883   -20.263 1.00 29.24 ? 13  ASP A O   1 
ATOM   78   C  CB  . ASP A 1 13  ? -9.426  -1.680  -19.224 1.00 30.10 ? 13  ASP A CB  1 
ATOM   79   C  CG  . ASP A 1 13  ? -8.639  -2.805  -18.578 1.00 33.56 ? 13  ASP A CG  1 
ATOM   80   O  OD1 . ASP A 1 13  ? -7.486  -2.562  -18.160 1.00 35.61 ? 13  ASP A OD1 1 
ATOM   81   O  OD2 . ASP A 1 13  ? -9.172  -3.932  -18.489 1.00 35.93 ? 13  ASP A OD2 1 
ATOM   82   N  N   . SER A 1 14  ? -11.124 1.388   -18.362 1.00 26.48 ? 14  SER A N   1 
ATOM   83   C  CA  . SER A 1 14  ? -11.876 2.470   -18.985 1.00 25.34 ? 14  SER A CA  1 
ATOM   84   C  C   . SER A 1 14  ? -11.114 3.786   -18.904 1.00 24.69 ? 14  SER A C   1 
ATOM   85   O  O   . SER A 1 14  ? -10.164 3.921   -18.132 1.00 23.38 ? 14  SER A O   1 
ATOM   86   C  CB  . SER A 1 14  ? -13.239 2.634   -18.306 1.00 26.60 ? 14  SER A CB  1 
ATOM   87   O  OG  . SER A 1 14  ? -13.097 3.146   -16.991 1.00 26.97 ? 14  SER A OG  1 
ATOM   88   N  N   . ALA A 1 15  ? -11.531 4.748   -19.720 1.00 24.64 ? 15  ALA A N   1 
ATOM   89   C  CA  . ALA A 1 15  ? -10.926 6.073   -19.743 1.00 25.91 ? 15  ALA A CA  1 
ATOM   90   C  C   . ALA A 1 15  ? -12.080 7.045   -19.534 1.00 27.40 ? 15  ALA A C   1 
ATOM   91   O  O   . ALA A 1 15  ? -12.955 7.177   -20.393 1.00 28.62 ? 15  ALA A O   1 
ATOM   92   C  CB  . ALA A 1 15  ? -10.251 6.326   -21.086 1.00 27.24 ? 15  ALA A CB  1 
ATOM   93   N  N   . VAL A 1 16  ? -12.088 7.719   -18.391 1.00 25.96 ? 16  VAL A N   1 
ATOM   94   C  CA  . VAL A 1 16  ? -13.171 8.642   -18.083 1.00 26.02 ? 16  VAL A CA  1 
ATOM   95   C  C   . VAL A 1 16  ? -12.714 9.929   -17.422 1.00 24.50 ? 16  VAL A C   1 
ATOM   96   O  O   . VAL A 1 16  ? -11.538 10.095  -17.103 1.00 21.35 ? 16  VAL A O   1 
ATOM   97   C  CB  . VAL A 1 16  ? -14.191 7.970   -17.149 1.00 28.11 ? 16  VAL A CB  1 
ATOM   98   C  CG1 . VAL A 1 16  ? -14.790 6.748   -17.828 1.00 30.13 ? 16  VAL A CG1 1 
ATOM   99   C  CG2 . VAL A 1 16  ? -13.510 7.571   -15.846 1.00 28.54 ? 16  VAL A CG2 1 
ATOM   100  N  N   . ALA A 1 17  ? -13.658 10.845  -17.230 1.00 24.20 ? 17  ALA A N   1 
ATOM   101  C  CA  . ALA A 1 17  ? -13.362 12.104  -16.567 1.00 24.49 ? 17  ALA A CA  1 
ATOM   102  C  C   . ALA A 1 17  ? -13.074 11.730  -15.119 1.00 23.57 ? 17  ALA A C   1 
ATOM   103  O  O   . ALA A 1 17  ? -13.545 10.701  -14.642 1.00 24.09 ? 17  ALA A O   1 
ATOM   104  C  CB  . ALA A 1 17  ? -14.566 13.040  -16.645 1.00 24.78 ? 17  ALA A CB  1 
ATOM   105  N  N   . ALA A 1 18  ? -12.299 12.550  -14.419 1.00 22.82 ? 18  ALA A N   1 
ATOM   106  C  CA  . ALA A 1 18  ? -11.976 12.254  -13.027 1.00 22.16 ? 18  ALA A CA  1 
ATOM   107  C  C   . ALA A 1 18  ? -13.248 11.920  -12.248 1.00 22.29 ? 18  ALA A C   1 
ATOM   108  O  O   . ALA A 1 18  ? -14.178 12.724  -12.190 1.00 22.94 ? 18  ALA A O   1 
ATOM   109  C  CB  . ALA A 1 18  ? -11.271 13.440  -12.396 1.00 22.96 ? 18  ALA A CB  1 
ATOM   110  N  N   . PRO A 1 19  ? -13.308 10.720  -11.647 1.00 21.79 ? 19  PRO A N   1 
ATOM   111  C  CA  . PRO A 1 19  ? -14.486 10.311  -10.877 1.00 21.45 ? 19  PRO A CA  1 
ATOM   112  C  C   . PRO A 1 19  ? -14.542 10.965  -9.495  1.00 20.97 ? 19  PRO A C   1 
ATOM   113  O  O   . PRO A 1 19  ? -13.507 11.244  -8.890  1.00 22.57 ? 19  PRO A O   1 
ATOM   114  C  CB  . PRO A 1 19  ? -14.328 8.796   -10.793 1.00 22.69 ? 19  PRO A CB  1 
ATOM   115  C  CG  . PRO A 1 19  ? -12.843 8.628   -10.721 1.00 22.13 ? 19  PRO A CG  1 
ATOM   116  C  CD  . PRO A 1 19  ? -12.347 9.606   -11.769 1.00 20.56 ? 19  PRO A CD  1 
ATOM   117  N  N   . GLU A 1 20  ? -15.752 11.217  -9.006  1.00 20.53 ? 20  GLU A N   1 
ATOM   118  C  CA  . GLU A 1 20  ? -15.914 11.817  -7.691  1.00 20.67 ? 20  GLU A CA  1 
ATOM   119  C  C   . GLU A 1 20  ? -15.666 10.747  -6.641  1.00 19.71 ? 20  GLU A C   1 
ATOM   120  O  O   . GLU A 1 20  ? -15.261 11.036  -5.520  1.00 19.29 ? 20  GLU A O   1 
ATOM   121  C  CB  . GLU A 1 20  ? -17.318 12.407  -7.527  1.00 23.76 ? 20  GLU A CB  1 
ATOM   122  C  CG  . GLU A 1 20  ? -17.507 13.731  -8.254  1.00 28.53 ? 20  GLU A CG  1 
ATOM   123  C  CD  . GLU A 1 20  ? -18.797 14.435  -7.879  1.00 31.21 ? 20  GLU A CD  1 
ATOM   124  O  OE1 . GLU A 1 20  ? -18.942 15.630  -8.214  1.00 34.85 ? 20  GLU A OE1 1 
ATOM   125  O  OE2 . GLU A 1 20  ? -19.668 13.797  -7.255  1.00 33.81 ? 20  GLU A OE2 1 
ATOM   126  N  N   . LYS A 1 21  ? -15.911 9.501   -7.026  1.00 19.71 ? 21  LYS A N   1 
ATOM   127  C  CA  . LYS A 1 21  ? -15.698 8.368   -6.144  1.00 20.15 ? 21  LYS A CA  1 
ATOM   128  C  C   . LYS A 1 21  ? -15.585 7.094   -6.965  1.00 18.87 ? 21  LYS A C   1 
ATOM   129  O  O   . LYS A 1 21  ? -15.960 7.065   -8.140  1.00 18.29 ? 21  LYS A O   1 
ATOM   130  C  CB  . LYS A 1 21  ? -16.842 8.253   -5.126  1.00 24.00 ? 21  LYS A CB  1 
ATOM   131  C  CG  . LYS A 1 21  ? -18.247 8.325   -5.704  1.00 28.62 ? 21  LYS A CG  1 
ATOM   132  C  CD  . LYS A 1 21  ? -18.644 7.046   -6.411  1.00 31.92 ? 21  LYS A CD  1 
ATOM   133  C  CE  . LYS A 1 21  ? -20.122 7.065   -6.774  1.00 34.38 ? 21  LYS A CE  1 
ATOM   134  N  NZ  . LYS A 1 21  ? -20.518 5.828   -7.499  1.00 37.08 ? 21  LYS A NZ  1 
ATOM   135  N  N   . ILE A 1 22  ? -15.043 6.053   -6.348  1.00 16.82 ? 22  ILE A N   1 
ATOM   136  C  CA  . ILE A 1 22  ? -14.884 4.769   -7.011  1.00 16.94 ? 22  ILE A CA  1 
ATOM   137  C  C   . ILE A 1 22  ? -15.804 3.786   -6.308  1.00 16.77 ? 22  ILE A C   1 
ATOM   138  O  O   . ILE A 1 22  ? -15.712 3.609   -5.100  1.00 16.19 ? 22  ILE A O   1 
ATOM   139  C  CB  . ILE A 1 22  ? -13.442 4.240   -6.896  1.00 18.47 ? 22  ILE A CB  1 
ATOM   140  C  CG1 . ILE A 1 22  ? -12.447 5.305   -7.363  1.00 24.36 ? 22  ILE A CG1 1 
ATOM   141  C  CG2 . ILE A 1 22  ? -13.299 2.961   -7.711  1.00 19.81 ? 22  ILE A CG2 1 
ATOM   142  C  CD1 . ILE A 1 22  ? -12.629 5.755   -8.781  1.00 27.60 ? 22  ILE A CD1 1 
ATOM   143  N  N   . GLN A 1 23  ? -16.689 3.151   -7.071  1.00 16.01 ? 23  GLN A N   1 
ATOM   144  C  CA  . GLN A 1 23  ? -17.626 2.188   -6.508  1.00 16.90 ? 23  GLN A CA  1 
ATOM   145  C  C   . GLN A 1 23  ? -17.216 0.757   -6.828  1.00 15.40 ? 23  GLN A C   1 
ATOM   146  O  O   . GLN A 1 23  ? -16.973 0.418   -7.988  1.00 17.17 ? 23  GLN A O   1 
ATOM   147  C  CB  . GLN A 1 23  ? -19.026 2.448   -7.061  1.00 20.56 ? 23  GLN A CB  1 
ATOM   148  C  CG  . GLN A 1 23  ? -20.090 1.494   -6.545  1.00 23.31 ? 23  GLN A CG  1 
ATOM   149  C  CD  . GLN A 1 23  ? -21.417 1.674   -7.255  1.00 25.23 ? 23  GLN A CD  1 
ATOM   150  O  OE1 . GLN A 1 23  ? -21.533 1.423   -8.459  1.00 25.19 ? 23  GLN A OE1 1 
ATOM   151  N  NE2 . GLN A 1 23  ? -22.428 2.116   -6.516  1.00 27.71 ? 23  GLN A NE2 1 
ATOM   152  N  N   . LEU A 1 24  ? -17.128 -0.069  -5.789  1.00 13.89 ? 24  LEU A N   1 
ATOM   153  C  CA  . LEU A 1 24  ? -16.768 -1.475  -5.930  1.00 14.50 ? 24  LEU A CA  1 
ATOM   154  C  C   . LEU A 1 24  ? -17.975 -2.308  -5.509  1.00 14.65 ? 24  LEU A C   1 
ATOM   155  O  O   . LEU A 1 24  ? -18.396 -2.255  -4.357  1.00 15.83 ? 24  LEU A O   1 
ATOM   156  C  CB  . LEU A 1 24  ? -15.566 -1.812  -5.041  1.00 16.63 ? 24  LEU A CB  1 
ATOM   157  C  CG  . LEU A 1 24  ? -14.271 -1.049  -5.337  1.00 17.35 ? 24  LEU A CG  1 
ATOM   158  C  CD1 . LEU A 1 24  ? -13.187 -1.500  -4.372  1.00 19.48 ? 24  LEU A CD1 1 
ATOM   159  C  CD2 . LEU A 1 24  ? -13.835 -1.297  -6.775  1.00 18.86 ? 24  LEU A CD2 1 
ATOM   160  N  N   . ASN A 1 25  ? -18.520 -3.077  -6.446  1.00 15.12 ? 25  ASN A N   1 
ATOM   161  C  CA  . ASN A 1 25  ? -19.697 -3.899  -6.173  1.00 15.18 ? 25  ASN A CA  1 
ATOM   162  C  C   . ASN A 1 25  ? -19.347 -5.376  -6.140  1.00 16.26 ? 25  ASN A C   1 
ATOM   163  O  O   . ASN A 1 25  ? -18.845 -5.924  -7.123  1.00 17.18 ? 25  ASN A O   1 
ATOM   164  C  CB  . ASN A 1 25  ? -20.756 -3.628  -7.242  1.00 17.30 ? 25  ASN A CB  1 
ATOM   165  C  CG  . ASN A 1 25  ? -21.091 -2.153  -7.352  1.00 18.36 ? 25  ASN A CG  1 
ATOM   166  O  OD1 . ASN A 1 25  ? -21.522 -1.536  -6.380  1.00 20.82 ? 25  ASN A OD1 1 
ATOM   167  N  ND2 . ASN A 1 25  ? -20.885 -1.579  -8.532  1.00 18.15 ? 25  ASN A ND2 1 
ATOM   168  N  N   . PHE A 1 26  ? -19.616 -6.019  -5.009  1.00 15.05 ? 26  PHE A N   1 
ATOM   169  C  CA  . PHE A 1 26  ? -19.305 -7.435  -4.848  1.00 16.38 ? 26  PHE A CA  1 
ATOM   170  C  C   . PHE A 1 26  ? -20.515 -8.365  -4.881  1.00 18.27 ? 26  PHE A C   1 
ATOM   171  O  O   . PHE A 1 26  ? -21.665 -7.922  -4.845  1.00 17.34 ? 26  PHE A O   1 
ATOM   172  C  CB  . PHE A 1 26  ? -18.510 -7.646  -3.558  1.00 17.08 ? 26  PHE A CB  1 
ATOM   173  C  CG  . PHE A 1 26  ? -17.204 -6.908  -3.536  1.00 17.00 ? 26  PHE A CG  1 
ATOM   174  C  CD1 . PHE A 1 26  ? -17.155 -5.563  -3.180  1.00 16.88 ? 26  PHE A CD1 1 
ATOM   175  C  CD2 . PHE A 1 26  ? -16.028 -7.544  -3.920  1.00 18.47 ? 26  PHE A CD2 1 
ATOM   176  C  CE1 . PHE A 1 26  ? -15.948 -4.862  -3.210  1.00 17.00 ? 26  PHE A CE1 1 
ATOM   177  C  CE2 . PHE A 1 26  ? -14.818 -6.853  -3.955  1.00 16.32 ? 26  PHE A CE2 1 
ATOM   178  C  CZ  . PHE A 1 26  ? -14.779 -5.509  -3.598  1.00 18.54 ? 26  PHE A CZ  1 
ATOM   179  N  N   . SER A 1 27  ? -20.233 -9.663  -4.950  1.00 20.16 ? 27  SER A N   1 
ATOM   180  C  CA  . SER A 1 27  ? -21.267 -10.689 -5.025  1.00 21.66 ? 27  SER A CA  1 
ATOM   181  C  C   . SER A 1 27  ? -21.945 -11.032 -3.702  1.00 23.75 ? 27  SER A C   1 
ATOM   182  O  O   . SER A 1 27  ? -23.012 -11.649 -3.695  1.00 24.93 ? 27  SER A O   1 
ATOM   183  C  CB  . SER A 1 27  ? -20.674 -11.964 -5.628  1.00 22.51 ? 27  SER A CB  1 
ATOM   184  O  OG  . SER A 1 27  ? -19.581 -12.432 -4.854  1.00 23.46 ? 27  SER A OG  1 
ATOM   185  N  N   . GLU A 1 28  ? -21.329 -10.647 -2.590  1.00 23.52 ? 28  GLU A N   1 
ATOM   186  C  CA  . GLU A 1 28  ? -21.898 -10.934 -1.279  1.00 24.46 ? 28  GLU A CA  1 
ATOM   187  C  C   . GLU A 1 28  ? -21.793 -9.731  -0.354  1.00 23.29 ? 28  GLU A C   1 
ATOM   188  O  O   . GLU A 1 28  ? -21.027 -8.804  -0.613  1.00 21.19 ? 28  GLU A O   1 
ATOM   189  C  CB  . GLU A 1 28  ? -21.187 -12.131 -0.642  1.00 28.76 ? 28  GLU A CB  1 
ATOM   190  C  CG  . GLU A 1 28  ? -21.263 -13.401 -1.473  1.00 35.86 ? 28  GLU A CG  1 
ATOM   191  C  CD  . GLU A 1 28  ? -20.627 -14.590 -0.783  1.00 40.28 ? 28  GLU A CD  1 
ATOM   192  O  OE1 . GLU A 1 28  ? -19.433 -14.502 -0.425  1.00 43.08 ? 28  GLU A OE1 1 
ATOM   193  O  OE2 . GLU A 1 28  ? -21.322 -15.613 -0.600  1.00 43.40 ? 28  GLU A OE2 1 
ATOM   194  N  N   . ASN A 1 29  ? -22.572 -9.748  0.721   1.00 22.22 ? 29  ASN A N   1 
ATOM   195  C  CA  . ASN A 1 29  ? -22.552 -8.653  1.679   1.00 21.94 ? 29  ASN A CA  1 
ATOM   196  C  C   . ASN A 1 29  ? -21.180 -8.572  2.324   1.00 20.94 ? 29  ASN A C   1 
ATOM   197  O  O   . ASN A 1 29  ? -20.643 -9.571  2.806   1.00 22.19 ? 29  ASN A O   1 
ATOM   198  C  CB  . ASN A 1 29  ? -23.624 -8.856  2.748   1.00 24.49 ? 29  ASN A CB  1 
ATOM   199  C  CG  . ASN A 1 29  ? -24.998 -9.053  2.151   1.00 28.28 ? 29  ASN A CG  1 
ATOM   200  O  OD1 . ASN A 1 29  ? -25.426 -8.287  1.288   1.00 29.99 ? 29  ASN A OD1 1 
ATOM   201  N  ND2 . ASN A 1 29  ? -25.703 -10.082 2.609   1.00 32.14 ? 29  ASN A ND2 1 
ATOM   202  N  N   . LEU A 1 30  ? -20.621 -7.369  2.329   1.00 20.94 ? 30  LEU A N   1 
ATOM   203  C  CA  . LEU A 1 30  ? -19.297 -7.134  2.881   1.00 20.28 ? 30  LEU A CA  1 
ATOM   204  C  C   . LEU A 1 30  ? -19.216 -6.932  4.379   1.00 21.32 ? 30  LEU A C   1 
ATOM   205  O  O   . LEU A 1 30  ? -20.113 -6.364  5.000   1.00 23.47 ? 30  LEU A O   1 
ATOM   206  C  CB  . LEU A 1 30  ? -18.675 -5.895  2.238   1.00 21.27 ? 30  LEU A CB  1 
ATOM   207  C  CG  . LEU A 1 30  ? -18.324 -5.896  0.757   1.00 20.91 ? 30  LEU A CG  1 
ATOM   208  C  CD1 . LEU A 1 30  ? -17.839 -4.505  0.374   1.00 21.87 ? 30  LEU A CD1 1 
ATOM   209  C  CD2 . LEU A 1 30  ? -17.256 -6.937  0.477   1.00 22.08 ? 30  LEU A CD2 1 
ATOM   210  N  N   . THR A 1 31  ? -18.120 -7.414  4.948   1.00 17.77 ? 31  THR A N   1 
ATOM   211  C  CA  . THR A 1 31  ? -17.828 -7.203  6.356   1.00 18.35 ? 31  THR A CA  1 
ATOM   212  C  C   . THR A 1 31  ? -16.800 -6.098  6.162   1.00 16.87 ? 31  THR A C   1 
ATOM   213  O  O   . THR A 1 31  ? -15.599 -6.351  6.049   1.00 16.47 ? 31  THR A O   1 
ATOM   214  C  CB  . THR A 1 31  ? -17.175 -8.432  7.003   1.00 18.98 ? 31  THR A CB  1 
ATOM   215  O  OG1 . THR A 1 31  ? -18.088 -9.534  6.960   1.00 21.03 ? 31  THR A OG1 1 
ATOM   216  C  CG2 . THR A 1 31  ? -16.826 -8.143  8.456   1.00 17.89 ? 31  THR A CG2 1 
ATOM   217  N  N   . VAL A 1 32  ? -17.298 -4.871  6.077   1.00 17.73 ? 32  VAL A N   1 
ATOM   218  C  CA  . VAL A 1 32  ? -16.466 -3.705  5.826   1.00 17.10 ? 32  VAL A CA  1 
ATOM   219  C  C   . VAL A 1 32  ? -15.322 -3.474  6.809   1.00 16.35 ? 32  VAL A C   1 
ATOM   220  O  O   . VAL A 1 32  ? -14.257 -3.011  6.409   1.00 17.48 ? 32  VAL A O   1 
ATOM   221  C  CB  . VAL A 1 32  ? -17.350 -2.437  5.727   1.00 19.91 ? 32  VAL A CB  1 
ATOM   222  C  CG1 . VAL A 1 32  ? -16.502 -1.216  5.432   1.00 20.01 ? 32  VAL A CG1 1 
ATOM   223  C  CG2 . VAL A 1 32  ? -18.386 -2.633  4.623   1.00 19.46 ? 32  VAL A CG2 1 
ATOM   224  N  N   . LYS A 1 33  ? -15.521 -3.810  8.079   1.00 16.91 ? 33  LYS A N   1 
ATOM   225  C  CA  . LYS A 1 33  ? -14.473 -3.604  9.076   1.00 17.25 ? 33  LYS A CA  1 
ATOM   226  C  C   . LYS A 1 33  ? -13.206 -4.407  8.778   1.00 17.78 ? 33  LYS A C   1 
ATOM   227  O  O   . LYS A 1 33  ? -12.128 -4.083  9.276   1.00 18.96 ? 33  LYS A O   1 
ATOM   228  C  CB  . LYS A 1 33  ? -14.985 -3.958  10.482  1.00 18.08 ? 33  LYS A CB  1 
ATOM   229  C  CG  . LYS A 1 33  ? -15.492 -5.380  10.633  1.00 18.44 ? 33  LYS A CG  1 
ATOM   230  C  CD  . LYS A 1 33  ? -15.788 -5.713  12.087  1.00 18.75 ? 33  LYS A CD  1 
ATOM   231  C  CE  . LYS A 1 33  ? -16.322 -7.132  12.211  1.00 20.07 ? 33  LYS A CE  1 
ATOM   232  N  NZ  . LYS A 1 33  ? -16.607 -7.513  13.628  1.00 22.21 ? 33  LYS A NZ  1 
ATOM   233  N  N   . PHE A 1 34  ? -13.344 -5.451  7.963   1.00 17.11 ? 34  PHE A N   1 
ATOM   234  C  CA  . PHE A 1 34  ? -12.225 -6.314  7.589   1.00 17.68 ? 34  PHE A CA  1 
ATOM   235  C  C   . PHE A 1 34  ? -11.830 -6.105  6.127   1.00 17.84 ? 34  PHE A C   1 
ATOM   236  O  O   . PHE A 1 34  ? -10.913 -6.763  5.629   1.00 19.78 ? 34  PHE A O   1 
ATOM   237  C  CB  . PHE A 1 34  ? -12.610 -7.789  7.778   1.00 17.13 ? 34  PHE A CB  1 
ATOM   238  C  CG  . PHE A 1 34  ? -12.862 -8.193  9.209   1.00 18.24 ? 34  PHE A CG  1 
ATOM   239  C  CD1 . PHE A 1 34  ? -13.552 -9.368  9.491   1.00 18.96 ? 34  PHE A CD1 1 
ATOM   240  C  CD2 . PHE A 1 34  ? -12.379 -7.436  10.271  1.00 18.48 ? 34  PHE A CD2 1 
ATOM   241  C  CE1 . PHE A 1 34  ? -13.754 -9.788  10.808  1.00 18.58 ? 34  PHE A CE1 1 
ATOM   242  C  CE2 . PHE A 1 34  ? -12.576 -7.845  11.590  1.00 18.09 ? 34  PHE A CE2 1 
ATOM   243  C  CZ  . PHE A 1 34  ? -13.265 -9.026  11.859  1.00 18.44 ? 34  PHE A CZ  1 
ATOM   244  N  N   . SER A 1 35  ? -12.523 -5.198  5.443   1.00 16.49 ? 35  SER A N   1 
ATOM   245  C  CA  . SER A 1 35  ? -12.248 -4.934  4.035   1.00 17.96 ? 35  SER A CA  1 
ATOM   246  C  C   . SER A 1 35  ? -11.494 -3.623  3.857   1.00 18.29 ? 35  SER A C   1 
ATOM   247  O  O   . SER A 1 35  ? -11.292 -2.878  4.818   1.00 20.09 ? 35  SER A O   1 
ATOM   248  C  CB  . SER A 1 35  ? -13.561 -4.890  3.250   1.00 17.44 ? 35  SER A CB  1 
ATOM   249  O  OG  . SER A 1 35  ? -14.274 -6.110  3.384   1.00 17.17 ? 35  SER A OG  1 
ATOM   250  N  N   . GLY A 1 36  ? -11.073 -3.341  2.628   1.00 17.49 ? 36  GLY A N   1 
ATOM   251  C  CA  . GLY A 1 36  ? -10.350 -2.106  2.384   1.00 16.90 ? 36  GLY A CA  1 
ATOM   252  C  C   . GLY A 1 36  ? -9.974  -1.915  0.932   1.00 16.33 ? 36  GLY A C   1 
ATOM   253  O  O   . GLY A 1 36  ? -10.200 -2.790  0.099   1.00 16.73 ? 36  GLY A O   1 
ATOM   254  N  N   . ALA A 1 37  ? -9.399  -0.758  0.627   1.00 16.53 ? 37  ALA A N   1 
ATOM   255  C  CA  . ALA A 1 37  ? -8.991  -0.464  -0.735  1.00 17.65 ? 37  ALA A CA  1 
ATOM   256  C  C   . ALA A 1 37  ? -8.003  0.689   -0.740  1.00 18.70 ? 37  ALA A C   1 
ATOM   257  O  O   . ALA A 1 37  ? -7.964  1.498   0.191   1.00 20.39 ? 37  ALA A O   1 
ATOM   258  C  CB  . ALA A 1 37  ? -10.208 -0.116  -1.584  1.00 18.61 ? 37  ALA A CB  1 
ATOM   259  N  N   . LYS A 1 38  ? -7.188  0.744   -1.785  1.00 18.24 ? 38  LYS A N   1 
ATOM   260  C  CA  . LYS A 1 38  ? -6.214  1.814   -1.924  1.00 20.10 ? 38  LYS A CA  1 
ATOM   261  C  C   . LYS A 1 38  ? -6.161  2.239   -3.384  1.00 18.74 ? 38  LYS A C   1 
ATOM   262  O  O   . LYS A 1 38  ? -6.530  1.479   -4.283  1.00 18.98 ? 38  LYS A O   1 
ATOM   263  C  CB  . LYS A 1 38  ? -4.832  1.364   -1.434  1.00 23.03 ? 38  LYS A CB  1 
ATOM   264  C  CG  . LYS A 1 38  ? -4.177  0.278   -2.255  1.00 26.79 ? 38  LYS A CG  1 
ATOM   265  C  CD  . LYS A 1 38  ? -2.777  -0.024  -1.727  1.00 31.73 ? 38  LYS A CD  1 
ATOM   266  C  CE  . LYS A 1 38  ? -2.062  -1.034  -2.609  1.00 33.56 ? 38  LYS A CE  1 
ATOM   267  N  NZ  . LYS A 1 38  ? -0.685  -1.327  -2.127  1.00 37.53 ? 38  LYS A NZ  1 
ATOM   268  N  N   . LEU A 1 39  ? -5.715  3.469   -3.605  1.00 17.52 ? 39  LEU A N   1 
ATOM   269  C  CA  . LEU A 1 39  ? -5.624  4.034   -4.939  1.00 16.09 ? 39  LEU A CA  1 
ATOM   270  C  C   . LEU A 1 39  ? -4.200  4.506   -5.180  1.00 16.75 ? 39  LEU A C   1 
ATOM   271  O  O   . LEU A 1 39  ? -3.588  5.112   -4.301  1.00 17.24 ? 39  LEU A O   1 
ATOM   272  C  CB  . LEU A 1 39  ? -6.586  5.217   -5.048  1.00 15.06 ? 39  LEU A CB  1 
ATOM   273  C  CG  . LEU A 1 39  ? -6.694  5.925   -6.396  1.00 17.37 ? 39  LEU A CG  1 
ATOM   274  C  CD1 . LEU A 1 39  ? -7.245  4.960   -7.439  1.00 18.28 ? 39  LEU A CD1 1 
ATOM   275  C  CD2 . LEU A 1 39  ? -7.603  7.136   -6.248  1.00 17.97 ? 39  LEU A CD2 1 
ATOM   276  N  N   . THR A 1 40  ? -3.677  4.224   -6.371  1.00 14.19 ? 40  THR A N   1 
ATOM   277  C  CA  . THR A 1 40  ? -2.315  4.624   -6.719  1.00 15.27 ? 40  THR A CA  1 
ATOM   278  C  C   . THR A 1 40  ? -2.275  5.216   -8.123  1.00 14.98 ? 40  THR A C   1 
ATOM   279  O  O   . THR A 1 40  ? -2.911  4.690   -9.037  1.00 15.98 ? 40  THR A O   1 
ATOM   280  C  CB  . THR A 1 40  ? -1.367  3.404   -6.696  1.00 16.73 ? 40  THR A CB  1 
ATOM   281  O  OG1 . THR A 1 40  ? -1.401  2.798   -5.397  1.00 17.96 ? 40  THR A OG1 1 
ATOM   282  C  CG2 . THR A 1 40  ? 0.061   3.821   -7.028  1.00 18.05 ? 40  THR A CG2 1 
HETATM 283  N  N   . MSE A 1 41  ? -1.543  6.313   -8.300  1.00 13.94 ? 41  MSE A N   1 
HETATM 284  C  CA  . MSE A 1 41  ? -1.411  6.894   -9.630  1.00 15.76 ? 41  MSE A CA  1 
HETATM 285  C  C   . MSE A 1 41  ? -0.117  6.296   -10.174 1.00 16.29 ? 41  MSE A C   1 
HETATM 286  O  O   . MSE A 1 41  ? 0.973   6.640   -9.725  1.00 16.29 ? 41  MSE A O   1 
HETATM 287  C  CB  . MSE A 1 41  ? -1.306  8.418   -9.575  1.00 16.68 ? 41  MSE A CB  1 
HETATM 288  C  CG  . MSE A 1 41  ? -1.372  9.059   -10.966 1.00 18.82 ? 41  MSE A CG  1 
HETATM 289  SE SE  . MSE A 1 41  ? -1.257  10.981  -10.976 0.80 18.37 ? 41  MSE A SE  1 
HETATM 290  C  CE  . MSE A 1 41  ? 0.581   11.131  -10.420 1.00 17.42 ? 41  MSE A CE  1 
ATOM   291  N  N   . THR A 1 42  ? -0.244  5.396   -11.140 1.00 15.48 ? 42  THR A N   1 
ATOM   292  C  CA  . THR A 1 42  ? 0.920   4.721   -11.703 1.00 16.59 ? 42  THR A CA  1 
ATOM   293  C  C   . THR A 1 42  ? 1.561   5.430   -12.885 1.00 16.72 ? 42  THR A C   1 
ATOM   294  O  O   . THR A 1 42  ? 2.678   5.098   -13.276 1.00 19.88 ? 42  THR A O   1 
ATOM   295  C  CB  . THR A 1 42  ? 0.563   3.280   -12.113 1.00 16.83 ? 42  THR A CB  1 
ATOM   296  O  OG1 . THR A 1 42  ? -0.514  3.301   -13.054 1.00 17.56 ? 42  THR A OG1 1 
ATOM   297  C  CG2 . THR A 1 42  ? 0.135   2.472   -10.888 1.00 17.55 ? 42  THR A CG2 1 
ATOM   298  N  N   . GLY A 1 43  ? 0.859   6.406   -13.450 1.00 16.75 ? 43  GLY A N   1 
ATOM   299  C  CA  . GLY A 1 43  ? 1.399   7.136   -14.582 1.00 16.91 ? 43  GLY A CA  1 
ATOM   300  C  C   . GLY A 1 43  ? 0.757   8.496   -14.751 1.00 15.24 ? 43  GLY A C   1 
ATOM   301  O  O   . GLY A 1 43  ? -0.401  8.693   -14.395 1.00 16.08 ? 43  GLY A O   1 
HETATM 302  N  N   . MSE A 1 44  ? 1.521   9.443   -15.286 1.00 15.71 ? 44  MSE A N   1 
HETATM 303  C  CA  . MSE A 1 44  ? 1.032   10.797  -15.524 1.00 15.99 ? 44  MSE A CA  1 
HETATM 304  C  C   . MSE A 1 44  ? 1.984   11.472  -16.504 1.00 16.06 ? 44  MSE A C   1 
HETATM 305  O  O   . MSE A 1 44  ? 3.195   11.253  -16.448 1.00 16.82 ? 44  MSE A O   1 
HETATM 306  C  CB  . MSE A 1 44  ? 0.980   11.601  -14.213 1.00 18.06 ? 44  MSE A CB  1 
HETATM 307  C  CG  . MSE A 1 44  ? 0.431   13.019  -14.377 1.00 18.09 ? 44  MSE A CG  1 
HETATM 308  SE SE  . MSE A 1 44  ? 0.479   14.125  -12.774 0.80 19.41 ? 44  MSE A SE  1 
HETATM 309  C  CE  . MSE A 1 44  ? 2.364   14.522  -12.777 1.00 20.38 ? 44  MSE A CE  1 
ATOM   310  N  N   . LYS A 1 45  ? 1.437   12.271  -17.415 1.00 16.23 ? 45  LYS A N   1 
ATOM   311  C  CA  . LYS A 1 45  ? 2.272   12.976  -18.380 1.00 19.37 ? 45  LYS A CA  1 
ATOM   312  C  C   . LYS A 1 45  ? 3.231   13.878  -17.612 1.00 18.71 ? 45  LYS A C   1 
ATOM   313  O  O   . LYS A 1 45  ? 2.819   14.603  -16.701 1.00 19.93 ? 45  LYS A O   1 
ATOM   314  C  CB  . LYS A 1 45  ? 1.409   13.817  -19.327 1.00 21.47 ? 45  LYS A CB  1 
ATOM   315  C  CG  . LYS A 1 45  ? 2.221   14.648  -20.317 1.00 25.79 ? 45  LYS A CG  1 
ATOM   316  C  CD  . LYS A 1 45  ? 1.324   15.394  -21.295 1.00 29.70 ? 45  LYS A CD  1 
ATOM   317  C  CE  . LYS A 1 45  ? 2.147   16.212  -22.280 1.00 30.83 ? 45  LYS A CE  1 
ATOM   318  N  NZ  . LYS A 1 45  ? 1.292   16.859  -23.318 1.00 35.00 ? 45  LYS A NZ  1 
ATOM   319  N  N   . GLY A 1 46  ? 4.513   13.810  -17.965 1.00 17.05 ? 46  GLY A N   1 
ATOM   320  C  CA  . GLY A 1 46  ? 5.508   14.631  -17.298 1.00 18.12 ? 46  GLY A CA  1 
ATOM   321  C  C   . GLY A 1 46  ? 6.198   13.955  -16.129 1.00 17.21 ? 46  GLY A C   1 
ATOM   322  O  O   . GLY A 1 46  ? 7.185   14.468  -15.604 1.00 17.75 ? 46  GLY A O   1 
HETATM 323  N  N   . MSE A 1 47  ? 5.687   12.799  -15.718 1.00 15.05 ? 47  MSE A N   1 
HETATM 324  C  CA  . MSE A 1 47  ? 6.274   12.071  -14.599 1.00 14.67 ? 47  MSE A CA  1 
HETATM 325  C  C   . MSE A 1 47  ? 6.973   10.793  -15.069 1.00 15.28 ? 47  MSE A C   1 
HETATM 326  O  O   . MSE A 1 47  ? 6.617   10.219  -16.098 1.00 16.74 ? 47  MSE A O   1 
HETATM 327  C  CB  . MSE A 1 47  ? 5.184   11.722  -13.572 1.00 15.51 ? 47  MSE A CB  1 
HETATM 328  C  CG  . MSE A 1 47  ? 5.719   11.137  -12.272 1.00 16.26 ? 47  MSE A CG  1 
HETATM 329  SE SE  . MSE A 1 47  ? 4.323   10.655  -11.006 0.80 16.94 ? 47  MSE A SE  1 
HETATM 330  C  CE  . MSE A 1 47  ? 3.862   12.401  -10.327 1.00 26.39 ? 47  MSE A CE  1 
ATOM   331  N  N   . SER A 1 48  ? 7.969   10.353  -14.307 1.00 15.84 ? 48  SER A N   1 
ATOM   332  C  CA  . SER A 1 48  ? 8.699   9.132   -14.640 1.00 17.57 ? 48  SER A CA  1 
ATOM   333  C  C   . SER A 1 48  ? 7.737   7.949   -14.604 1.00 18.91 ? 48  SER A C   1 
ATOM   334  O  O   . SER A 1 48  ? 6.662   8.032   -14.011 1.00 20.30 ? 48  SER A O   1 
ATOM   335  C  CB  . SER A 1 48  ? 9.819   8.882   -13.627 1.00 19.09 ? 48  SER A CB  1 
ATOM   336  O  OG  . SER A 1 48  ? 9.307   8.264   -12.455 1.00 23.69 ? 48  SER A OG  1 
ATOM   337  N  N   . SER A 1 49  ? 8.136   6.845   -15.225 1.00 20.36 ? 49  SER A N   1 
ATOM   338  C  CA  . SER A 1 49  ? 7.317   5.635   -15.258 1.00 21.62 ? 49  SER A CA  1 
ATOM   339  C  C   . SER A 1 49  ? 7.635   4.728   -14.074 1.00 21.29 ? 49  SER A C   1 
ATOM   340  O  O   . SER A 1 49  ? 7.003   3.688   -13.895 1.00 23.94 ? 49  SER A O   1 
ATOM   341  C  CB  . SER A 1 49  ? 7.579   4.843   -16.547 1.00 23.76 ? 49  SER A CB  1 
ATOM   342  O  OG  . SER A 1 49  ? 7.327   5.619   -17.702 1.00 29.54 ? 49  SER A OG  1 
ATOM   343  N  N   . HIS A 1 50  ? 8.600   5.127   -13.255 1.00 19.22 ? 50  HIS A N   1 
ATOM   344  C  CA  . HIS A 1 50  ? 9.006   4.295   -12.129 1.00 18.15 ? 50  HIS A CA  1 
ATOM   345  C  C   . HIS A 1 50  ? 8.780   4.896   -10.752 1.00 17.95 ? 50  HIS A C   1 
ATOM   346  O  O   . HIS A 1 50  ? 9.410   4.481   -9.776  1.00 16.92 ? 50  HIS A O   1 
ATOM   347  C  CB  . HIS A 1 50  ? 10.479  3.917   -12.297 1.00 19.36 ? 50  HIS A CB  1 
ATOM   348  C  CG  . HIS A 1 50  ? 10.757  3.157   -13.555 1.00 20.11 ? 50  HIS A CG  1 
ATOM   349  N  ND1 . HIS A 1 50  ? 10.367  1.847   -13.733 1.00 22.72 ? 50  HIS A ND1 1 
ATOM   350  C  CD2 . HIS A 1 50  ? 11.349  3.534   -14.713 1.00 21.57 ? 50  HIS A CD2 1 
ATOM   351  C  CE1 . HIS A 1 50  ? 10.706  1.450   -14.946 1.00 21.74 ? 50  HIS A CE1 1 
ATOM   352  N  NE2 . HIS A 1 50  ? 11.303  2.455   -15.562 1.00 23.17 ? 50  HIS A NE2 1 
ATOM   353  N  N   . SER A 1 51  ? 7.877   5.866   -10.666 1.00 17.22 ? 51  SER A N   1 
ATOM   354  C  CA  . SER A 1 51  ? 7.583   6.493   -9.387  1.00 17.89 ? 51  SER A CA  1 
ATOM   355  C  C   . SER A 1 51  ? 6.082   6.549   -9.107  1.00 18.24 ? 51  SER A C   1 
ATOM   356  O  O   . SER A 1 51  ? 5.488   7.624   -9.091  1.00 18.03 ? 51  SER A O   1 
ATOM   357  C  CB  . SER A 1 51  ? 8.158   7.912   -9.343  1.00 19.00 ? 51  SER A CB  1 
ATOM   358  O  OG  . SER A 1 51  ? 7.576   8.720   -10.351 1.00 20.16 ? 51  SER A OG  1 
ATOM   359  N  N   . PRO A 1 52  ? 5.448   5.385   -8.892  1.00 17.64 ? 52  PRO A N   1 
ATOM   360  C  CA  . PRO A 1 52  ? 4.009   5.358   -8.609  1.00 18.06 ? 52  PRO A CA  1 
ATOM   361  C  C   . PRO A 1 52  ? 3.709   6.168   -7.345  1.00 17.94 ? 52  PRO A C   1 
ATOM   362  O  O   . PRO A 1 52  ? 4.439   6.079   -6.352  1.00 20.46 ? 52  PRO A O   1 
ATOM   363  C  CB  . PRO A 1 52  ? 3.719   3.865   -8.447  1.00 18.93 ? 52  PRO A CB  1 
ATOM   364  C  CG  . PRO A 1 52  ? 5.036   3.310   -7.975  1.00 17.76 ? 52  PRO A CG  1 
ATOM   365  C  CD  . PRO A 1 52  ? 6.015   4.028   -8.860  1.00 18.38 ? 52  PRO A CD  1 
HETATM 366  N  N   . MSE A 1 53  ? 2.641   6.961   -7.403  1.00 16.69 ? 53  MSE A N   1 
HETATM 367  C  CA  . MSE A 1 53  ? 2.229   7.833   -6.302  1.00 18.67 ? 53  MSE A CA  1 
HETATM 368  C  C   . MSE A 1 53  ? 0.977   7.372   -5.566  1.00 18.35 ? 53  MSE A C   1 
HETATM 369  O  O   . MSE A 1 53  ? -0.089  7.268   -6.161  1.00 18.03 ? 53  MSE A O   1 
HETATM 370  C  CB  . MSE A 1 53  ? 1.922   9.247   -6.820  1.00 21.09 ? 53  MSE A CB  1 
HETATM 371  C  CG  . MSE A 1 53  ? 3.067   10.045  -7.419  1.00 24.00 ? 53  MSE A CG  1 
HETATM 372  SE SE  . MSE A 1 53  ? 4.313   10.720  -6.109  1.00 38.29 ? 53  MSE A SE  1 
HETATM 373  C  CE  . MSE A 1 53  ? 5.549   9.379   -6.402  1.00 11.87 ? 53  MSE A CE  1 
ATOM   374  N  N   . PRO A 1 54  ? 1.081   7.104   -4.257  1.00 18.74 ? 54  PRO A N   1 
ATOM   375  C  CA  . PRO A 1 54  ? -0.142  6.685   -3.570  1.00 18.94 ? 54  PRO A CA  1 
ATOM   376  C  C   . PRO A 1 54  ? -1.078  7.896   -3.548  1.00 18.22 ? 54  PRO A C   1 
ATOM   377  O  O   . PRO A 1 54  ? -0.618  9.043   -3.506  1.00 19.15 ? 54  PRO A O   1 
ATOM   378  C  CB  . PRO A 1 54  ? 0.352   6.330   -2.170  1.00 20.57 ? 54  PRO A CB  1 
ATOM   379  C  CG  . PRO A 1 54  ? 1.762   5.878   -2.416  1.00 21.87 ? 54  PRO A CG  1 
ATOM   380  C  CD  . PRO A 1 54  ? 2.263   6.904   -3.404  1.00 22.25 ? 54  PRO A CD  1 
ATOM   381  N  N   . VAL A 1 55  ? -2.381  7.647   -3.591  1.00 16.59 ? 55  VAL A N   1 
ATOM   382  C  CA  . VAL A 1 55  ? -3.368  8.719   -3.562  1.00 15.96 ? 55  VAL A CA  1 
ATOM   383  C  C   . VAL A 1 55  ? -4.188  8.574   -2.287  1.00 15.09 ? 55  VAL A C   1 
ATOM   384  O  O   . VAL A 1 55  ? -4.860  7.563   -2.092  1.00 17.26 ? 55  VAL A O   1 
ATOM   385  C  CB  . VAL A 1 55  ? -4.308  8.635   -4.785  1.00 15.94 ? 55  VAL A CB  1 
ATOM   386  C  CG1 . VAL A 1 55  ? -5.338  9.760   -4.738  1.00 16.63 ? 55  VAL A CG1 1 
ATOM   387  C  CG2 . VAL A 1 55  ? -3.489  8.717   -6.064  1.00 17.34 ? 55  VAL A CG2 1 
ATOM   388  N  N   . ALA A 1 56  ? -4.120  9.571   -1.412  1.00 16.01 ? 56  ALA A N   1 
ATOM   389  C  CA  . ALA A 1 56  ? -4.871  9.517   -0.163  1.00 16.47 ? 56  ALA A CA  1 
ATOM   390  C  C   . ALA A 1 56  ? -6.348  9.345   -0.479  1.00 16.19 ? 56  ALA A C   1 
ATOM   391  O  O   . ALA A 1 56  ? -6.883  10.008  -1.363  1.00 16.73 ? 56  ALA A O   1 
ATOM   392  C  CB  . ALA A 1 56  ? -4.655  10.789  0.642   1.00 17.82 ? 56  ALA A CB  1 
ATOM   393  N  N   . ALA A 1 57  ? -7.004  8.451   0.249   1.00 17.62 ? 57  ALA A N   1 
ATOM   394  C  CA  . ALA A 1 57  ? -8.418  8.200   0.028   1.00 17.80 ? 57  ALA A CA  1 
ATOM   395  C  C   . ALA A 1 57  ? -9.056  7.638   1.283   1.00 18.42 ? 57  ALA A C   1 
ATOM   396  O  O   . ALA A 1 57  ? -8.367  7.182   2.196   1.00 20.86 ? 57  ALA A O   1 
ATOM   397  C  CB  . ALA A 1 57  ? -8.599  7.213   -1.126  1.00 19.17 ? 57  ALA A CB  1 
ATOM   398  N  N   . LYS A 1 58  ? -10.379 7.692   1.332   1.00 18.78 ? 58  LYS A N   1 
ATOM   399  C  CA  . LYS A 1 58  ? -11.107 7.146   2.462   1.00 17.76 ? 58  LYS A CA  1 
ATOM   400  C  C   . LYS A 1 58  ? -12.109 6.156   1.892   1.00 16.29 ? 58  LYS A C   1 
ATOM   401  O  O   . LYS A 1 58  ? -12.602 6.330   0.780   1.00 18.95 ? 58  LYS A O   1 
ATOM   402  C  CB  . LYS A 1 58  ? -11.809 8.259   3.251   1.00 19.61 ? 58  LYS A CB  1 
ATOM   403  C  CG  . LYS A 1 58  ? -12.650 9.203   2.426   1.00 20.08 ? 58  LYS A CG  1 
ATOM   404  C  CD  . LYS A 1 58  ? -12.933 10.479  3.210   1.00 22.93 ? 58  LYS A CD  1 
ATOM   405  C  CE  . LYS A 1 58  ? -13.718 11.478  2.381   1.00 24.32 ? 58  LYS A CE  1 
ATOM   406  N  NZ  . LYS A 1 58  ? -13.882 12.784  3.084   1.00 24.80 ? 58  LYS A NZ  1 
ATOM   407  N  N   . VAL A 1 59  ? -12.377 5.099   2.644   1.00 17.02 ? 59  VAL A N   1 
ATOM   408  C  CA  . VAL A 1 59  ? -13.310 4.075   2.203   1.00 18.02 ? 59  VAL A CA  1 
ATOM   409  C  C   . VAL A 1 59  ? -14.544 4.126   3.080   1.00 17.42 ? 59  VAL A C   1 
ATOM   410  O  O   . VAL A 1 59  ? -14.445 4.279   4.296   1.00 19.20 ? 59  VAL A O   1 
ATOM   411  C  CB  . VAL A 1 59  ? -12.679 2.673   2.296   1.00 19.13 ? 59  VAL A CB  1 
ATOM   412  C  CG1 . VAL A 1 59  ? -13.684 1.618   1.866   1.00 22.30 ? 59  VAL A CG1 1 
ATOM   413  C  CG2 . VAL A 1 59  ? -11.436 2.608   1.418   1.00 23.35 ? 59  VAL A CG2 1 
ATOM   414  N  N   . ALA A 1 60  ? -15.708 4.005   2.455   1.00 15.33 ? 60  ALA A N   1 
ATOM   415  C  CA  . ALA A 1 60  ? -16.958 4.043   3.192   1.00 15.10 ? 60  ALA A CA  1 
ATOM   416  C  C   . ALA A 1 60  ? -17.882 2.945   2.705   1.00 14.36 ? 60  ALA A C   1 
ATOM   417  O  O   . ALA A 1 60  ? -17.783 2.499   1.563   1.00 13.71 ? 60  ALA A O   1 
ATOM   418  C  CB  . ALA A 1 60  ? -17.627 5.391   3.012   1.00 15.36 ? 60  ALA A CB  1 
ATOM   419  N  N   . PRO A 1 61  ? -18.783 2.480   3.575   1.00 14.03 ? 61  PRO A N   1 
ATOM   420  C  CA  . PRO A 1 61  ? -19.719 1.425   3.179   1.00 13.75 ? 61  PRO A CA  1 
ATOM   421  C  C   . PRO A 1 61  ? -20.709 1.985   2.156   1.00 14.35 ? 61  PRO A C   1 
ATOM   422  O  O   . PRO A 1 61  ? -21.099 3.154   2.224   1.00 14.47 ? 61  PRO A O   1 
ATOM   423  C  CB  . PRO A 1 61  ? -20.385 1.042   4.500   1.00 14.87 ? 61  PRO A CB  1 
ATOM   424  C  CG  . PRO A 1 61  ? -20.353 2.322   5.275   1.00 13.89 ? 61  PRO A CG  1 
ATOM   425  C  CD  . PRO A 1 61  ? -18.962 2.843   4.990   1.00 15.38 ? 61  PRO A CD  1 
ATOM   426  N  N   . GLY A 1 62  ? -21.122 1.157   1.205   1.00 14.36 ? 62  GLY A N   1 
ATOM   427  C  CA  . GLY A 1 62  ? -22.056 1.639   0.206   1.00 14.25 ? 62  GLY A CA  1 
ATOM   428  C  C   . GLY A 1 62  ? -23.499 1.631   0.663   1.00 15.02 ? 62  GLY A C   1 
ATOM   429  O  O   . GLY A 1 62  ? -23.827 1.091   1.723   1.00 15.92 ? 62  GLY A O   1 
ATOM   430  N  N   . ALA A 1 63  ? -24.364 2.247   -0.136  1.00 15.78 ? 63  ALA A N   1 
ATOM   431  C  CA  . ALA A 1 63  ? -25.790 2.276   0.166   1.00 16.06 ? 63  ALA A CA  1 
ATOM   432  C  C   . ALA A 1 63  ? -26.289 0.833   0.080   1.00 17.07 ? 63  ALA A C   1 
ATOM   433  O  O   . ALA A 1 63  ? -27.205 0.434   0.800   1.00 18.28 ? 63  ALA A O   1 
ATOM   434  C  CB  . ALA A 1 63  ? -26.515 3.162   -0.837  1.00 17.85 ? 63  ALA A CB  1 
ATOM   435  N  N   . ASP A 1 64  ? -25.671 0.063   -0.813  1.00 17.19 ? 64  ASP A N   1 
ATOM   436  C  CA  . ASP A 1 64  ? -25.976 -1.358  -1.000  1.00 18.49 ? 64  ASP A CA  1 
ATOM   437  C  C   . ASP A 1 64  ? -24.915 -2.045  -0.138  1.00 18.38 ? 64  ASP A C   1 
ATOM   438  O  O   . ASP A 1 64  ? -23.729 -1.734  -0.258  1.00 16.83 ? 64  ASP A O   1 
ATOM   439  C  CB  . ASP A 1 64  ? -25.780 -1.747  -2.473  1.00 21.38 ? 64  ASP A CB  1 
ATOM   440  C  CG  . ASP A 1 64  ? -26.094 -3.214  -2.752  1.00 25.08 ? 64  ASP A CG  1 
ATOM   441  O  OD1 . ASP A 1 64  ? -25.624 -4.099  -2.005  1.00 25.29 ? 64  ASP A OD1 1 
ATOM   442  O  OD2 . ASP A 1 64  ? -26.807 -3.484  -3.743  1.00 29.45 ? 64  ASP A OD2 1 
ATOM   443  N  N   . PRO A 1 65  ? -25.319 -2.975  0.742   1.00 16.86 ? 65  PRO A N   1 
ATOM   444  C  CA  . PRO A 1 65  ? -24.354 -3.666  1.607   1.00 16.34 ? 65  PRO A CA  1 
ATOM   445  C  C   . PRO A 1 65  ? -23.345 -4.573  0.914   1.00 16.61 ? 65  PRO A C   1 
ATOM   446  O  O   . PRO A 1 65  ? -22.439 -5.114  1.556   1.00 16.47 ? 65  PRO A O   1 
ATOM   447  C  CB  . PRO A 1 65  ? -25.247 -4.418  2.595   1.00 19.27 ? 65  PRO A CB  1 
ATOM   448  C  CG  . PRO A 1 65  ? -26.483 -4.678  1.802   1.00 18.55 ? 65  PRO A CG  1 
ATOM   449  C  CD  . PRO A 1 65  ? -26.699 -3.378  1.073   1.00 17.74 ? 65  PRO A CD  1 
ATOM   450  N  N   . LYS A 1 66  ? -23.491 -4.738  -0.395  1.00 15.25 ? 66  LYS A N   1 
ATOM   451  C  CA  . LYS A 1 66  ? -22.552 -5.568  -1.139  1.00 15.26 ? 66  LYS A CA  1 
ATOM   452  C  C   . LYS A 1 66  ? -21.487 -4.682  -1.774  1.00 15.86 ? 66  LYS A C   1 
ATOM   453  O  O   . LYS A 1 66  ? -20.638 -5.153  -2.525  1.00 16.50 ? 66  LYS A O   1 
ATOM   454  C  CB  . LYS A 1 66  ? -23.278 -6.358  -2.229  1.00 16.91 ? 66  LYS A CB  1 
ATOM   455  C  CG  . LYS A 1 66  ? -24.186 -7.453  -1.691  1.00 18.37 ? 66  LYS A CG  1 
ATOM   456  C  CD  . LYS A 1 66  ? -24.704 -8.336  -2.820  1.00 24.07 ? 66  LYS A CD  1 
ATOM   457  C  CE  . LYS A 1 66  ? -25.465 -9.531  -2.271  1.00 27.97 ? 66  LYS A CE  1 
ATOM   458  N  NZ  . LYS A 1 66  ? -25.970 -10.419 -3.353  1.00 33.34 ? 66  LYS A NZ  1 
ATOM   459  N  N   . SER A 1 67  ? -21.515 -3.395  -1.452  1.00 14.04 ? 67  SER A N   1 
ATOM   460  C  CA  . SER A 1 67  ? -20.550 -2.483  -2.042  1.00 16.42 ? 67  SER A CA  1 
ATOM   461  C  C   . SER A 1 67  ? -19.855 -1.560  -1.063  1.00 15.06 ? 67  SER A C   1 
ATOM   462  O  O   . SER A 1 67  ? -20.275 -1.398  0.082   1.00 15.55 ? 67  SER A O   1 
ATOM   463  C  CB  . SER A 1 67  ? -21.236 -1.617  -3.093  1.00 19.71 ? 67  SER A CB  1 
ATOM   464  O  OG  . SER A 1 67  ? -22.150 -0.725  -2.477  1.00 23.28 ? 67  SER A OG  1 
HETATM 465  N  N   . MSE A 1 68  ? -18.761 -0.974  -1.533  1.00 15.45 ? 68  MSE A N   1 
HETATM 466  C  CA  . MSE A 1 68  ? -18.021 0.003   -0.756  1.00 15.53 ? 68  MSE A CA  1 
HETATM 467  C  C   . MSE A 1 68  ? -17.552 1.056   -1.747  1.00 15.65 ? 68  MSE A C   1 
HETATM 468  O  O   . MSE A 1 68  ? -17.434 0.788   -2.946  1.00 14.21 ? 68  MSE A O   1 
HETATM 469  C  CB  . MSE A 1 68  ? -16.850 -0.636  0.015   1.00 19.49 ? 68  MSE A CB  1 
HETATM 470  C  CG  . MSE A 1 68  ? -15.663 -1.159  -0.775  1.00 20.49 ? 68  MSE A CG  1 
HETATM 471  SE SE  . MSE A 1 68  ? -14.341 -1.937  0.468   0.70 26.10 ? 68  MSE A SE  1 
HETATM 472  C  CE  . MSE A 1 68  ? -13.882 -3.533  -0.519  1.00 23.29 ? 68  MSE A CE  1 
ATOM   473  N  N   . VAL A 1 69  ? -17.322 2.266   -1.262  1.00 13.99 ? 69  VAL A N   1 
ATOM   474  C  CA  . VAL A 1 69  ? -16.890 3.334   -2.140  1.00 15.96 ? 69  VAL A CA  1 
ATOM   475  C  C   . VAL A 1 69  ? -15.589 3.945   -1.666  1.00 15.87 ? 69  VAL A C   1 
ATOM   476  O  O   . VAL A 1 69  ? -15.351 4.068   -0.467  1.00 17.94 ? 69  VAL A O   1 
ATOM   477  C  CB  . VAL A 1 69  ? -17.959 4.451   -2.251  1.00 17.36 ? 69  VAL A CB  1 
ATOM   478  C  CG1 . VAL A 1 69  ? -19.205 3.906   -2.922  1.00 20.67 ? 69  VAL A CG1 1 
ATOM   479  C  CG2 . VAL A 1 69  ? -18.298 4.998   -0.874  1.00 20.04 ? 69  VAL A CG2 1 
ATOM   480  N  N   . ILE A 1 70  ? -14.738 4.300   -2.621  1.00 15.87 ? 70  ILE A N   1 
ATOM   481  C  CA  . ILE A 1 70  ? -13.462 4.927   -2.306  1.00 16.68 ? 70  ILE A CA  1 
ATOM   482  C  C   . ILE A 1 70  ? -13.619 6.392   -2.672  1.00 17.28 ? 70  ILE A C   1 
ATOM   483  O  O   . ILE A 1 70  ? -13.958 6.716   -3.808  1.00 17.06 ? 70  ILE A O   1 
ATOM   484  C  CB  . ILE A 1 70  ? -12.310 4.348   -3.151  1.00 18.23 ? 70  ILE A CB  1 
ATOM   485  C  CG1 . ILE A 1 70  ? -12.230 2.833   -2.973  1.00 20.99 ? 70  ILE A CG1 1 
ATOM   486  C  CG2 . ILE A 1 70  ? -10.989 4.986   -2.729  1.00 19.74 ? 70  ILE A CG2 1 
ATOM   487  C  CD1 . ILE A 1 70  ? -11.210 2.170   -3.886  1.00 23.45 ? 70  ILE A CD1 1 
ATOM   488  N  N   . ILE A 1 71  ? -13.389 7.278   -1.709  1.00 15.66 ? 71  ILE A N   1 
ATOM   489  C  CA  . ILE A 1 71  ? -13.503 8.705   -1.971  1.00 16.00 ? 71  ILE A CA  1 
ATOM   490  C  C   . ILE A 1 71  ? -12.102 9.295   -1.877  1.00 15.09 ? 71  ILE A C   1 
ATOM   491  O  O   . ILE A 1 71  ? -11.506 9.333   -0.801  1.00 16.46 ? 71  ILE A O   1 
ATOM   492  C  CB  . ILE A 1 71  ? -14.413 9.410   -0.941  1.00 17.17 ? 71  ILE A CB  1 
ATOM   493  C  CG1 . ILE A 1 71  ? -15.811 8.783   -0.956  1.00 18.27 ? 71  ILE A CG1 1 
ATOM   494  C  CG2 . ILE A 1 71  ? -14.494 10.898  -1.254  1.00 19.79 ? 71  ILE A CG2 1 
ATOM   495  C  CD1 . ILE A 1 71  ? -15.860 7.402   -0.356  1.00 25.24 ? 71  ILE A CD1 1 
ATOM   496  N  N   . PRO A 1 72  ? -11.546 9.737   -3.013  1.00 15.93 ? 72  PRO A N   1 
ATOM   497  C  CA  . PRO A 1 72  ? -10.201 10.313  -2.986  1.00 16.72 ? 72  PRO A CA  1 
ATOM   498  C  C   . PRO A 1 72  ? -10.156 11.564  -2.117  1.00 16.77 ? 72  PRO A C   1 
ATOM   499  O  O   . PRO A 1 72  ? -11.129 12.322  -2.056  1.00 16.76 ? 72  PRO A O   1 
ATOM   500  C  CB  . PRO A 1 72  ? -9.924  10.625  -4.459  1.00 17.33 ? 72  PRO A CB  1 
ATOM   501  C  CG  . PRO A 1 72  ? -10.776 9.611   -5.192  1.00 18.67 ? 72  PRO A CG  1 
ATOM   502  C  CD  . PRO A 1 72  ? -12.060 9.675   -4.392  1.00 16.36 ? 72  PRO A CD  1 
ATOM   503  N  N   . ARG A 1 73  ? -9.034  11.765  -1.434  1.00 15.79 ? 73  ARG A N   1 
ATOM   504  C  CA  . ARG A 1 73  ? -8.857  12.940  -0.591  1.00 16.90 ? 73  ARG A CA  1 
ATOM   505  C  C   . ARG A 1 73  ? -8.037  14.003  -1.315  1.00 17.51 ? 73  ARG A C   1 
ATOM   506  O  O   . ARG A 1 73  ? -7.668  15.020  -0.734  1.00 16.96 ? 73  ARG A O   1 
ATOM   507  C  CB  . ARG A 1 73  ? -8.182  12.549  0.727   1.00 18.26 ? 73  ARG A CB  1 
ATOM   508  C  CG  . ARG A 1 73  ? -9.068  11.672  1.598   1.00 21.46 ? 73  ARG A CG  1 
ATOM   509  C  CD  . ARG A 1 73  ? -8.422  11.335  2.931   1.00 29.07 ? 73  ARG A CD  1 
ATOM   510  N  NE  . ARG A 1 73  ? -7.245  10.485  2.777   1.00 35.15 ? 73  ARG A NE  1 
ATOM   511  C  CZ  . ARG A 1 73  ? -6.613  9.898   3.789   1.00 36.94 ? 73  ARG A CZ  1 
ATOM   512  N  NH1 . ARG A 1 73  ? -7.048  10.065  5.030   1.00 40.11 ? 73  ARG A NH1 1 
ATOM   513  N  NH2 . ARG A 1 73  ? -5.551  9.138   3.561   1.00 39.59 ? 73  ARG A NH2 1 
ATOM   514  N  N   . GLU A 1 74  ? -7.745  13.754  -2.585  1.00 18.16 ? 74  GLU A N   1 
ATOM   515  C  CA  . GLU A 1 74  ? -7.003  14.707  -3.400  1.00 19.52 ? 74  GLU A CA  1 
ATOM   516  C  C   . GLU A 1 74  ? -7.554  14.700  -4.818  1.00 20.36 ? 74  GLU A C   1 
ATOM   517  O  O   . GLU A 1 74  ? -8.275  13.777  -5.207  1.00 20.56 ? 74  GLU A O   1 
ATOM   518  C  CB  . GLU A 1 74  ? -5.497  14.382  -3.408  1.00 23.22 ? 74  GLU A CB  1 
ATOM   519  C  CG  . GLU A 1 74  ? -5.121  12.933  -3.140  1.00 27.14 ? 74  GLU A CG  1 
ATOM   520  C  CD  . GLU A 1 74  ? -3.610  12.715  -3.122  1.00 25.96 ? 74  GLU A CD  1 
ATOM   521  O  OE1 . GLU A 1 74  ? -2.967  12.906  -4.176  1.00 26.58 ? 74  GLU A OE1 1 
ATOM   522  O  OE2 . GLU A 1 74  ? -3.064  12.351  -2.057  1.00 25.68 ? 74  GLU A OE2 1 
ATOM   523  N  N   . PRO A 1 75  ? -7.257  15.747  -5.602  1.00 20.55 ? 75  PRO A N   1 
ATOM   524  C  CA  . PRO A 1 75  ? -7.760  15.783  -6.978  1.00 20.80 ? 75  PRO A CA  1 
ATOM   525  C  C   . PRO A 1 75  ? -7.116  14.638  -7.747  1.00 20.87 ? 75  PRO A C   1 
ATOM   526  O  O   . PRO A 1 75  ? -6.073  14.124  -7.339  1.00 23.01 ? 75  PRO A O   1 
ATOM   527  C  CB  . PRO A 1 75  ? -7.282  17.140  -7.492  1.00 22.78 ? 75  PRO A CB  1 
ATOM   528  C  CG  . PRO A 1 75  ? -7.177  17.969  -6.247  1.00 22.33 ? 75  PRO A CG  1 
ATOM   529  C  CD  . PRO A 1 75  ? -6.573  17.005  -5.258  1.00 22.31 ? 75  PRO A CD  1 
ATOM   530  N  N   . LEU A 1 76  ? -7.736  14.226  -8.845  1.00 19.56 ? 76  LEU A N   1 
ATOM   531  C  CA  . LEU A 1 76  ? -7.172  13.157  -9.656  1.00 18.98 ? 76  LEU A CA  1 
ATOM   532  C  C   . LEU A 1 76  ? -6.763  13.706  -11.021 1.00 18.09 ? 76  LEU A C   1 
ATOM   533  O  O   . LEU A 1 76  ? -7.603  13.870  -11.908 1.00 19.61 ? 76  LEU A O   1 
ATOM   534  C  CB  . LEU A 1 76  ? -8.185  12.025  -9.838  1.00 18.68 ? 76  LEU A CB  1 
ATOM   535  C  CG  . LEU A 1 76  ? -8.711  11.368  -8.559  1.00 20.35 ? 76  LEU A CG  1 
ATOM   536  C  CD1 . LEU A 1 76  ? -9.757  10.324  -8.930  1.00 22.77 ? 76  LEU A CD1 1 
ATOM   537  C  CD2 . LEU A 1 76  ? -7.568  10.737  -7.775  1.00 20.92 ? 76  LEU A CD2 1 
ATOM   538  N  N   . PRO A 1 77  ? -5.464  14.003  -11.203 1.00 19.33 ? 77  PRO A N   1 
ATOM   539  C  CA  . PRO A 1 77  ? -4.961  14.531  -12.477 1.00 19.00 ? 77  PRO A CA  1 
ATOM   540  C  C   . PRO A 1 77  ? -5.172  13.522  -13.598 1.00 18.53 ? 77  PRO A C   1 
ATOM   541  O  O   . PRO A 1 77  ? -5.374  12.336  -13.341 1.00 17.40 ? 77  PRO A O   1 
ATOM   542  C  CB  . PRO A 1 77  ? -3.467  14.732  -12.214 1.00 21.02 ? 77  PRO A CB  1 
ATOM   543  C  CG  . PRO A 1 77  ? -3.366  14.857  -10.731 1.00 22.06 ? 77  PRO A CG  1 
ATOM   544  C  CD  . PRO A 1 77  ? -4.374  13.866  -10.223 1.00 19.47 ? 77  PRO A CD  1 
ATOM   545  N  N   . ALA A 1 78  ? -5.133  13.990  -14.841 1.00 17.44 ? 78  ALA A N   1 
ATOM   546  C  CA  . ALA A 1 78  ? -5.267  13.079  -15.966 1.00 18.53 ? 78  ALA A CA  1 
ATOM   547  C  C   . ALA A 1 78  ? -4.084  12.136  -15.798 1.00 17.77 ? 78  ALA A C   1 
ATOM   548  O  O   . ALA A 1 78  ? -2.973  12.572  -15.487 1.00 18.22 ? 78  ALA A O   1 
ATOM   549  C  CB  . ALA A 1 78  ? -5.157  13.838  -17.281 1.00 18.17 ? 78  ALA A CB  1 
ATOM   550  N  N   . GLY A 1 79  ? -4.317  10.844  -15.987 1.00 17.75 ? 79  GLY A N   1 
ATOM   551  C  CA  . GLY A 1 79  ? -3.247  9.883   -15.825 1.00 17.30 ? 79  GLY A CA  1 
ATOM   552  C  C   . GLY A 1 79  ? -3.784  8.478   -15.655 1.00 17.15 ? 79  GLY A C   1 
ATOM   553  O  O   . GLY A 1 79  ? -4.967  8.230   -15.876 1.00 17.15 ? 79  GLY A O   1 
ATOM   554  N  N   . THR A 1 80  ? -2.913  7.559   -15.255 1.00 16.42 ? 80  THR A N   1 
ATOM   555  C  CA  . THR A 1 80  ? -3.303  6.166   -15.075 1.00 17.94 ? 80  THR A CA  1 
ATOM   556  C  C   . THR A 1 80  ? -3.342  5.801   -13.597 1.00 16.62 ? 80  THR A C   1 
ATOM   557  O  O   . THR A 1 80  ? -2.431  6.142   -12.840 1.00 16.71 ? 80  THR A O   1 
ATOM   558  C  CB  . THR A 1 80  ? -2.325  5.228   -15.809 1.00 20.05 ? 80  THR A CB  1 
ATOM   559  O  OG1 . THR A 1 80  ? -2.214  5.636   -17.179 1.00 23.48 ? 80  THR A OG1 1 
ATOM   560  C  CG2 . THR A 1 80  ? -2.828  3.791   -15.765 1.00 21.40 ? 80  THR A CG2 1 
ATOM   561  N  N   . TYR A 1 81  ? -4.403  5.107   -13.198 1.00 15.27 ? 81  TYR A N   1 
ATOM   562  C  CA  . TYR A 1 81  ? -4.583  4.714   -11.805 1.00 15.49 ? 81  TYR A CA  1 
ATOM   563  C  C   . TYR A 1 81  ? -4.805  3.230   -11.592 1.00 15.51 ? 81  TYR A C   1 
ATOM   564  O  O   . TYR A 1 81  ? -5.330  2.534   -12.457 1.00 18.74 ? 81  TYR A O   1 
ATOM   565  C  CB  . TYR A 1 81  ? -5.770  5.461   -11.200 1.00 15.35 ? 81  TYR A CB  1 
ATOM   566  C  CG  . TYR A 1 81  ? -5.567  6.950   -11.156 1.00 16.07 ? 81  TYR A CG  1 
ATOM   567  C  CD1 . TYR A 1 81  ? -5.751  7.733   -12.291 1.00 15.13 ? 81  TYR A CD1 1 
ATOM   568  C  CD2 . TYR A 1 81  ? -5.145  7.571   -9.983  1.00 15.86 ? 81  TYR A CD2 1 
ATOM   569  C  CE1 . TYR A 1 81  ? -5.515  9.105   -12.261 1.00 14.98 ? 81  TYR A CE1 1 
ATOM   570  C  CE2 . TYR A 1 81  ? -4.906  8.938   -9.940  1.00 16.32 ? 81  TYR A CE2 1 
ATOM   571  C  CZ  . TYR A 1 81  ? -5.090  9.698   -11.083 1.00 15.84 ? 81  TYR A CZ  1 
ATOM   572  O  OH  . TYR A 1 81  ? -4.832  11.042  -11.050 1.00 17.71 ? 81  TYR A OH  1 
ATOM   573  N  N   . ARG A 1 82  ? -4.402  2.755   -10.420 1.00 14.69 ? 82  ARG A N   1 
ATOM   574  C  CA  . ARG A 1 82  ? -4.593  1.358   -10.071 1.00 15.14 ? 82  ARG A CA  1 
ATOM   575  C  C   . ARG A 1 82  ? -5.359  1.274   -8.759  1.00 15.48 ? 82  ARG A C   1 
ATOM   576  O  O   . ARG A 1 82  ? -5.032  1.963   -7.792  1.00 14.83 ? 82  ARG A O   1 
ATOM   577  C  CB  . ARG A 1 82  ? -3.248  0.642   -9.924  1.00 16.87 ? 82  ARG A CB  1 
ATOM   578  C  CG  . ARG A 1 82  ? -3.373  -0.733  -9.296  1.00 20.12 ? 82  ARG A CG  1 
ATOM   579  C  CD  . ARG A 1 82  ? -2.079  -1.515  -9.360  1.00 24.19 ? 82  ARG A CD  1 
ATOM   580  N  NE  . ARG A 1 82  ? -2.165  -2.732  -8.560  1.00 30.08 ? 82  ARG A NE  1 
ATOM   581  C  CZ  . ARG A 1 82  ? -1.289  -3.729  -8.610  1.00 32.21 ? 82  ARG A CZ  1 
ATOM   582  N  NH1 . ARG A 1 82  ? -0.250  -3.665  -9.434  1.00 34.46 ? 82  ARG A NH1 1 
ATOM   583  N  NH2 . ARG A 1 82  ? -1.448  -4.790  -7.828  1.00 32.48 ? 82  ARG A NH2 1 
ATOM   584  N  N   . VAL A 1 83  ? -6.396  0.445   -8.740  1.00 14.45 ? 83  VAL A N   1 
ATOM   585  C  CA  . VAL A 1 83  ? -7.187  0.243   -7.535  1.00 15.94 ? 83  VAL A CA  1 
ATOM   586  C  C   . VAL A 1 83  ? -6.851  -1.132  -6.973  1.00 16.45 ? 83  VAL A C   1 
ATOM   587  O  O   . VAL A 1 83  ? -6.897  -2.133  -7.691  1.00 17.72 ? 83  VAL A O   1 
ATOM   588  C  CB  . VAL A 1 83  ? -8.704  0.282   -7.835  1.00 15.76 ? 83  VAL A CB  1 
ATOM   589  C  CG1 . VAL A 1 83  ? -9.506  0.023   -6.550  1.00 17.94 ? 83  VAL A CG1 1 
ATOM   590  C  CG2 . VAL A 1 83  ? -9.079  1.627   -8.438  1.00 17.84 ? 83  VAL A CG2 1 
ATOM   591  N  N   . ASP A 1 84  ? -6.480  -1.173  -5.700  1.00 16.52 ? 84  ASP A N   1 
ATOM   592  C  CA  . ASP A 1 84  ? -6.175  -2.433  -5.033  1.00 18.03 ? 84  ASP A CA  1 
ATOM   593  C  C   . ASP A 1 84  ? -7.250  -2.589  -3.968  1.00 17.68 ? 84  ASP A C   1 
ATOM   594  O  O   . ASP A 1 84  ? -7.496  -1.668  -3.193  1.00 20.98 ? 84  ASP A O   1 
ATOM   595  C  CB  . ASP A 1 84  ? -4.788  -2.380  -4.384  1.00 20.12 ? 84  ASP A CB  1 
ATOM   596  C  CG  . ASP A 1 84  ? -3.666  -2.566  -5.390  1.00 23.41 ? 84  ASP A CG  1 
ATOM   597  O  OD1 . ASP A 1 84  ? -3.490  -3.702  -5.879  1.00 25.92 ? 84  ASP A OD1 1 
ATOM   598  O  OD2 . ASP A 1 84  ? -2.967  -1.579  -5.699  1.00 26.74 ? 84  ASP A OD2 1 
ATOM   599  N  N   . TRP A 1 85  ? -7.905  -3.743  -3.937  1.00 16.65 ? 85  TRP A N   1 
ATOM   600  C  CA  . TRP A 1 85  ? -8.963  -3.957  -2.961  1.00 16.42 ? 85  TRP A CA  1 
ATOM   601  C  C   . TRP A 1 85  ? -8.831  -5.268  -2.202  1.00 16.74 ? 85  TRP A C   1 
ATOM   602  O  O   . TRP A 1 85  ? -8.177  -6.208  -2.654  1.00 16.54 ? 85  TRP A O   1 
ATOM   603  C  CB  . TRP A 1 85  ? -10.335 -3.895  -3.644  1.00 14.94 ? 85  TRP A CB  1 
ATOM   604  C  CG  . TRP A 1 85  ? -10.478 -4.819  -4.824  1.00 15.60 ? 85  TRP A CG  1 
ATOM   605  C  CD1 . TRP A 1 85  ? -10.266 -4.512  -6.138  1.00 17.31 ? 85  TRP A CD1 1 
ATOM   606  C  CD2 . TRP A 1 85  ? -10.862 -6.200  -4.792  1.00 17.84 ? 85  TRP A CD2 1 
ATOM   607  N  NE1 . TRP A 1 85  ? -10.494 -5.615  -6.926  1.00 18.97 ? 85  TRP A NE1 1 
ATOM   608  C  CE2 . TRP A 1 85  ? -10.860 -6.665  -6.126  1.00 18.16 ? 85  TRP A CE2 1 
ATOM   609  C  CE3 . TRP A 1 85  ? -11.205 -7.089  -3.764  1.00 17.69 ? 85  TRP A CE3 1 
ATOM   610  C  CZ2 . TRP A 1 85  ? -11.191 -7.985  -6.461  1.00 20.30 ? 85  TRP A CZ2 1 
ATOM   611  C  CZ3 . TRP A 1 85  ? -11.534 -8.405  -4.099  1.00 19.93 ? 85  TRP A CZ3 1 
ATOM   612  C  CH2 . TRP A 1 85  ? -11.524 -8.836  -5.437  1.00 20.62 ? 85  TRP A CH2 1 
ATOM   613  N  N   . ARG A 1 86  ? -9.457  -5.302  -1.034  1.00 15.72 ? 86  ARG A N   1 
ATOM   614  C  CA  . ARG A 1 86  ? -9.462  -6.461  -0.152  1.00 17.02 ? 86  ARG A CA  1 
ATOM   615  C  C   . ARG A 1 86  ? -10.906 -6.592  0.316   1.00 16.40 ? 86  ARG A C   1 
ATOM   616  O  O   . ARG A 1 86  ? -11.446 -5.682  0.950   1.00 16.00 ? 86  ARG A O   1 
ATOM   617  C  CB  . ARG A 1 86  ? -8.535  -6.208  1.042   1.00 20.35 ? 86  ARG A CB  1 
ATOM   618  C  CG  . ARG A 1 86  ? -8.669  -7.193  2.201   1.00 23.00 ? 86  ARG A CG  1 
ATOM   619  C  CD  . ARG A 1 86  ? -7.980  -6.623  3.445   1.00 25.76 ? 86  ARG A CD  1 
ATOM   620  N  NE  . ARG A 1 86  ? -8.391  -7.287  4.679   1.00 28.79 ? 86  ARG A NE  1 
ATOM   621  C  CZ  . ARG A 1 86  ? -7.799  -8.359  5.198   1.00 32.46 ? 86  ARG A CZ  1 
ATOM   622  N  NH1 . ARG A 1 86  ? -6.751  -8.905  4.593   1.00 33.99 ? 86  ARG A NH1 1 
ATOM   623  N  NH2 . ARG A 1 86  ? -8.259  -8.889  6.325   1.00 31.65 ? 86  ARG A NH2 1 
ATOM   624  N  N   . ALA A 1 87  ? -11.537 -7.710  -0.019  1.00 15.83 ? 87  ALA A N   1 
ATOM   625  C  CA  . ALA A 1 87  ? -12.920 -7.931  0.368   1.00 17.48 ? 87  ALA A CA  1 
ATOM   626  C  C   . ALA A 1 87  ? -13.061 -9.131  1.285   1.00 18.64 ? 87  ALA A C   1 
ATOM   627  O  O   . ALA A 1 87  ? -12.446 -10.178 1.066   1.00 18.20 ? 87  ALA A O   1 
ATOM   628  C  CB  . ALA A 1 87  ? -13.789 -8.115  -0.866  1.00 18.21 ? 87  ALA A CB  1 
ATOM   629  N  N   . VAL A 1 88  ? -13.877 -8.964  2.317   1.00 18.56 ? 88  VAL A N   1 
ATOM   630  C  CA  . VAL A 1 88  ? -14.125 -10.028 3.273   1.00 19.98 ? 88  VAL A CA  1 
ATOM   631  C  C   . VAL A 1 88  ? -15.623 -10.120 3.519   1.00 20.88 ? 88  VAL A C   1 
ATOM   632  O  O   . VAL A 1 88  ? -16.306 -9.102  3.640   1.00 21.19 ? 88  VAL A O   1 
ATOM   633  C  CB  . VAL A 1 88  ? -13.415 -9.755  4.610   1.00 20.75 ? 88  VAL A CB  1 
ATOM   634  C  CG1 . VAL A 1 88  ? -13.670 -10.902 5.576   1.00 22.06 ? 88  VAL A CG1 1 
ATOM   635  C  CG2 . VAL A 1 88  ? -11.919 -9.570  4.379   1.00 21.35 ? 88  VAL A CG2 1 
ATOM   636  N  N   . SER A 1 89  ? -16.135 -11.345 3.569   1.00 21.76 ? 89  SER A N   1 
ATOM   637  C  CA  . SER A 1 89  ? -17.553 -11.564 3.814   1.00 25.81 ? 89  SER A CA  1 
ATOM   638  C  C   . SER A 1 89  ? -17.701 -12.247 5.167   1.00 27.20 ? 89  SER A C   1 
ATOM   639  O  O   . SER A 1 89  ? -16.735 -12.361 5.923   1.00 24.08 ? 89  SER A O   1 
ATOM   640  C  CB  . SER A 1 89  ? -18.156 -12.446 2.721   1.00 28.27 ? 89  SER A CB  1 
ATOM   641  O  OG  . SER A 1 89  ? -17.613 -13.755 2.773   1.00 32.90 ? 89  SER A OG  1 
ATOM   642  N  N   . SER A 1 90  ? -18.910 -12.705 5.465   1.00 30.14 ? 90  SER A N   1 
ATOM   643  C  CA  . SER A 1 90  ? -19.187 -13.375 6.727   1.00 34.43 ? 90  SER A CA  1 
ATOM   644  C  C   . SER A 1 90  ? -18.288 -14.592 6.924   1.00 35.85 ? 90  SER A C   1 
ATOM   645  O  O   . SER A 1 90  ? -18.074 -15.040 8.051   1.00 37.07 ? 90  SER A O   1 
ATOM   646  C  CB  . SER A 1 90  ? -20.654 -13.805 6.774   1.00 35.30 ? 90  SER A CB  1 
ATOM   647  O  OG  . SER A 1 90  ? -21.512 -12.699 6.558   1.00 38.76 ? 90  SER A OG  1 
ATOM   648  N  N   . ASP A 1 91  ? -17.765 -15.122 5.824   1.00 37.65 ? 91  ASP A N   1 
ATOM   649  C  CA  . ASP A 1 91  ? -16.893 -16.290 5.870   1.00 39.51 ? 91  ASP A CA  1 
ATOM   650  C  C   . ASP A 1 91  ? -15.547 -15.955 6.509   1.00 38.53 ? 91  ASP A C   1 
ATOM   651  O  O   . ASP A 1 91  ? -14.828 -16.842 6.972   1.00 38.27 ? 91  ASP A O   1 
ATOM   652  C  CB  . ASP A 1 91  ? -16.682 -16.834 4.454   1.00 43.54 ? 91  ASP A CB  1 
ATOM   653  C  CG  . ASP A 1 91  ? -15.938 -18.154 4.439   1.00 46.78 ? 91  ASP A CG  1 
ATOM   654  O  OD1 . ASP A 1 91  ? -14.746 -18.176 4.813   1.00 49.58 ? 91  ASP A OD1 1 
ATOM   655  O  OD2 . ASP A 1 91  ? -16.548 -19.173 4.054   1.00 49.49 ? 91  ASP A OD2 1 
ATOM   656  N  N   . THR A 1 92  ? -15.213 -14.667 6.530   1.00 37.30 ? 92  THR A N   1 
ATOM   657  C  CA  . THR A 1 92  ? -13.962 -14.193 7.113   1.00 35.69 ? 92  THR A CA  1 
ATOM   658  C  C   . THR A 1 92  ? -12.743 -14.737 6.370   1.00 34.95 ? 92  THR A C   1 
ATOM   659  O  O   . THR A 1 92  ? -11.748 -15.128 6.983   1.00 35.60 ? 92  THR A O   1 
ATOM   660  C  CB  . THR A 1 92  ? -13.864 -14.582 8.606   1.00 35.93 ? 92  THR A CB  1 
ATOM   661  O  OG1 . THR A 1 92  ? -15.089 -14.246 9.269   1.00 35.74 ? 92  THR A OG1 1 
ATOM   662  C  CG2 . THR A 1 92  ? -12.723 -13.828 9.281   1.00 36.18 ? 92  THR A CG2 1 
ATOM   663  N  N   . HIS A 1 93  ? -12.832 -14.766 5.043   1.00 33.13 ? 93  HIS A N   1 
ATOM   664  C  CA  . HIS A 1 93  ? -11.737 -15.245 4.207   1.00 32.04 ? 93  HIS A CA  1 
ATOM   665  C  C   . HIS A 1 93  ? -11.393 -14.130 3.223   1.00 30.08 ? 93  HIS A C   1 
ATOM   666  O  O   . HIS A 1 93  ? -12.086 -13.936 2.227   1.00 30.06 ? 93  HIS A O   1 
ATOM   667  C  CB  . HIS A 1 93  ? -12.160 -16.508 3.451   1.00 33.54 ? 93  HIS A CB  1 
ATOM   668  C  CG  . HIS A 1 93  ? -11.030 -17.208 2.762   1.00 36.50 ? 93  HIS A CG  1 
ATOM   669  N  ND1 . HIS A 1 93  ? -10.422 -16.710 1.630   1.00 38.00 ? 93  HIS A ND1 1 
ATOM   670  C  CD2 . HIS A 1 93  ? -10.386 -18.362 3.058   1.00 36.75 ? 93  HIS A CD2 1 
ATOM   671  C  CE1 . HIS A 1 93  ? -9.453  -17.527 1.257   1.00 37.82 ? 93  HIS A CE1 1 
ATOM   672  N  NE2 . HIS A 1 93  ? -9.409  -18.537 2.107   1.00 38.07 ? 93  HIS A NE2 1 
ATOM   673  N  N   . PRO A 1 94  ? -10.317 -13.378 3.499   1.00 29.01 ? 94  PRO A N   1 
ATOM   674  C  CA  . PRO A 1 94  ? -9.879  -12.270 2.642   1.00 27.93 ? 94  PRO A CA  1 
ATOM   675  C  C   . PRO A 1 94  ? -9.600  -12.618 1.182   1.00 26.35 ? 94  PRO A C   1 
ATOM   676  O  O   . PRO A 1 94  ? -8.913  -13.595 0.880   1.00 26.27 ? 94  PRO A O   1 
ATOM   677  C  CB  . PRO A 1 94  ? -8.629  -11.756 3.356   1.00 29.05 ? 94  PRO A CB  1 
ATOM   678  C  CG  . PRO A 1 94  ? -8.921  -12.055 4.797   1.00 30.65 ? 94  PRO A CG  1 
ATOM   679  C  CD  . PRO A 1 94  ? -9.488  -13.452 4.715   1.00 30.22 ? 94  PRO A CD  1 
ATOM   680  N  N   . ILE A 1 95  ? -10.145 -11.802 0.287   1.00 23.93 ? 95  ILE A N   1 
ATOM   681  C  CA  . ILE A 1 95  ? -9.949  -11.959 -1.147  1.00 23.61 ? 95  ILE A CA  1 
ATOM   682  C  C   . ILE A 1 95  ? -9.445  -10.614 -1.658  1.00 23.57 ? 95  ILE A C   1 
ATOM   683  O  O   . ILE A 1 95  ? -10.004 -9.571  -1.328  1.00 22.63 ? 95  ILE A O   1 
ATOM   684  C  CB  . ILE A 1 95  ? -11.260 -12.324 -1.862  1.00 24.11 ? 95  ILE A CB  1 
ATOM   685  C  CG1 . ILE A 1 95  ? -11.736 -13.692 -1.364  1.00 25.43 ? 95  ILE A CG1 1 
ATOM   686  C  CG2 . ILE A 1 95  ? -11.050 -12.332 -3.372  1.00 25.10 ? 95  ILE A CG2 1 
ATOM   687  C  CD1 . ILE A 1 95  ? -12.944 -14.233 -2.075  1.00 29.89 ? 95  ILE A CD1 1 
ATOM   688  N  N   . THR A 1 96  ? -8.380  -10.643 -2.450  1.00 22.32 ? 96  THR A N   1 
ATOM   689  C  CA  . THR A 1 96  ? -7.805  -9.413  -2.970  1.00 22.63 ? 96  THR A CA  1 
ATOM   690  C  C   . THR A 1 96  ? -7.787  -9.375  -4.488  1.00 22.23 ? 96  THR A C   1 
ATOM   691  O  O   . THR A 1 96  ? -7.827  -10.409 -5.154  1.00 23.63 ? 96  THR A O   1 
ATOM   692  C  CB  . THR A 1 96  ? -6.363  -9.221  -2.468  1.00 23.91 ? 96  THR A CB  1 
ATOM   693  O  OG1 . THR A 1 96  ? -5.547  -10.301 -2.936  1.00 27.34 ? 96  THR A OG1 1 
ATOM   694  C  CG2 . THR A 1 96  ? -6.331  -9.190  -0.950  1.00 25.27 ? 96  THR A CG2 1 
ATOM   695  N  N   . GLY A 1 97  ? -7.732  -8.164  -5.026  1.00 19.64 ? 97  GLY A N   1 
ATOM   696  C  CA  . GLY A 1 97  ? -7.697  -7.993  -6.464  1.00 19.43 ? 97  GLY A CA  1 
ATOM   697  C  C   . GLY A 1 97  ? -7.283  -6.579  -6.804  1.00 18.31 ? 97  GLY A C   1 
ATOM   698  O  O   . GLY A 1 97  ? -7.061  -5.755  -5.915  1.00 17.32 ? 97  GLY A O   1 
ATOM   699  N  N   . ASN A 1 98  ? -7.169  -6.298  -8.095  1.00 18.42 ? 98  ASN A N   1 
ATOM   700  C  CA  . ASN A 1 98  ? -6.791  -4.970  -8.542  1.00 20.13 ? 98  ASN A CA  1 
ATOM   701  C  C   . ASN A 1 98  ? -7.196  -4.765  -9.988  1.00 19.62 ? 98  ASN A C   1 
ATOM   702  O  O   . ASN A 1 98  ? -7.497  -5.720  -10.710 1.00 20.36 ? 98  ASN A O   1 
ATOM   703  C  CB  . ASN A 1 98  ? -5.279  -4.779  -8.398  1.00 21.47 ? 98  ASN A CB  1 
ATOM   704  C  CG  . ASN A 1 98  ? -4.484  -5.738  -9.267  1.00 24.84 ? 98  ASN A CG  1 
ATOM   705  O  OD1 . ASN A 1 98  ? -4.300  -5.511  -10.464 1.00 27.51 ? 98  ASN A OD1 1 
ATOM   706  N  ND2 . ASN A 1 98  ? -4.016  -6.826  -8.667  1.00 26.55 ? 98  ASN A ND2 1 
ATOM   707  N  N   . TYR A 1 99  ? -7.215  -3.506  -10.402 1.00 18.30 ? 99  TYR A N   1 
ATOM   708  C  CA  . TYR A 1 99  ? -7.550  -3.162  -11.770 1.00 17.89 ? 99  TYR A CA  1 
ATOM   709  C  C   . TYR A 1 99  ? -7.062  -1.749  -12.040 1.00 18.43 ? 99  TYR A C   1 
ATOM   710  O  O   . TYR A 1 99  ? -6.763  -0.994  -11.112 1.00 18.44 ? 99  TYR A O   1 
ATOM   711  C  CB  . TYR A 1 99  ? -9.058  -3.294  -12.013 1.00 18.90 ? 99  TYR A CB  1 
ATOM   712  C  CG  . TYR A 1 99  ? -9.936  -2.165  -11.513 1.00 18.63 ? 99  TYR A CG  1 
ATOM   713  C  CD1 . TYR A 1 99  ? -10.135 -1.020  -12.284 1.00 20.22 ? 99  TYR A CD1 1 
ATOM   714  C  CD2 . TYR A 1 99  ? -10.630 -2.275  -10.310 1.00 21.50 ? 99  TYR A CD2 1 
ATOM   715  C  CE1 . TYR A 1 99  ? -11.010 -0.015  -11.876 1.00 21.50 ? 99  TYR A CE1 1 
ATOM   716  C  CE2 . TYR A 1 99  ? -11.510 -1.273  -9.890  1.00 21.84 ? 99  TYR A CE2 1 
ATOM   717  C  CZ  . TYR A 1 99  ? -11.697 -0.151  -10.680 1.00 22.02 ? 99  TYR A CZ  1 
ATOM   718  O  OH  . TYR A 1 99  ? -12.582 0.825   -10.291 1.00 24.32 ? 99  TYR A OH  1 
ATOM   719  N  N   . THR A 1 100 ? -6.965  -1.409  -13.316 1.00 18.05 ? 100 THR A N   1 
ATOM   720  C  CA  . THR A 1 100 ? -6.490  -0.102  -13.726 1.00 20.03 ? 100 THR A CA  1 
ATOM   721  C  C   . THR A 1 100 ? -7.536  0.644   -14.543 1.00 19.21 ? 100 THR A C   1 
ATOM   722  O  O   . THR A 1 100 ? -8.391  0.040   -15.186 1.00 20.17 ? 100 THR A O   1 
ATOM   723  C  CB  . THR A 1 100 ? -5.209  -0.241  -14.594 1.00 22.69 ? 100 THR A CB  1 
ATOM   724  O  OG1 . THR A 1 100 ? -4.151  -0.798  -13.805 1.00 27.16 ? 100 THR A OG1 1 
ATOM   725  C  CG2 . THR A 1 100 ? -4.771  1.108   -15.140 1.00 25.75 ? 100 THR A CG2 1 
ATOM   726  N  N   . PHE A 1 101 ? -7.481  1.968   -14.480 1.00 17.30 ? 101 PHE A N   1 
ATOM   727  C  CA  . PHE A 1 101 ? -8.360  2.807   -15.276 1.00 18.47 ? 101 PHE A CA  1 
ATOM   728  C  C   . PHE A 1 101 ? -7.611  4.105   -15.523 1.00 17.37 ? 101 PHE A C   1 
ATOM   729  O  O   . PHE A 1 101 ? -6.630  4.411   -14.839 1.00 15.94 ? 101 PHE A O   1 
ATOM   730  C  CB  . PHE A 1 101 ? -9.721  3.058   -14.601 1.00 17.20 ? 101 PHE A CB  1 
ATOM   731  C  CG  . PHE A 1 101 ? -9.680  3.997   -13.428 1.00 16.62 ? 101 PHE A CG  1 
ATOM   732  C  CD1 . PHE A 1 101 ? -9.441  3.522   -12.145 1.00 16.97 ? 101 PHE A CD1 1 
ATOM   733  C  CD2 . PHE A 1 101 ? -9.920  5.356   -13.605 1.00 18.54 ? 101 PHE A CD2 1 
ATOM   734  C  CE1 . PHE A 1 101 ? -9.444  4.390   -11.051 1.00 17.87 ? 101 PHE A CE1 1 
ATOM   735  C  CE2 . PHE A 1 101 ? -9.923  6.232   -12.520 1.00 19.08 ? 101 PHE A CE2 1 
ATOM   736  C  CZ  . PHE A 1 101 ? -9.686  5.749   -11.240 1.00 18.39 ? 101 PHE A CZ  1 
ATOM   737  N  N   . THR A 1 102 ? -8.051  4.856   -16.520 1.00 17.87 ? 102 THR A N   1 
ATOM   738  C  CA  . THR A 1 102 ? -7.391  6.099   -16.865 1.00 18.76 ? 102 THR A CA  1 
ATOM   739  C  C   . THR A 1 102 ? -8.309  7.295   -16.704 1.00 18.18 ? 102 THR A C   1 
ATOM   740  O  O   . THR A 1 102 ? -9.512  7.200   -16.935 1.00 18.17 ? 102 THR A O   1 
ATOM   741  C  CB  . THR A 1 102 ? -6.898  6.054   -18.327 1.00 21.73 ? 102 THR A CB  1 
ATOM   742  O  OG1 . THR A 1 102 ? -5.936  5.001   -18.471 1.00 24.21 ? 102 THR A OG1 1 
ATOM   743  C  CG2 . THR A 1 102 ? -6.268  7.376   -18.730 1.00 24.50 ? 102 THR A CG2 1 
ATOM   744  N  N   . VAL A 1 103 ? -7.736  8.416   -16.286 1.00 17.20 ? 103 VAL A N   1 
ATOM   745  C  CA  . VAL A 1 103 ? -8.494  9.650   -16.151 1.00 17.29 ? 103 VAL A CA  1 
ATOM   746  C  C   . VAL A 1 103 ? -8.054  10.522  -17.317 1.00 20.06 ? 103 VAL A C   1 
ATOM   747  O  O   . VAL A 1 103 ? -6.860  10.719  -17.536 1.00 19.04 ? 103 VAL A O   1 
ATOM   748  C  CB  . VAL A 1 103 ? -8.190  10.376  -14.823 1.00 17.94 ? 103 VAL A CB  1 
ATOM   749  C  CG1 . VAL A 1 103 ? -8.803  11.772  -14.838 1.00 17.33 ? 103 VAL A CG1 1 
ATOM   750  C  CG2 . VAL A 1 103 ? -8.757  9.577   -13.660 1.00 19.09 ? 103 VAL A CG2 1 
ATOM   751  N  N   . LYS A 1 104 ? -9.022  11.019  -18.078 1.00 22.73 ? 104 LYS A N   1 
ATOM   752  C  CA  . LYS A 1 104 ? -8.729  11.867  -19.224 1.00 29.14 ? 104 LYS A CA  1 
ATOM   753  C  C   . LYS A 1 104 ? -9.167  13.300  -18.949 1.00 32.60 ? 104 LYS A C   1 
ATOM   754  O  O   . LYS A 1 104 ? -8.366  14.221  -19.213 1.00 34.35 ? 104 LYS A O   1 
ATOM   755  C  CB  . LYS A 1 104 ? -9.434  11.326  -20.472 1.00 31.13 ? 104 LYS A CB  1 
ATOM   756  C  CG  . LYS A 1 104 ? -10.925 11.114  -20.297 1.00 34.26 ? 104 LYS A CG  1 
ATOM   757  C  CD  . LYS A 1 104 ? -11.562 10.578  -21.568 1.00 36.71 ? 104 LYS A CD  1 
ATOM   758  C  CE  . LYS A 1 104 ? -13.048 10.326  -21.375 1.00 38.20 ? 104 LYS A CE  1 
ATOM   759  N  NZ  . LYS A 1 104 ? -13.776 11.570  -20.997 1.00 39.61 ? 104 LYS A NZ  1 
ATOM   760  O  OXT . LYS A 1 104 ? -10.311 13.484  -18.479 1.00 35.45 ? 104 LYS A OXT 1 
ATOM   761  N  N   . HIS B 1 2   ? 20.573  -6.188  -10.270 1.00 39.08 ? 2   HIS B N   1 
ATOM   762  C  CA  . HIS B 1 2   ? 19.467  -5.564  -9.489  1.00 38.55 ? 2   HIS B CA  1 
ATOM   763  C  C   . HIS B 1 2   ? 19.775  -5.623  -7.997  1.00 36.94 ? 2   HIS B C   1 
ATOM   764  O  O   . HIS B 1 2   ? 20.529  -6.483  -7.542  1.00 37.13 ? 2   HIS B O   1 
ATOM   765  C  CB  . HIS B 1 2   ? 18.148  -6.291  -9.769  1.00 40.81 ? 2   HIS B CB  1 
ATOM   766  C  CG  . HIS B 1 2   ? 17.830  -6.423  -11.225 1.00 42.79 ? 2   HIS B CG  1 
ATOM   767  N  ND1 . HIS B 1 2   ? 17.875  -5.356  -12.097 1.00 44.77 ? 2   HIS B ND1 1 
ATOM   768  C  CD2 . HIS B 1 2   ? 17.458  -7.496  -11.963 1.00 43.80 ? 2   HIS B CD2 1 
ATOM   769  C  CE1 . HIS B 1 2   ? 17.546  -5.767  -13.309 1.00 44.09 ? 2   HIS B CE1 1 
ATOM   770  N  NE2 . HIS B 1 2   ? 17.288  -7.060  -13.255 1.00 44.92 ? 2   HIS B NE2 1 
ATOM   771  N  N   . PRO B 1 3   ? 19.197  -4.701  -7.213  1.00 35.53 ? 3   PRO B N   1 
ATOM   772  C  CA  . PRO B 1 3   ? 19.436  -4.681  -5.768  1.00 34.08 ? 3   PRO B CA  1 
ATOM   773  C  C   . PRO B 1 3   ? 18.822  -5.869  -5.031  1.00 33.29 ? 3   PRO B C   1 
ATOM   774  O  O   . PRO B 1 3   ? 17.768  -6.379  -5.412  1.00 32.49 ? 3   PRO B O   1 
ATOM   775  C  CB  . PRO B 1 3   ? 18.822  -3.353  -5.338  1.00 33.91 ? 3   PRO B CB  1 
ATOM   776  C  CG  . PRO B 1 3   ? 17.682  -3.196  -6.296  1.00 34.88 ? 3   PRO B CG  1 
ATOM   777  C  CD  . PRO B 1 3   ? 18.314  -3.589  -7.612  1.00 35.02 ? 3   PRO B CD  1 
ATOM   778  N  N   . GLU B 1 4   ? 19.505  -6.309  -3.980  1.00 31.84 ? 4   GLU B N   1 
ATOM   779  C  CA  . GLU B 1 4   ? 19.043  -7.411  -3.149  1.00 30.92 ? 4   GLU B CA  1 
ATOM   780  C  C   . GLU B 1 4   ? 19.168  -6.944  -1.703  1.00 27.97 ? 4   GLU B C   1 
ATOM   781  O  O   . GLU B 1 4   ? 20.157  -6.311  -1.340  1.00 25.90 ? 4   GLU B O   1 
ATOM   782  C  CB  . GLU B 1 4   ? 19.909  -8.654  -3.371  1.00 34.31 ? 4   GLU B CB  1 
ATOM   783  C  CG  . GLU B 1 4   ? 19.894  -9.185  -4.799  1.00 38.63 ? 4   GLU B CG  1 
ATOM   784  C  CD  . GLU B 1 4   ? 20.720  -10.447 -4.964  1.00 41.71 ? 4   GLU B CD  1 
ATOM   785  O  OE1 . GLU B 1 4   ? 20.777  -10.980 -6.093  1.00 44.46 ? 4   GLU B OE1 1 
ATOM   786  O  OE2 . GLU B 1 4   ? 21.314  -10.908 -3.966  1.00 43.71 ? 4   GLU B OE2 1 
ATOM   787  N  N   . LEU B 1 5   ? 18.167  -7.244  -0.882  1.00 26.64 ? 5   LEU B N   1 
ATOM   788  C  CA  . LEU B 1 5   ? 18.207  -6.834  0.517   1.00 25.78 ? 5   LEU B CA  1 
ATOM   789  C  C   . LEU B 1 5   ? 19.249  -7.656  1.264   1.00 25.52 ? 5   LEU B C   1 
ATOM   790  O  O   . LEU B 1 5   ? 19.100  -8.868  1.417   1.00 27.90 ? 5   LEU B O   1 
ATOM   791  C  CB  . LEU B 1 5   ? 16.837  -7.026  1.172   1.00 25.35 ? 5   LEU B CB  1 
ATOM   792  C  CG  . LEU B 1 5   ? 16.731  -6.550  2.624   1.00 24.87 ? 5   LEU B CG  1 
ATOM   793  C  CD1 . LEU B 1 5   ? 16.936  -5.042  2.695   1.00 23.64 ? 5   LEU B CD1 1 
ATOM   794  C  CD2 . LEU B 1 5   ? 15.366  -6.926  3.183   1.00 26.59 ? 5   LEU B CD2 1 
ATOM   795  N  N   . LYS B 1 6   ? 20.304  -6.994  1.726   1.00 24.29 ? 6   LYS B N   1 
ATOM   796  C  CA  . LYS B 1 6   ? 21.370  -7.669  2.453   1.00 24.57 ? 6   LYS B CA  1 
ATOM   797  C  C   . LYS B 1 6   ? 21.053  -7.789  3.938   1.00 23.38 ? 6   LYS B C   1 
ATOM   798  O  O   . LYS B 1 6   ? 21.365  -8.799  4.570   1.00 23.84 ? 6   LYS B O   1 
ATOM   799  C  CB  . LYS B 1 6   ? 22.692  -6.920  2.271   1.00 26.63 ? 6   LYS B CB  1 
ATOM   800  C  CG  . LYS B 1 6   ? 23.266  -7.004  0.865   1.00 30.77 ? 6   LYS B CG  1 
ATOM   801  C  CD  . LYS B 1 6   ? 24.570  -6.233  0.761   1.00 33.72 ? 6   LYS B CD  1 
ATOM   802  C  CE  . LYS B 1 6   ? 25.625  -6.790  1.705   1.00 36.65 ? 6   LYS B CE  1 
ATOM   803  N  NZ  . LYS B 1 6   ? 26.860  -5.958  1.689   1.00 37.72 ? 6   LYS B NZ  1 
ATOM   804  N  N   . SER B 1 7   ? 20.432  -6.754  4.495   1.00 21.78 ? 7   SER B N   1 
ATOM   805  C  CA  . SER B 1 7   ? 20.081  -6.761  5.908   1.00 19.33 ? 7   SER B CA  1 
ATOM   806  C  C   . SER B 1 7   ? 19.117  -5.631  6.220   1.00 18.52 ? 7   SER B C   1 
ATOM   807  O  O   . SER B 1 7   ? 18.926  -4.721  5.416   1.00 17.44 ? 7   SER B O   1 
ATOM   808  C  CB  . SER B 1 7   ? 21.335  -6.614  6.777   1.00 20.65 ? 7   SER B CB  1 
ATOM   809  O  OG  . SER B 1 7   ? 21.974  -5.362  6.573   1.00 23.42 ? 7   SER B OG  1 
ATOM   810  N  N   . SER B 1 8   ? 18.503  -5.702  7.390   1.00 17.10 ? 8   SER B N   1 
ATOM   811  C  CA  . SER B 1 8   ? 17.569  -4.671  7.809   1.00 18.00 ? 8   SER B CA  1 
ATOM   812  C  C   . SER B 1 8   ? 17.605  -4.553  9.320   1.00 18.15 ? 8   SER B C   1 
ATOM   813  O  O   . SER B 1 8   ? 18.009  -5.481  10.020  1.00 18.17 ? 8   SER B O   1 
ATOM   814  C  CB  . SER B 1 8   ? 16.146  -5.019  7.365   1.00 19.70 ? 8   SER B CB  1 
ATOM   815  O  OG  . SER B 1 8   ? 15.677  -6.179  8.040   1.00 18.65 ? 8   SER B OG  1 
ATOM   816  N  N   . VAL B 1 9   ? 17.205  -3.389  9.810   1.00 18.40 ? 9   VAL B N   1 
ATOM   817  C  CA  . VAL B 1 9   ? 17.131  -3.145  11.238  1.00 19.12 ? 9   VAL B CA  1 
ATOM   818  C  C   . VAL B 1 9   ? 15.839  -2.371  11.441  1.00 19.93 ? 9   VAL B C   1 
ATOM   819  O  O   . VAL B 1 9   ? 15.726  -1.226  11.006  1.00 19.18 ? 9   VAL B O   1 
ATOM   820  C  CB  . VAL B 1 9   ? 18.309  -2.292  11.751  1.00 19.09 ? 9   VAL B CB  1 
ATOM   821  C  CG1 . VAL B 1 9   ? 18.213  -2.156  13.266  1.00 21.61 ? 9   VAL B CG1 1 
ATOM   822  C  CG2 . VAL B 1 9   ? 19.634  -2.928  11.362  1.00 21.01 ? 9   VAL B CG2 1 
ATOM   823  N  N   . PRO B 1 10  ? 14.838  -2.981  12.099  1.00 18.61 ? 10  PRO B N   1 
ATOM   824  C  CA  . PRO B 1 10  ? 14.786  -4.327  12.680  1.00 18.80 ? 10  PRO B CA  1 
ATOM   825  C  C   . PRO B 1 10  ? 14.988  -5.468  11.692  1.00 19.20 ? 10  PRO B C   1 
ATOM   826  O  O   . PRO B 1 10  ? 14.599  -5.382  10.524  1.00 18.64 ? 10  PRO B O   1 
ATOM   827  C  CB  . PRO B 1 10  ? 13.390  -4.388  13.300  1.00 18.63 ? 10  PRO B CB  1 
ATOM   828  C  CG  . PRO B 1 10  ? 13.080  -2.972  13.603  1.00 19.34 ? 10  PRO B CG  1 
ATOM   829  C  CD  . PRO B 1 10  ? 13.591  -2.253  12.386  1.00 17.94 ? 10  PRO B CD  1 
ATOM   830  N  N   . GLN B 1 11  ? 15.589  -6.541  12.191  1.00 19.41 ? 11  GLN B N   1 
ATOM   831  C  CA  . GLN B 1 11  ? 15.847  -7.738  11.413  1.00 19.54 ? 11  GLN B CA  1 
ATOM   832  C  C   . GLN B 1 11  ? 14.535  -8.497  11.199  1.00 18.66 ? 11  GLN B C   1 
ATOM   833  O  O   . GLN B 1 11  ? 13.625  -8.434  12.030  1.00 17.63 ? 11  GLN B O   1 
ATOM   834  C  CB  . GLN B 1 11  ? 16.863  -8.607  12.166  1.00 23.13 ? 11  GLN B CB  1 
ATOM   835  C  CG  . GLN B 1 11  ? 16.832  -10.086 11.842  1.00 30.29 ? 11  GLN B CG  1 
ATOM   836  C  CD  . GLN B 1 11  ? 17.795  -10.882 12.706  1.00 31.75 ? 11  GLN B CD  1 
ATOM   837  O  OE1 . GLN B 1 11  ? 17.818  -10.732 13.930  1.00 34.04 ? 11  GLN B OE1 1 
ATOM   838  N  NE2 . GLN B 1 11  ? 18.591  -11.737 12.073  1.00 34.00 ? 11  GLN B NE2 1 
ATOM   839  N  N   . ALA B 1 12  ? 14.430  -9.201  10.078  1.00 17.61 ? 12  ALA B N   1 
ATOM   840  C  CA  . ALA B 1 12  ? 13.228  -9.969  9.789   1.00 17.20 ? 12  ALA B CA  1 
ATOM   841  C  C   . ALA B 1 12  ? 12.982  -11.005 10.878  1.00 17.95 ? 12  ALA B C   1 
ATOM   842  O  O   . ALA B 1 12  ? 13.916  -11.647 11.361  1.00 17.09 ? 12  ALA B O   1 
ATOM   843  C  CB  . ALA B 1 12  ? 13.353  -10.659 8.431   1.00 19.88 ? 12  ALA B CB  1 
ATOM   844  N  N   . ASP B 1 13  ? 11.717  -11.151 11.263  1.00 18.12 ? 13  ASP B N   1 
ATOM   845  C  CA  . ASP B 1 13  ? 11.298  -12.113 12.276  1.00 20.24 ? 13  ASP B CA  1 
ATOM   846  C  C   . ASP B 1 13  ? 11.893  -11.892 13.656  1.00 19.53 ? 13  ASP B C   1 
ATOM   847  O  O   . ASP B 1 13  ? 12.117  -12.845 14.408  1.00 21.14 ? 13  ASP B O   1 
ATOM   848  C  CB  . ASP B 1 13  ? 11.612  -13.531 11.801  1.00 24.04 ? 13  ASP B CB  1 
ATOM   849  C  CG  . ASP B 1 13  ? 10.875  -13.888 10.530  1.00 31.35 ? 13  ASP B CG  1 
ATOM   850  O  OD1 . ASP B 1 13  ? 9.645   -13.673 10.482  1.00 35.08 ? 13  ASP B OD1 1 
ATOM   851  O  OD2 . ASP B 1 13  ? 11.520  -14.382 9.581   1.00 36.29 ? 13  ASP B OD2 1 
ATOM   852  N  N   . SER B 1 14  ? 12.143  -10.634 13.996  1.00 17.94 ? 14  SER B N   1 
ATOM   853  C  CA  . SER B 1 14  ? 12.705  -10.309 15.298  1.00 16.96 ? 14  SER B CA  1 
ATOM   854  C  C   . SER B 1 14  ? 11.664  -9.599  16.149  1.00 17.12 ? 14  SER B C   1 
ATOM   855  O  O   . SER B 1 14  ? 10.641  -9.140  15.641  1.00 18.04 ? 14  SER B O   1 
ATOM   856  C  CB  . SER B 1 14  ? 13.920  -9.392  15.143  1.00 18.87 ? 14  SER B CB  1 
ATOM   857  O  OG  . SER B 1 14  ? 13.527  -8.101  14.699  1.00 19.86 ? 14  SER B OG  1 
ATOM   858  N  N   . ALA B 1 15  ? 11.928  -9.537  17.448  1.00 14.83 ? 15  ALA B N   1 
ATOM   859  C  CA  . ALA B 1 15  ? 11.061  -8.840  18.393  1.00 14.85 ? 15  ALA B CA  1 
ATOM   860  C  C   . ALA B 1 15  ? 11.981  -7.780  18.993  1.00 17.05 ? 15  ALA B C   1 
ATOM   861  O  O   . ALA B 1 15  ? 13.026  -8.106  19.562  1.00 17.82 ? 15  ALA B O   1 
ATOM   862  C  CB  . ALA B 1 15  ? 10.563  -9.795  19.471  1.00 14.76 ? 15  ALA B CB  1 
ATOM   863  N  N   . VAL B 1 16  ? 11.601  -6.513  18.854  1.00 16.12 ? 16  VAL B N   1 
ATOM   864  C  CA  . VAL B 1 16  ? 12.432  -5.418  19.339  1.00 16.89 ? 16  VAL B CA  1 
ATOM   865  C  C   . VAL B 1 16  ? 11.640  -4.322  20.038  1.00 16.75 ? 16  VAL B C   1 
ATOM   866  O  O   . VAL B 1 16  ? 10.417  -4.273  19.958  1.00 16.28 ? 16  VAL B O   1 
ATOM   867  C  CB  . VAL B 1 16  ? 13.182  -4.747  18.158  1.00 17.27 ? 16  VAL B CB  1 
ATOM   868  C  CG1 . VAL B 1 16  ? 14.067  -5.759  17.441  1.00 19.60 ? 16  VAL B CG1 1 
ATOM   869  C  CG2 . VAL B 1 16  ? 12.169  -4.159  17.177  1.00 17.38 ? 16  VAL B CG2 1 
ATOM   870  N  N   . ALA B 1 17  ? 12.352  -3.441  20.729  1.00 18.90 ? 17  ALA B N   1 
ATOM   871  C  CA  . ALA B 1 17  ? 11.709  -2.309  21.374  1.00 20.42 ? 17  ALA B CA  1 
ATOM   872  C  C   . ALA B 1 17  ? 11.347  -1.436  20.174  1.00 21.09 ? 17  ALA B C   1 
ATOM   873  O  O   . ALA B 1 17  ? 11.984  -1.544  19.124  1.00 22.84 ? 17  ALA B O   1 
ATOM   874  C  CB  . ALA B 1 17  ? 12.695  -1.591  22.283  1.00 21.24 ? 17  ALA B CB  1 
ATOM   875  N  N   . ALA B 1 18  ? 10.334  -0.586  20.305  1.00 20.18 ? 18  ALA B N   1 
ATOM   876  C  CA  . ALA B 1 18  ? 9.931   0.264   19.183  1.00 20.78 ? 18  ALA B CA  1 
ATOM   877  C  C   . ALA B 1 18  ? 11.125  0.969   18.537  1.00 21.57 ? 18  ALA B C   1 
ATOM   878  O  O   . ALA B 1 18  ? 11.845  1.722   19.195  1.00 23.29 ? 18  ALA B O   1 
ATOM   879  C  CB  . ALA B 1 18  ? 8.908   1.291   19.650  1.00 21.17 ? 18  ALA B CB  1 
ATOM   880  N  N   . PRO B 1 19  ? 11.354  0.730   17.233  1.00 20.44 ? 19  PRO B N   1 
ATOM   881  C  CA  . PRO B 1 19  ? 12.480  1.369   16.543  1.00 20.42 ? 19  PRO B CA  1 
ATOM   882  C  C   . PRO B 1 19  ? 12.199  2.826   16.164  1.00 19.83 ? 19  PRO B C   1 
ATOM   883  O  O   . PRO B 1 19  ? 11.064  3.184   15.853  1.00 20.60 ? 19  PRO B O   1 
ATOM   884  C  CB  . PRO B 1 19  ? 12.663  0.488   15.313  1.00 20.92 ? 19  PRO B CB  1 
ATOM   885  C  CG  . PRO B 1 19  ? 11.253  0.121   14.980  1.00 21.56 ? 19  PRO B CG  1 
ATOM   886  C  CD  . PRO B 1 19  ? 10.671  -0.227  16.341  1.00 20.90 ? 19  PRO B CD  1 
ATOM   887  N  N   . GLU B 1 20  ? 13.234  3.659   16.199  1.00 20.12 ? 20  GLU B N   1 
ATOM   888  C  CA  . GLU B 1 20  ? 13.087  5.065   15.837  1.00 20.00 ? 20  GLU B CA  1 
ATOM   889  C  C   . GLU B 1 20  ? 12.957  5.194   14.325  1.00 19.52 ? 20  GLU B C   1 
ATOM   890  O  O   . GLU B 1 20  ? 12.329  6.120   13.815  1.00 18.85 ? 20  GLU B O   1 
ATOM   891  C  CB  . GLU B 1 20  ? 14.281  5.879   16.344  1.00 22.96 ? 20  GLU B CB  1 
ATOM   892  C  CG  . GLU B 1 20  ? 14.257  6.091   17.854  1.00 28.09 ? 20  GLU B CG  1 
ATOM   893  C  CD  . GLU B 1 20  ? 15.256  7.131   18.335  1.00 30.62 ? 20  GLU B CD  1 
ATOM   894  O  OE1 . GLU B 1 20  ? 15.045  7.687   19.432  1.00 34.07 ? 20  GLU B OE1 1 
ATOM   895  O  OE2 . GLU B 1 20  ? 16.250  7.386   17.626  1.00 33.50 ? 20  GLU B OE2 1 
ATOM   896  N  N   . LYS B 1 21  ? 13.564  4.256   13.611  1.00 18.56 ? 21  LYS B N   1 
ATOM   897  C  CA  . LYS B 1 21  ? 13.486  4.242   12.163  1.00 19.94 ? 21  LYS B CA  1 
ATOM   898  C  C   . LYS B 1 21  ? 13.782  2.826   11.704  1.00 19.64 ? 21  LYS B C   1 
ATOM   899  O  O   . LYS B 1 21  ? 14.291  2.004   12.476  1.00 19.50 ? 21  LYS B O   1 
ATOM   900  C  CB  . LYS B 1 21  ? 14.490  5.226   11.542  1.00 22.29 ? 21  LYS B CB  1 
ATOM   901  C  CG  . LYS B 1 21  ? 15.917  4.708   11.388  1.00 26.96 ? 21  LYS B CG  1 
ATOM   902  C  CD  . LYS B 1 21  ? 16.670  4.613   12.696  1.00 30.34 ? 21  LYS B CD  1 
ATOM   903  C  CE  . LYS B 1 21  ? 18.114  4.187   12.436  1.00 32.07 ? 21  LYS B CE  1 
ATOM   904  N  NZ  . LYS B 1 21  ? 18.930  4.112   13.678  1.00 33.21 ? 21  LYS B NZ  1 
ATOM   905  N  N   . ILE B 1 22  ? 13.434  2.531   10.462  1.00 17.02 ? 22  ILE B N   1 
ATOM   906  C  CA  . ILE B 1 22  ? 13.691  1.211   9.909   1.00 18.48 ? 22  ILE B CA  1 
ATOM   907  C  C   . ILE B 1 22  ? 14.741  1.383   8.825   1.00 17.78 ? 22  ILE B C   1 
ATOM   908  O  O   . ILE B 1 22  ? 14.559  2.165   7.892   1.00 18.35 ? 22  ILE B O   1 
ATOM   909  C  CB  . ILE B 1 22  ? 12.411  0.597   9.310   1.00 18.24 ? 22  ILE B CB  1 
ATOM   910  C  CG1 . ILE B 1 22  ? 11.347  0.462   10.405  1.00 21.82 ? 22  ILE B CG1 1 
ATOM   911  C  CG2 . ILE B 1 22  ? 12.721  -0.761  8.697   1.00 20.17 ? 22  ILE B CG2 1 
ATOM   912  C  CD1 . ILE B 1 22  ? 9.982   0.060   9.902   1.00 21.60 ? 22  ILE B CD1 1 
ATOM   913  N  N   . GLN B 1 23  ? 15.847  0.661   8.959   1.00 16.71 ? 23  GLN B N   1 
ATOM   914  C  CA  . GLN B 1 23  ? 16.929  0.747   7.990   1.00 18.80 ? 23  GLN B CA  1 
ATOM   915  C  C   . GLN B 1 23  ? 16.963  -0.467  7.066   1.00 17.83 ? 23  GLN B C   1 
ATOM   916  O  O   . GLN B 1 23  ? 16.977  -1.611  7.529   1.00 17.52 ? 23  GLN B O   1 
ATOM   917  C  CB  . GLN B 1 23  ? 18.268  0.881   8.723   1.00 21.83 ? 23  GLN B CB  1 
ATOM   918  C  CG  . GLN B 1 23  ? 19.487  0.856   7.810   1.00 27.09 ? 23  GLN B CG  1 
ATOM   919  C  CD  . GLN B 1 23  ? 19.540  2.040   6.872   1.00 32.74 ? 23  GLN B CD  1 
ATOM   920  O  OE1 . GLN B 1 23  ? 19.805  3.168   7.290   1.00 36.84 ? 23  GLN B OE1 1 
ATOM   921  N  NE2 . GLN B 1 23  ? 19.279  1.794   5.594   1.00 36.14 ? 23  GLN B NE2 1 
ATOM   922  N  N   . LEU B 1 24  ? 16.964  -0.207  5.761   1.00 16.61 ? 24  LEU B N   1 
ATOM   923  C  CA  . LEU B 1 24  ? 17.022  -1.262  4.754   1.00 15.39 ? 24  LEU B CA  1 
ATOM   924  C  C   . LEU B 1 24  ? 18.343  -1.126  4.001   1.00 16.74 ? 24  LEU B C   1 
ATOM   925  O  O   . LEU B 1 24  ? 18.605  -0.099  3.374   1.00 15.99 ? 24  LEU B O   1 
ATOM   926  C  CB  . LEU B 1 24  ? 15.846  -1.135  3.777   1.00 17.29 ? 24  LEU B CB  1 
ATOM   927  C  CG  . LEU B 1 24  ? 14.442  -1.175  4.392   1.00 18.17 ? 24  LEU B CG  1 
ATOM   928  C  CD1 . LEU B 1 24  ? 13.400  -0.989  3.298   1.00 19.73 ? 24  LEU B CD1 1 
ATOM   929  C  CD2 . LEU B 1 24  ? 14.224  -2.496  5.113   1.00 18.71 ? 24  LEU B CD2 1 
ATOM   930  N  N   . ASN B 1 25  ? 19.168  -2.168  4.064   1.00 17.59 ? 25  ASN B N   1 
ATOM   931  C  CA  . ASN B 1 25  ? 20.471  -2.161  3.407   1.00 17.11 ? 25  ASN B CA  1 
ATOM   932  C  C   . ASN B 1 25  ? 20.491  -3.102  2.207   1.00 18.67 ? 25  ASN B C   1 
ATOM   933  O  O   . ASN B 1 25  ? 20.212  -4.292  2.337   1.00 19.78 ? 25  ASN B O   1 
ATOM   934  C  CB  . ASN B 1 25  ? 21.549  -2.567  4.412   1.00 18.58 ? 25  ASN B CB  1 
ATOM   935  C  CG  . ASN B 1 25  ? 21.529  -1.701  5.658   1.00 20.28 ? 25  ASN B CG  1 
ATOM   936  O  OD1 . ASN B 1 25  ? 21.670  -0.481  5.582   1.00 22.53 ? 25  ASN B OD1 1 
ATOM   937  N  ND2 . ASN B 1 25  ? 21.345  -2.329  6.813   1.00 22.02 ? 25  ASN B ND2 1 
ATOM   938  N  N   . PHE B 1 26  ? 20.831  -2.563  1.039   1.00 18.59 ? 26  PHE B N   1 
ATOM   939  C  CA  . PHE B 1 26  ? 20.865  -3.364  -0.177  1.00 19.23 ? 26  PHE B CA  1 
ATOM   940  C  C   . PHE B 1 26  ? 22.274  -3.599  -0.716  1.00 21.35 ? 26  PHE B C   1 
ATOM   941  O  O   . PHE B 1 26  ? 23.243  -3.016  -0.234  1.00 21.86 ? 26  PHE B O   1 
ATOM   942  C  CB  . PHE B 1 26  ? 19.976  -2.720  -1.249  1.00 18.27 ? 26  PHE B CB  1 
ATOM   943  C  CG  . PHE B 1 26  ? 18.533  -2.600  -0.837  1.00 16.19 ? 26  PHE B CG  1 
ATOM   944  C  CD1 . PHE B 1 26  ? 18.102  -1.526  -0.064  1.00 16.97 ? 26  PHE B CD1 1 
ATOM   945  C  CD2 . PHE B 1 26  ? 17.615  -3.594  -1.173  1.00 16.33 ? 26  PHE B CD2 1 
ATOM   946  C  CE1 . PHE B 1 26  ? 16.778  -1.445  0.371   1.00 16.02 ? 26  PHE B CE1 1 
ATOM   947  C  CE2 . PHE B 1 26  ? 16.288  -3.519  -0.741  1.00 15.00 ? 26  PHE B CE2 1 
ATOM   948  C  CZ  . PHE B 1 26  ? 15.871  -2.443  0.033   1.00 15.66 ? 26  PHE B CZ  1 
ATOM   949  N  N   . SER B 1 27  ? 22.370  -4.468  -1.717  1.00 23.11 ? 27  SER B N   1 
ATOM   950  C  CA  . SER B 1 27  ? 23.649  -4.830  -2.326  1.00 23.35 ? 27  SER B CA  1 
ATOM   951  C  C   . SER B 1 27  ? 24.153  -3.866  -3.396  1.00 25.11 ? 27  SER B C   1 
ATOM   952  O  O   . SER B 1 27  ? 25.311  -3.945  -3.809  1.00 26.65 ? 27  SER B O   1 
ATOM   953  C  CB  . SER B 1 27  ? 23.540  -6.229  -2.930  1.00 24.68 ? 27  SER B CB  1 
ATOM   954  O  OG  . SER B 1 27  ? 22.505  -6.274  -3.899  1.00 26.23 ? 27  SER B OG  1 
ATOM   955  N  N   . GLU B 1 28  ? 23.291  -2.964  -3.852  1.00 24.15 ? 28  GLU B N   1 
ATOM   956  C  CA  . GLU B 1 28  ? 23.676  -2.008  -4.886  1.00 25.36 ? 28  GLU B CA  1 
ATOM   957  C  C   . GLU B 1 28  ? 23.236  -0.600  -4.511  1.00 23.63 ? 28  GLU B C   1 
ATOM   958  O  O   . GLU B 1 28  ? 22.342  -0.421  -3.687  1.00 22.43 ? 28  GLU B O   1 
ATOM   959  C  CB  . GLU B 1 28  ? 23.033  -2.397  -6.222  1.00 28.12 ? 28  GLU B CB  1 
ATOM   960  C  CG  . GLU B 1 28  ? 23.396  -3.793  -6.712  1.00 32.75 ? 28  GLU B CG  1 
ATOM   961  C  CD  . GLU B 1 28  ? 24.837  -3.900  -7.175  1.00 36.38 ? 28  GLU B CD  1 
ATOM   962  O  OE1 . GLU B 1 28  ? 25.312  -5.037  -7.390  1.00 37.23 ? 28  GLU B OE1 1 
ATOM   963  O  OE2 . GLU B 1 28  ? 25.493  -2.848  -7.334  1.00 38.77 ? 28  GLU B OE2 1 
ATOM   964  N  N   . ASN B 1 29  ? 23.872  0.400   -5.113  1.00 23.14 ? 29  ASN B N   1 
ATOM   965  C  CA  . ASN B 1 29  ? 23.501  1.781   -4.845  1.00 22.69 ? 29  ASN B CA  1 
ATOM   966  C  C   . ASN B 1 29  ? 22.061  1.937   -5.307  1.00 23.33 ? 29  ASN B C   1 
ATOM   967  O  O   . ASN B 1 29  ? 21.683  1.442   -6.370  1.00 22.64 ? 29  ASN B O   1 
ATOM   968  C  CB  . ASN B 1 29  ? 24.413  2.744   -5.611  1.00 25.60 ? 29  ASN B CB  1 
ATOM   969  C  CG  . ASN B 1 29  ? 25.860  2.642   -5.173  1.00 29.37 ? 29  ASN B CG  1 
ATOM   970  O  OD1 . ASN B 1 29  ? 26.164  2.690   -3.981  1.00 30.54 ? 29  ASN B OD1 1 
ATOM   971  N  ND2 . ASN B 1 29  ? 26.763  2.508   -6.138  1.00 33.43 ? 29  ASN B ND2 1 
ATOM   972  N  N   . LEU B 1 30  ? 21.259  2.626   -4.505  1.00 20.86 ? 30  LEU B N   1 
ATOM   973  C  CA  . LEU B 1 30  ? 19.850  2.815   -4.819  1.00 21.91 ? 30  LEU B CA  1 
ATOM   974  C  C   . LEU B 1 30  ? 19.507  4.077   -5.587  1.00 21.36 ? 30  LEU B C   1 
ATOM   975  O  O   . LEU B 1 30  ? 20.122  5.128   -5.398  1.00 24.18 ? 30  LEU B O   1 
ATOM   976  C  CB  . LEU B 1 30  ? 19.022  2.830   -3.533  1.00 21.10 ? 30  LEU B CB  1 
ATOM   977  C  CG  . LEU B 1 30  ? 18.953  1.602   -2.629  1.00 21.59 ? 30  LEU B CG  1 
ATOM   978  C  CD1 . LEU B 1 30  ? 18.191  1.963   -1.357  1.00 21.77 ? 30  LEU B CD1 1 
ATOM   979  C  CD2 . LEU B 1 30  ? 18.276  0.457   -3.362  1.00 20.55 ? 30  LEU B CD2 1 
ATOM   980  N  N   . THR B 1 31  ? 18.519  3.950   -6.467  1.00 19.84 ? 31  THR B N   1 
ATOM   981  C  CA  . THR B 1 31  ? 17.989  5.080   -7.211  1.00 18.93 ? 31  THR B CA  1 
ATOM   982  C  C   . THR B 1 31  ? 16.762  5.343   -6.352  1.00 18.00 ? 31  THR B C   1 
ATOM   983  O  O   . THR B 1 31  ? 15.672  4.837   -6.612  1.00 17.60 ? 31  THR B O   1 
ATOM   984  C  CB  . THR B 1 31  ? 17.557  4.690   -8.634  1.00 19.69 ? 31  THR B CB  1 
ATOM   985  O  OG1 . THR B 1 31  ? 18.702  4.246   -9.373  1.00 22.67 ? 31  THR B OG1 1 
ATOM   986  C  CG2 . THR B 1 31  ? 16.935  5.883   -9.339  1.00 19.42 ? 31  THR B CG2 1 
ATOM   987  N  N   . VAL B 1 32  ? 16.972  6.110   -5.291  1.00 18.46 ? 32  VAL B N   1 
ATOM   988  C  CA  . VAL B 1 32  ? 15.922  6.412   -4.332  1.00 18.43 ? 32  VAL B CA  1 
ATOM   989  C  C   . VAL B 1 32  ? 14.647  7.012   -4.911  1.00 17.84 ? 32  VAL B C   1 
ATOM   990  O  O   . VAL B 1 32  ? 13.553  6.707   -4.441  1.00 18.67 ? 32  VAL B O   1 
ATOM   991  C  CB  . VAL B 1 32  ? 16.470  7.322   -3.217  1.00 18.87 ? 32  VAL B CB  1 
ATOM   992  C  CG1 . VAL B 1 32  ? 15.356  7.717   -2.260  1.00 20.43 ? 32  VAL B CG1 1 
ATOM   993  C  CG2 . VAL B 1 32  ? 17.576  6.593   -2.465  1.00 20.35 ? 32  VAL B CG2 1 
ATOM   994  N  N   . LYS B 1 33  ? 14.778  7.848   -5.936  1.00 16.77 ? 33  LYS B N   1 
ATOM   995  C  CA  . LYS B 1 33  ? 13.606  8.472   -6.545  1.00 16.45 ? 33  LYS B CA  1 
ATOM   996  C  C   . LYS B 1 33  ? 12.610  7.461   -7.118  1.00 16.98 ? 33  LYS B C   1 
ATOM   997  O  O   . LYS B 1 33  ? 11.440  7.784   -7.316  1.00 16.74 ? 33  LYS B O   1 
ATOM   998  C  CB  . LYS B 1 33  ? 14.035  9.451   -7.644  1.00 17.99 ? 33  LYS B CB  1 
ATOM   999  C  CG  . LYS B 1 33  ? 14.789  8.809   -8.791  1.00 16.60 ? 33  LYS B CG  1 
ATOM   1000 C  CD  . LYS B 1 33  ? 15.073  9.827   -9.885  1.00 19.69 ? 33  LYS B CD  1 
ATOM   1001 C  CE  . LYS B 1 33  ? 15.834  9.188   -11.034 1.00 18.50 ? 33  LYS B CE  1 
ATOM   1002 N  NZ  . LYS B 1 33  ? 16.109  10.148  -12.138 1.00 20.47 ? 33  LYS B NZ  1 
ATOM   1003 N  N   . PHE B 1 34  ? 13.073  6.239   -7.375  1.00 15.84 ? 34  PHE B N   1 
ATOM   1004 C  CA  . PHE B 1 34  ? 12.225  5.182   -7.926  1.00 16.08 ? 34  PHE B CA  1 
ATOM   1005 C  C   . PHE B 1 34  ? 11.986  4.090   -6.887  1.00 16.50 ? 34  PHE B C   1 
ATOM   1006 O  O   . PHE B 1 34  ? 11.347  3.078   -7.173  1.00 17.33 ? 34  PHE B O   1 
ATOM   1007 C  CB  . PHE B 1 34  ? 12.894  4.547   -9.150  1.00 15.83 ? 34  PHE B CB  1 
ATOM   1008 C  CG  . PHE B 1 34  ? 13.070  5.483   -10.320 1.00 17.51 ? 34  PHE B CG  1 
ATOM   1009 C  CD1 . PHE B 1 34  ? 14.016  5.201   -11.300 1.00 19.32 ? 34  PHE B CD1 1 
ATOM   1010 C  CD2 . PHE B 1 34  ? 12.273  6.617   -10.467 1.00 17.25 ? 34  PHE B CD2 1 
ATOM   1011 C  CE1 . PHE B 1 34  ? 14.168  6.030   -12.411 1.00 18.97 ? 34  PHE B CE1 1 
ATOM   1012 C  CE2 . PHE B 1 34  ? 12.419  7.455   -11.578 1.00 17.76 ? 34  PHE B CE2 1 
ATOM   1013 C  CZ  . PHE B 1 34  ? 13.367  7.158   -12.550 1.00 19.33 ? 34  PHE B CZ  1 
ATOM   1014 N  N   . SER B 1 35  ? 12.500  4.300   -5.681  1.00 16.57 ? 35  SER B N   1 
ATOM   1015 C  CA  . SER B 1 35  ? 12.358  3.311   -4.625  1.00 17.03 ? 35  SER B CA  1 
ATOM   1016 C  C   . SER B 1 35  ? 11.351  3.781   -3.588  1.00 18.73 ? 35  SER B C   1 
ATOM   1017 O  O   . SER B 1 35  ? 10.874  4.916   -3.640  1.00 19.81 ? 35  SER B O   1 
ATOM   1018 C  CB  . SER B 1 35  ? 13.718  3.062   -3.966  1.00 15.69 ? 35  SER B CB  1 
ATOM   1019 O  OG  . SER B 1 35  ? 14.672  2.627   -4.927  1.00 16.98 ? 35  SER B OG  1 
ATOM   1020 N  N   . GLY B 1 36  ? 11.020  2.902   -2.652  1.00 18.68 ? 36  GLY B N   1 
ATOM   1021 C  CA  . GLY B 1 36  ? 10.068  3.279   -1.626  1.00 18.21 ? 36  GLY B CA  1 
ATOM   1022 C  C   . GLY B 1 36  ? 9.755   2.139   -0.687  1.00 17.99 ? 36  GLY B C   1 
ATOM   1023 O  O   . GLY B 1 36  ? 10.278  1.036   -0.830  1.00 17.08 ? 36  GLY B O   1 
ATOM   1024 N  N   . ALA B 1 37  ? 8.897   2.407   0.287   1.00 18.70 ? 37  ALA B N   1 
ATOM   1025 C  CA  . ALA B 1 37  ? 8.516   1.379   1.237   1.00 18.61 ? 37  ALA B CA  1 
ATOM   1026 C  C   . ALA B 1 37  ? 7.280   1.807   1.996   1.00 20.10 ? 37  ALA B C   1 
ATOM   1027 O  O   . ALA B 1 37  ? 6.966   2.997   2.078   1.00 21.85 ? 37  ALA B O   1 
ATOM   1028 C  CB  . ALA B 1 37  ? 9.660   1.108   2.210   1.00 20.60 ? 37  ALA B CB  1 
ATOM   1029 N  N   . LYS B 1 38  ? 6.567   0.828   2.535   1.00 19.73 ? 38  LYS B N   1 
ATOM   1030 C  CA  . LYS B 1 38  ? 5.372   1.113   3.305   1.00 20.12 ? 38  LYS B CA  1 
ATOM   1031 C  C   . LYS B 1 38  ? 5.401   0.253   4.554   1.00 17.53 ? 38  LYS B C   1 
ATOM   1032 O  O   . LYS B 1 38  ? 6.039   -0.806  4.581   1.00 18.20 ? 38  LYS B O   1 
ATOM   1033 C  CB  . LYS B 1 38  ? 4.112   0.827   2.487   1.00 22.74 ? 38  LYS B CB  1 
ATOM   1034 C  CG  . LYS B 1 38  ? 3.860   -0.629  2.179   1.00 27.05 ? 38  LYS B CG  1 
ATOM   1035 C  CD  . LYS B 1 38  ? 2.599   -0.784  1.337   1.00 32.33 ? 38  LYS B CD  1 
ATOM   1036 C  CE  . LYS B 1 38  ? 2.257   -2.247  1.112   1.00 34.19 ? 38  LYS B CE  1 
ATOM   1037 N  NZ  . LYS B 1 38  ? 1.063   -2.409  0.237   1.00 38.31 ? 38  LYS B NZ  1 
ATOM   1038 N  N   . LEU B 1 39  ? 4.715   0.723   5.586   1.00 16.52 ? 39  LEU B N   1 
ATOM   1039 C  CA  . LEU B 1 39  ? 4.654   0.026   6.861   1.00 16.02 ? 39  LEU B CA  1 
ATOM   1040 C  C   . LEU B 1 39  ? 3.193   -0.225  7.213   1.00 16.00 ? 39  LEU B C   1 
ATOM   1041 O  O   . LEU B 1 39  ? 2.352   0.660   7.067   1.00 15.15 ? 39  LEU B O   1 
ATOM   1042 C  CB  . LEU B 1 39  ? 5.315   0.885   7.940   1.00 16.19 ? 39  LEU B CB  1 
ATOM   1043 C  CG  . LEU B 1 39  ? 5.446   0.319   9.355   1.00 16.83 ? 39  LEU B CG  1 
ATOM   1044 C  CD1 . LEU B 1 39  ? 6.290   -0.950  9.342   1.00 18.50 ? 39  LEU B CD1 1 
ATOM   1045 C  CD2 . LEU B 1 39  ? 6.084   1.374   10.248  1.00 17.87 ? 39  LEU B CD2 1 
ATOM   1046 N  N   . THR B 1 40  ? 2.897   -1.437  7.670   1.00 14.85 ? 40  THR B N   1 
ATOM   1047 C  CA  . THR B 1 40  ? 1.540   -1.814  8.039   1.00 14.93 ? 40  THR B CA  1 
ATOM   1048 C  C   . THR B 1 40  ? 1.542   -2.530  9.385   1.00 14.83 ? 40  THR B C   1 
ATOM   1049 O  O   . THR B 1 40  ? 2.396   -3.383  9.625   1.00 15.50 ? 40  THR B O   1 
ATOM   1050 C  CB  . THR B 1 40  ? 0.946   -2.782  7.003   1.00 16.54 ? 40  THR B CB  1 
ATOM   1051 O  OG1 . THR B 1 40  ? 1.025   -2.193  5.698   1.00 19.46 ? 40  THR B OG1 1 
ATOM   1052 C  CG2 . THR B 1 40  ? -0.504  -3.102  7.337   1.00 18.90 ? 40  THR B CG2 1 
HETATM 1053 N  N   . MSE B 1 41  ? 0.614   -2.176  10.270  1.00 12.99 ? 41  MSE B N   1 
HETATM 1054 C  CA  . MSE B 1 41  ? 0.532   -2.870  11.552  1.00 15.19 ? 41  MSE B CA  1 
HETATM 1055 C  C   . MSE B 1 41  ? -0.483  -3.972  11.300  1.00 14.38 ? 41  MSE B C   1 
HETATM 1056 O  O   . MSE B 1 41  ? -1.681  -3.713  11.188  1.00 15.30 ? 41  MSE B O   1 
HETATM 1057 C  CB  . MSE B 1 41  ? 0.037   -1.962  12.678  1.00 14.52 ? 41  MSE B CB  1 
HETATM 1058 C  CG  . MSE B 1 41  ? 0.097   -2.663  14.037  1.00 16.64 ? 41  MSE B CG  1 
HETATM 1059 SE SE  . MSE B 1 41  ? -0.431  -1.575  15.532  0.80 17.89 ? 41  MSE B SE  1 
HETATM 1060 C  CE  . MSE B 1 41  ? -2.299  -1.479  15.098  1.00 19.59 ? 41  MSE B CE  1 
ATOM   1061 N  N   . THR B 1 42  ? 0.005   -5.199  11.193  1.00 13.19 ? 42  THR B N   1 
ATOM   1062 C  CA  . THR B 1 42  ? -0.862  -6.325  10.895  1.00 15.03 ? 42  THR B CA  1 
ATOM   1063 C  C   . THR B 1 42  ? -1.512  -6.968  12.110  1.00 16.52 ? 42  THR B C   1 
ATOM   1064 O  O   . THR B 1 42  ? -2.475  -7.726  11.973  1.00 19.86 ? 42  THR B O   1 
ATOM   1065 C  CB  . THR B 1 42  ? -0.088  -7.386  10.094  1.00 17.71 ? 42  THR B CB  1 
ATOM   1066 O  OG1 . THR B 1 42  ? 1.088   -7.771  10.812  1.00 19.66 ? 42  THR B OG1 1 
ATOM   1067 C  CG2 . THR B 1 42  ? 0.333   -6.813  8.747   1.00 18.31 ? 42  THR B CG2 1 
ATOM   1068 N  N   . GLY B 1 43  ? -0.996  -6.664  13.294  1.00 14.60 ? 43  GLY B N   1 
ATOM   1069 C  CA  . GLY B 1 43  ? -1.569  -7.237  14.499  1.00 15.82 ? 43  GLY B CA  1 
ATOM   1070 C  C   . GLY B 1 43  ? -1.272  -6.431  15.745  1.00 15.23 ? 43  GLY B C   1 
ATOM   1071 O  O   . GLY B 1 43  ? -0.238  -5.773  15.836  1.00 15.20 ? 43  GLY B O   1 
HETATM 1072 N  N   . MSE B 1 44  ? -2.191  -6.475  16.705  1.00 14.94 ? 44  MSE B N   1 
HETATM 1073 C  CA  . MSE B 1 44  ? -2.029  -5.764  17.967  1.00 16.51 ? 44  MSE B CA  1 
HETATM 1074 C  C   . MSE B 1 44  ? -2.985  -6.361  18.991  1.00 17.58 ? 44  MSE B C   1 
HETATM 1075 O  O   . MSE B 1 44  ? -4.131  -6.668  18.668  1.00 16.04 ? 44  MSE B O   1 
HETATM 1076 C  CB  . MSE B 1 44  ? -2.335  -4.269  17.791  1.00 19.01 ? 44  MSE B CB  1 
HETATM 1077 C  CG  . MSE B 1 44  ? -2.175  -3.459  19.072  1.00 18.72 ? 44  MSE B CG  1 
HETATM 1078 SE SE  . MSE B 1 44  ? -2.648  -1.597  18.895  0.80 21.48 ? 44  MSE B SE  1 
HETATM 1079 C  CE  . MSE B 1 44  ? -4.554  -1.801  18.937  1.00 20.57 ? 44  MSE B CE  1 
ATOM   1080 N  N   . LYS B 1 45  ? -2.518  -6.539  20.223  1.00 18.35 ? 45  LYS B N   1 
ATOM   1081 C  CA  . LYS B 1 45  ? -3.384  -7.088  21.259  1.00 19.85 ? 45  LYS B CA  1 
ATOM   1082 C  C   . LYS B 1 45  ? -4.581  -6.162  21.448  1.00 20.05 ? 45  LYS B C   1 
ATOM   1083 O  O   . LYS B 1 45  ? -4.420  -4.956  21.628  1.00 20.98 ? 45  LYS B O   1 
ATOM   1084 C  CB  . LYS B 1 45  ? -2.621  -7.223  22.578  1.00 22.69 ? 45  LYS B CB  1 
ATOM   1085 C  CG  . LYS B 1 45  ? -3.454  -7.787  23.720  1.00 27.22 ? 45  LYS B CG  1 
ATOM   1086 C  CD  . LYS B 1 45  ? -3.944  -9.192  23.404  1.00 32.62 ? 45  LYS B CD  1 
ATOM   1087 C  CE  . LYS B 1 45  ? -4.688  -9.803  24.582  1.00 34.61 ? 45  LYS B CE  1 
ATOM   1088 N  NZ  . LYS B 1 45  ? -5.180  -11.173 24.265  1.00 36.88 ? 45  LYS B NZ  1 
ATOM   1089 N  N   . GLY B 1 46  ? -5.781  -6.729  21.394  1.00 19.23 ? 46  GLY B N   1 
ATOM   1090 C  CA  . GLY B 1 46  ? -6.980  -5.928  21.559  1.00 18.98 ? 46  GLY B CA  1 
ATOM   1091 C  C   . GLY B 1 46  ? -7.665  -5.619  20.242  1.00 17.89 ? 46  GLY B C   1 
ATOM   1092 O  O   . GLY B 1 46  ? -8.848  -5.279  20.213  1.00 18.02 ? 46  GLY B O   1 
HETATM 1093 N  N   . MSE B 1 47  ? -6.919  -5.731  19.148  1.00 16.33 ? 47  MSE B N   1 
HETATM 1094 C  CA  . MSE B 1 47  ? -7.460  -5.468  17.817  1.00 16.01 ? 47  MSE B CA  1 
HETATM 1095 C  C   . MSE B 1 47  ? -7.801  -6.776  17.108  1.00 15.87 ? 47  MSE B C   1 
HETATM 1096 O  O   . MSE B 1 47  ? -7.240  -7.826  17.418  1.00 15.68 ? 47  MSE B O   1 
HETATM 1097 C  CB  . MSE B 1 47  ? -6.439  -4.688  16.983  1.00 16.13 ? 47  MSE B CB  1 
HETATM 1098 C  CG  . MSE B 1 47  ? -6.920  -4.319  15.582  1.00 16.64 ? 47  MSE B CG  1 
HETATM 1099 SE SE  . MSE B 1 47  ? -5.660  -3.192  14.607  0.80 16.93 ? 47  MSE B SE  1 
HETATM 1100 C  CE  . MSE B 1 47  ? -4.487  -4.561  13.916  1.00 18.19 ? 47  MSE B CE  1 
ATOM   1101 N  N   . SER B 1 48  ? -8.727  -6.711  16.160  1.00 15.59 ? 48  SER B N   1 
ATOM   1102 C  CA  . SER B 1 48  ? -9.108  -7.896  15.409  1.00 17.52 ? 48  SER B CA  1 
ATOM   1103 C  C   . SER B 1 48  ? -7.918  -8.439  14.626  1.00 18.49 ? 48  SER B C   1 
ATOM   1104 O  O   . SER B 1 48  ? -6.962  -7.719  14.349  1.00 17.83 ? 48  SER B O   1 
ATOM   1105 C  CB  . SER B 1 48  ? -10.243 -7.570  14.442  1.00 19.79 ? 48  SER B CB  1 
ATOM   1106 O  OG  . SER B 1 48  ? -10.492 -8.663  13.575  1.00 27.87 ? 48  SER B OG  1 
ATOM   1107 N  N   . SER B 1 49  ? -7.985  -9.715  14.269  1.00 18.86 ? 49  SER B N   1 
ATOM   1108 C  CA  . SER B 1 49  ? -6.917  -10.349 13.510  1.00 20.63 ? 49  SER B CA  1 
ATOM   1109 C  C   . SER B 1 49  ? -7.069  -10.109 12.009  1.00 20.68 ? 49  SER B C   1 
ATOM   1110 O  O   . SER B 1 49  ? -6.199  -10.490 11.227  1.00 23.16 ? 49  SER B O   1 
ATOM   1111 C  CB  . SER B 1 49  ? -6.905  -11.854 13.787  1.00 21.44 ? 49  SER B CB  1 
ATOM   1112 O  OG  . SER B 1 49  ? -8.159  -12.436 13.481  1.00 26.84 ? 49  SER B OG  1 
ATOM   1113 N  N   . HIS B 1 50  ? -8.164  -9.470  11.606  1.00 19.31 ? 50  HIS B N   1 
ATOM   1114 C  CA  . HIS B 1 50  ? -8.406  -9.225  10.189  1.00 19.37 ? 50  HIS B CA  1 
ATOM   1115 C  C   . HIS B 1 50  ? -8.539  -7.766  9.778   1.00 18.84 ? 50  HIS B C   1 
ATOM   1116 O  O   . HIS B 1 50  ? -9.233  -7.452  8.811   1.00 18.98 ? 50  HIS B O   1 
ATOM   1117 C  CB  . HIS B 1 50  ? -9.655  -9.984  9.733   1.00 22.94 ? 50  HIS B CB  1 
ATOM   1118 C  CG  . HIS B 1 50  ? -9.496  -11.472 9.754   1.00 27.34 ? 50  HIS B CG  1 
ATOM   1119 N  ND1 . HIS B 1 50  ? -9.536  -12.209 10.917  1.00 30.61 ? 50  HIS B ND1 1 
ATOM   1120 C  CD2 . HIS B 1 50  ? -9.271  -12.357 8.755   1.00 30.30 ? 50  HIS B CD2 1 
ATOM   1121 C  CE1 . HIS B 1 50  ? -9.343  -13.485 10.635  1.00 30.73 ? 50  HIS B CE1 1 
ATOM   1122 N  NE2 . HIS B 1 50  ? -9.179  -13.602 9.329   1.00 31.16 ? 50  HIS B NE2 1 
ATOM   1123 N  N   . SER B 1 51  ? -7.862  -6.875  10.494  1.00 17.90 ? 51  SER B N   1 
ATOM   1124 C  CA  . SER B 1 51  ? -7.938  -5.461  10.169  1.00 18.33 ? 51  SER B CA  1 
ATOM   1125 C  C   . SER B 1 51  ? -6.577  -4.787  10.155  1.00 18.63 ? 51  SER B C   1 
ATOM   1126 O  O   . SER B 1 51  ? -6.282  -3.955  11.015  1.00 17.80 ? 51  SER B O   1 
ATOM   1127 C  CB  . SER B 1 51  ? -8.850  -4.739  11.162  1.00 21.97 ? 51  SER B CB  1 
ATOM   1128 O  OG  . SER B 1 51  ? -10.130 -5.338  11.188  1.00 30.59 ? 51  SER B OG  1 
ATOM   1129 N  N   . PRO B 1 52  ? -5.725  -5.141  9.180   1.00 16.71 ? 52  PRO B N   1 
ATOM   1130 C  CA  . PRO B 1 52  ? -4.394  -4.529  9.091   1.00 17.44 ? 52  PRO B CA  1 
ATOM   1131 C  C   . PRO B 1 52  ? -4.520  -3.006  8.977   1.00 16.77 ? 52  PRO B C   1 
ATOM   1132 O  O   . PRO B 1 52  ? -5.413  -2.505  8.288   1.00 19.15 ? 52  PRO B O   1 
ATOM   1133 C  CB  . PRO B 1 52  ? -3.791  -5.187  7.847   1.00 18.12 ? 52  PRO B CB  1 
ATOM   1134 C  CG  . PRO B 1 52  ? -4.989  -5.577  7.033   1.00 19.01 ? 52  PRO B CG  1 
ATOM   1135 C  CD  . PRO B 1 52  ? -5.948  -6.087  8.074   1.00 17.62 ? 52  PRO B CD  1 
HETATM 1136 N  N   . MSE B 1 53  ? -3.630  -2.288  9.663   1.00 16.06 ? 53  MSE B N   1 
HETATM 1137 C  CA  . MSE B 1 53  ? -3.641  -0.823  9.696   1.00 18.24 ? 53  MSE B CA  1 
HETATM 1138 C  C   . MSE B 1 53  ? -2.417  -0.187  9.054   1.00 17.82 ? 53  MSE B C   1 
HETATM 1139 O  O   . MSE B 1 53  ? -1.291  -0.428  9.481   1.00 17.58 ? 53  MSE B O   1 
HETATM 1140 C  CB  . MSE B 1 53  ? -3.680  -0.312  11.143  1.00 20.07 ? 53  MSE B CB  1 
HETATM 1141 C  CG  . MSE B 1 53  ? -4.916  -0.628  11.965  1.00 20.90 ? 53  MSE B CG  1 
HETATM 1142 SE SE  . MSE B 1 53  ? -6.403  0.532   11.569  1.00 36.75 ? 53  MSE B SE  1 
HETATM 1143 C  CE  . MSE B 1 53  ? -7.303  -0.739  10.557  1.00 12.98 ? 53  MSE B CE  1 
ATOM   1144 N  N   . PRO B 1 54  ? -2.617  0.642   8.022   1.00 17.89 ? 54  PRO B N   1 
ATOM   1145 C  CA  . PRO B 1 54  ? -1.444  1.269   7.413   1.00 17.79 ? 54  PRO B CA  1 
ATOM   1146 C  C   . PRO B 1 54  ? -0.836  2.231   8.438   1.00 17.26 ? 54  PRO B C   1 
ATOM   1147 O  O   . PRO B 1 54  ? -1.560  2.834   9.234   1.00 17.47 ? 54  PRO B O   1 
ATOM   1148 C  CB  . PRO B 1 54  ? -2.036  2.013   6.221   1.00 19.37 ? 54  PRO B CB  1 
ATOM   1149 C  CG  . PRO B 1 54  ? -3.200  1.148   5.836   1.00 21.55 ? 54  PRO B CG  1 
ATOM   1150 C  CD  . PRO B 1 54  ? -3.810  0.820   7.178   1.00 20.33 ? 54  PRO B CD  1 
ATOM   1151 N  N   . VAL B 1 55  ? 0.487   2.349   8.436   1.00 15.54 ? 55  VAL B N   1 
ATOM   1152 C  CA  . VAL B 1 55  ? 1.185   3.251   9.346   1.00 14.94 ? 55  VAL B CA  1 
ATOM   1153 C  C   . VAL B 1 55  ? 1.893   4.299   8.499   1.00 15.74 ? 55  VAL B C   1 
ATOM   1154 O  O   . VAL B 1 55  ? 2.806   3.974   7.747   1.00 16.89 ? 55  VAL B O   1 
ATOM   1155 C  CB  . VAL B 1 55  ? 2.243   2.504   10.184  1.00 14.78 ? 55  VAL B CB  1 
ATOM   1156 C  CG1 . VAL B 1 55  ? 2.936   3.475   11.137  1.00 16.85 ? 55  VAL B CG1 1 
ATOM   1157 C  CG2 . VAL B 1 55  ? 1.587   1.372   10.950  1.00 17.43 ? 55  VAL B CG2 1 
ATOM   1158 N  N   . ALA B 1 56  ? 1.465   5.553   8.614   1.00 16.25 ? 56  ALA B N   1 
ATOM   1159 C  CA  . ALA B 1 56  ? 2.079   6.622   7.838   1.00 15.91 ? 56  ALA B CA  1 
ATOM   1160 C  C   . ALA B 1 56  ? 3.570   6.679   8.120   1.00 17.32 ? 56  ALA B C   1 
ATOM   1161 O  O   . ALA B 1 56  ? 4.000   6.562   9.269   1.00 15.29 ? 56  ALA B O   1 
ATOM   1162 C  CB  . ALA B 1 56  ? 1.432   7.953   8.179   1.00 17.92 ? 56  ALA B CB  1 
ATOM   1163 N  N   . ALA B 1 57  ? 4.358   6.861   7.068   1.00 16.49 ? 57  ALA B N   1 
ATOM   1164 C  CA  . ALA B 1 57  ? 5.801   6.928   7.220   1.00 17.33 ? 57  ALA B CA  1 
ATOM   1165 C  C   . ALA B 1 57  ? 6.406   7.691   6.056   1.00 18.64 ? 57  ALA B C   1 
ATOM   1166 O  O   . ALA B 1 57  ? 5.752   7.911   5.033   1.00 22.54 ? 57  ALA B O   1 
ATOM   1167 C  CB  . ALA B 1 57  ? 6.383   5.518   7.282   1.00 18.14 ? 57  ALA B CB  1 
ATOM   1168 N  N   . LYS B 1 58  ? 7.654   8.109   6.226   1.00 17.74 ? 58  LYS B N   1 
ATOM   1169 C  CA  . LYS B 1 58  ? 8.366   8.823   5.177   1.00 17.91 ? 58  LYS B CA  1 
ATOM   1170 C  C   . LYS B 1 58  ? 9.662   8.077   4.902   1.00 18.22 ? 58  LYS B C   1 
ATOM   1171 O  O   . LYS B 1 58  ? 10.241  7.461   5.801   1.00 18.19 ? 58  LYS B O   1 
ATOM   1172 C  CB  . LYS B 1 58  ? 8.647   10.267  5.606   1.00 19.65 ? 58  LYS B CB  1 
ATOM   1173 C  CG  . LYS B 1 58  ? 9.347   10.412  6.942   1.00 21.24 ? 58  LYS B CG  1 
ATOM   1174 C  CD  . LYS B 1 58  ? 9.188   11.832  7.479   1.00 23.50 ? 58  LYS B CD  1 
ATOM   1175 C  CE  . LYS B 1 58  ? 9.701   11.955  8.903   1.00 26.07 ? 58  LYS B CE  1 
ATOM   1176 N  NZ  . LYS B 1 58  ? 9.420   13.300  9.477   1.00 25.92 ? 58  LYS B NZ  1 
ATOM   1177 N  N   . VAL B 1 59  ? 10.102  8.110   3.652   1.00 15.96 ? 59  VAL B N   1 
ATOM   1178 C  CA  . VAL B 1 59  ? 11.326  7.428   3.269   1.00 18.01 ? 59  VAL B CA  1 
ATOM   1179 C  C   . VAL B 1 59  ? 12.404  8.436   2.923   1.00 17.18 ? 59  VAL B C   1 
ATOM   1180 O  O   . VAL B 1 59  ? 12.150  9.420   2.225   1.00 17.91 ? 59  VAL B O   1 
ATOM   1181 C  CB  . VAL B 1 59  ? 11.093  6.513   2.054   1.00 19.37 ? 59  VAL B CB  1 
ATOM   1182 C  CG1 . VAL B 1 59  ? 12.401  5.859   1.632   1.00 21.47 ? 59  VAL B CG1 1 
ATOM   1183 C  CG2 . VAL B 1 59  ? 10.057  5.463   2.393   1.00 22.76 ? 59  VAL B CG2 1 
ATOM   1184 N  N   . ALA B 1 60  ? 13.610  8.192   3.426   1.00 15.39 ? 60  ALA B N   1 
ATOM   1185 C  CA  . ALA B 1 60  ? 14.729  9.074   3.148   1.00 15.16 ? 60  ALA B CA  1 
ATOM   1186 C  C   . ALA B 1 60  ? 15.950  8.268   2.729   1.00 14.88 ? 60  ALA B C   1 
ATOM   1187 O  O   . ALA B 1 60  ? 16.093  7.095   3.081   1.00 14.21 ? 60  ALA B O   1 
ATOM   1188 C  CB  . ALA B 1 60  ? 15.064  9.909   4.376   1.00 17.24 ? 60  ALA B CB  1 
ATOM   1189 N  N   . PRO B 1 61  ? 16.843  8.881   1.947   1.00 14.23 ? 61  PRO B N   1 
ATOM   1190 C  CA  . PRO B 1 61  ? 18.040  8.153   1.527   1.00 14.44 ? 61  PRO B CA  1 
ATOM   1191 C  C   . PRO B 1 61  ? 18.943  7.939   2.737   1.00 14.71 ? 61  PRO B C   1 
ATOM   1192 O  O   . PRO B 1 61  ? 18.963  8.757   3.657   1.00 14.68 ? 61  PRO B O   1 
ATOM   1193 C  CB  . PRO B 1 61  ? 18.660  9.081   0.483   1.00 14.23 ? 61  PRO B CB  1 
ATOM   1194 C  CG  . PRO B 1 61  ? 18.222  10.440  0.930   1.00 16.47 ? 61  PRO B CG  1 
ATOM   1195 C  CD  . PRO B 1 61  ? 16.785  10.214  1.324   1.00 14.87 ? 61  PRO B CD  1 
ATOM   1196 N  N   . GLY B 1 62  ? 19.680  6.836   2.745   1.00 15.07 ? 62  GLY B N   1 
ATOM   1197 C  CA  . GLY B 1 62  ? 20.560  6.575   3.866   1.00 16.73 ? 62  GLY B CA  1 
ATOM   1198 C  C   . GLY B 1 62  ? 21.893  7.280   3.732   1.00 17.64 ? 62  GLY B C   1 
ATOM   1199 O  O   . GLY B 1 62  ? 22.186  7.879   2.697   1.00 20.09 ? 62  GLY B O   1 
ATOM   1200 N  N   . ALA B 1 63  ? 22.696  7.228   4.790   1.00 19.40 ? 63  ALA B N   1 
ATOM   1201 C  CA  . ALA B 1 63  ? 24.021  7.834   4.764   1.00 22.01 ? 63  ALA B CA  1 
ATOM   1202 C  C   . ALA B 1 63  ? 24.815  7.014   3.751   1.00 22.23 ? 63  ALA B C   1 
ATOM   1203 O  O   . ALA B 1 63  ? 25.632  7.540   2.993   1.00 24.89 ? 63  ALA B O   1 
ATOM   1204 C  CB  . ALA B 1 63  ? 24.660  7.748   6.138   1.00 23.47 ? 63  ALA B CB  1 
ATOM   1205 N  N   . ASP B 1 64  ? 24.559  5.713   3.749   1.00 21.50 ? 64  ASP B N   1 
ATOM   1206 C  CA  . ASP B 1 64  ? 25.196  4.797   2.814   1.00 22.64 ? 64  ASP B CA  1 
ATOM   1207 C  C   . ASP B 1 64  ? 24.283  4.792   1.588   1.00 21.26 ? 64  ASP B C   1 
ATOM   1208 O  O   . ASP B 1 64  ? 23.085  4.543   1.705   1.00 19.61 ? 64  ASP B O   1 
ATOM   1209 C  CB  . ASP B 1 64  ? 25.263  3.391   3.415   1.00 25.13 ? 64  ASP B CB  1 
ATOM   1210 C  CG  . ASP B 1 64  ? 26.034  2.418   2.544   1.00 29.81 ? 64  ASP B CG  1 
ATOM   1211 O  OD1 . ASP B 1 64  ? 25.724  2.314   1.339   1.00 28.80 ? 64  ASP B OD1 1 
ATOM   1212 O  OD2 . ASP B 1 64  ? 26.950  1.749   3.070   1.00 34.17 ? 64  ASP B OD2 1 
ATOM   1213 N  N   . PRO B 1 65  ? 24.837  5.072   0.398   1.00 20.52 ? 65  PRO B N   1 
ATOM   1214 C  CA  . PRO B 1 65  ? 24.060  5.101   -0.845  1.00 21.24 ? 65  PRO B CA  1 
ATOM   1215 C  C   . PRO B 1 65  ? 23.321  3.804   -1.175  1.00 19.48 ? 65  PRO B C   1 
ATOM   1216 O  O   . PRO B 1 65  ? 22.431  3.795   -2.024  1.00 19.92 ? 65  PRO B O   1 
ATOM   1217 C  CB  . PRO B 1 65  ? 25.110  5.440   -1.901  1.00 23.64 ? 65  PRO B CB  1 
ATOM   1218 C  CG  . PRO B 1 65  ? 26.091  6.262   -1.139  1.00 25.61 ? 65  PRO B CG  1 
ATOM   1219 C  CD  . PRO B 1 65  ? 26.226  5.498   0.151   1.00 22.31 ? 65  PRO B CD  1 
ATOM   1220 N  N   . LYS B 1 66  ? 23.694  2.712   -0.515  1.00 17.26 ? 66  LYS B N   1 
ATOM   1221 C  CA  . LYS B 1 66  ? 23.045  1.431   -0.766  1.00 17.52 ? 66  LYS B CA  1 
ATOM   1222 C  C   . LYS B 1 66  ? 21.896  1.185   0.203   1.00 17.36 ? 66  LYS B C   1 
ATOM   1223 O  O   . LYS B 1 66  ? 21.284  0.119   0.196   1.00 16.89 ? 66  LYS B O   1 
ATOM   1224 C  CB  . LYS B 1 66  ? 24.061  0.292   -0.657  1.00 19.74 ? 66  LYS B CB  1 
ATOM   1225 C  CG  . LYS B 1 66  ? 25.220  0.432   -1.624  1.00 22.12 ? 66  LYS B CG  1 
ATOM   1226 C  CD  . LYS B 1 66  ? 26.119  -0.789  -1.608  1.00 27.09 ? 66  LYS B CD  1 
ATOM   1227 C  CE  . LYS B 1 66  ? 27.314  -0.583  -2.524  1.00 28.91 ? 66  LYS B CE  1 
ATOM   1228 N  NZ  . LYS B 1 66  ? 28.200  -1.774  -2.557  1.00 33.07 ? 66  LYS B NZ  1 
ATOM   1229 N  N   . SER B 1 67  ? 21.582  2.185   1.020   1.00 17.67 ? 67  SER B N   1 
ATOM   1230 C  CA  . SER B 1 67  ? 20.509  2.023   1.994   1.00 17.17 ? 67  SER B CA  1 
ATOM   1231 C  C   . SER B 1 67  ? 19.461  3.124   1.962   1.00 17.79 ? 67  SER B C   1 
ATOM   1232 O  O   . SER B 1 67  ? 19.655  4.183   1.367   1.00 16.12 ? 67  SER B O   1 
ATOM   1233 C  CB  . SER B 1 67  ? 21.097  1.962   3.402   1.00 20.16 ? 67  SER B CB  1 
ATOM   1234 O  OG  . SER B 1 67  ? 21.580  3.234   3.802   1.00 23.00 ? 67  SER B OG  1 
HETATM 1235 N  N   . MSE B 1 68  ? 18.330  2.851   2.601   1.00 16.68 ? 68  MSE B N   1 
HETATM 1236 C  CA  . MSE B 1 68  ? 17.275  3.839   2.706   1.00 17.02 ? 68  MSE B CA  1 
HETATM 1237 C  C   . MSE B 1 68  ? 16.665  3.652   4.086   1.00 16.77 ? 68  MSE B C   1 
HETATM 1238 O  O   . MSE B 1 68  ? 16.793  2.583   4.692   1.00 16.59 ? 68  MSE B O   1 
HETATM 1239 C  CB  . MSE B 1 68  ? 16.233  3.706   1.576   1.00 21.07 ? 68  MSE B CB  1 
HETATM 1240 C  CG  . MSE B 1 68  ? 15.240  2.566   1.639   1.00 22.16 ? 68  MSE B CG  1 
HETATM 1241 SE SE  . MSE B 1 68  ? 14.006  2.696   0.100   0.70 26.99 ? 68  MSE B SE  1 
HETATM 1242 C  CE  . MSE B 1 68  ? 14.159  0.889   -0.558  1.00 26.13 ? 68  MSE B CE  1 
ATOM   1243 N  N   . VAL B 1 69  ? 16.051  4.702   4.609   1.00 15.82 ? 69  VAL B N   1 
ATOM   1244 C  CA  . VAL B 1 69  ? 15.463  4.629   5.932   1.00 17.30 ? 69  VAL B CA  1 
ATOM   1245 C  C   . VAL B 1 69  ? 13.994  4.992   5.913   1.00 16.05 ? 69  VAL B C   1 
ATOM   1246 O  O   . VAL B 1 69  ? 13.568  5.879   5.171   1.00 18.66 ? 69  VAL B O   1 
ATOM   1247 C  CB  . VAL B 1 69  ? 16.184  5.574   6.917   1.00 18.51 ? 69  VAL B CB  1 
ATOM   1248 C  CG1 . VAL B 1 69  ? 15.529  5.498   8.280   1.00 23.43 ? 69  VAL B CG1 1 
ATOM   1249 C  CG2 . VAL B 1 69  ? 17.657  5.201   7.017   1.00 21.32 ? 69  VAL B CG2 1 
ATOM   1250 N  N   . ILE B 1 70  ? 13.226  4.284   6.728   1.00 15.63 ? 70  ILE B N   1 
ATOM   1251 C  CA  . ILE B 1 70  ? 11.800  4.527   6.851   1.00 15.53 ? 70  ILE B CA  1 
ATOM   1252 C  C   . ILE B 1 70  ? 11.598  5.152   8.224   1.00 16.05 ? 70  ILE B C   1 
ATOM   1253 O  O   . ILE B 1 70  ? 11.966  4.561   9.238   1.00 16.61 ? 70  ILE B O   1 
ATOM   1254 C  CB  . ILE B 1 70  ? 10.994  3.216   6.796   1.00 17.61 ? 70  ILE B CB  1 
ATOM   1255 C  CG1 . ILE B 1 70  ? 11.375  2.412   5.550   1.00 20.16 ? 70  ILE B CG1 1 
ATOM   1256 C  CG2 . ILE B 1 70  ? 9.507   3.525   6.808   1.00 19.56 ? 70  ILE B CG2 1 
ATOM   1257 C  CD1 . ILE B 1 70  ? 11.218  3.167   4.257   1.00 26.69 ? 70  ILE B CD1 1 
ATOM   1258 N  N   . ILE B 1 71  ? 11.029  6.349   8.261   1.00 15.01 ? 71  ILE B N   1 
ATOM   1259 C  CA  . ILE B 1 71  ? 10.794  7.017   9.530   1.00 15.93 ? 71  ILE B CA  1 
ATOM   1260 C  C   . ILE B 1 71  ? 9.287   7.072   9.733   1.00 16.50 ? 71  ILE B C   1 
ATOM   1261 O  O   . ILE B 1 71  ? 8.581   7.732   8.977   1.00 16.12 ? 71  ILE B O   1 
ATOM   1262 C  CB  . ILE B 1 71  ? 11.366  8.460   9.531   1.00 17.72 ? 71  ILE B CB  1 
ATOM   1263 C  CG1 . ILE B 1 71  ? 12.873  8.431   9.242   1.00 19.58 ? 71  ILE B CG1 1 
ATOM   1264 C  CG2 . ILE B 1 71  ? 11.117  9.116   10.884  1.00 18.53 ? 71  ILE B CG2 1 
ATOM   1265 C  CD1 . ILE B 1 71  ? 13.222  8.044   7.821   1.00 25.31 ? 71  ILE B CD1 1 
ATOM   1266 N  N   . PRO B 1 72  ? 8.771   6.360   10.745  1.00 16.40 ? 72  PRO B N   1 
ATOM   1267 C  CA  . PRO B 1 72  ? 7.326   6.382   10.973  1.00 17.33 ? 72  PRO B CA  1 
ATOM   1268 C  C   . PRO B 1 72  ? 6.833   7.766   11.375  1.00 18.25 ? 72  PRO B C   1 
ATOM   1269 O  O   . PRO B 1 72  ? 7.540   8.511   12.055  1.00 17.93 ? 72  PRO B O   1 
ATOM   1270 C  CB  . PRO B 1 72  ? 7.136   5.355   12.086  1.00 18.96 ? 72  PRO B CB  1 
ATOM   1271 C  CG  . PRO B 1 72  ? 8.407   5.484   12.869  1.00 22.49 ? 72  PRO B CG  1 
ATOM   1272 C  CD  . PRO B 1 72  ? 9.451   5.546   11.770  1.00 18.38 ? 72  PRO B CD  1 
ATOM   1273 N  N   . ARG B 1 73  ? 5.623   8.107   10.941  1.00 15.31 ? 73  ARG B N   1 
ATOM   1274 C  CA  . ARG B 1 73  ? 5.036   9.397   11.276  1.00 17.02 ? 73  ARG B CA  1 
ATOM   1275 C  C   . ARG B 1 73  ? 4.095   9.265   12.466  1.00 16.88 ? 73  ARG B C   1 
ATOM   1276 O  O   . ARG B 1 73  ? 3.426   10.221  12.851  1.00 15.87 ? 73  ARG B O   1 
ATOM   1277 C  CB  . ARG B 1 73  ? 4.289   9.970   10.074  1.00 17.77 ? 73  ARG B CB  1 
ATOM   1278 C  CG  . ARG B 1 73  ? 5.200   10.387  8.933   1.00 24.10 ? 73  ARG B CG  1 
ATOM   1279 C  CD  . ARG B 1 73  ? 4.424   11.114  7.848   1.00 29.41 ? 73  ARG B CD  1 
ATOM   1280 N  NE  . ARG B 1 73  ? 5.306   11.589  6.788   1.00 35.75 ? 73  ARG B NE  1 
ATOM   1281 C  CZ  . ARG B 1 73  ? 4.912   12.352  5.773   1.00 38.19 ? 73  ARG B CZ  1 
ATOM   1282 N  NH1 . ARG B 1 73  ? 3.644   12.731  5.678   1.00 39.94 ? 73  ARG B NH1 1 
ATOM   1283 N  NH2 . ARG B 1 73  ? 5.789   12.738  4.855   1.00 38.45 ? 73  ARG B NH2 1 
ATOM   1284 N  N   . GLU B 1 74  ? 4.037   8.069   13.040  1.00 16.87 ? 74  GLU B N   1 
ATOM   1285 C  CA  . GLU B 1 74  ? 3.203   7.824   14.209  1.00 18.22 ? 74  GLU B CA  1 
ATOM   1286 C  C   . GLU B 1 74  ? 3.944   6.907   15.169  1.00 19.17 ? 74  GLU B C   1 
ATOM   1287 O  O   . GLU B 1 74  ? 4.939   6.284   14.800  1.00 19.62 ? 74  GLU B O   1 
ATOM   1288 C  CB  . GLU B 1 74  ? 1.853   7.199   13.817  1.00 22.59 ? 74  GLU B CB  1 
ATOM   1289 C  CG  . GLU B 1 74  ? 1.783   6.578   12.436  1.00 24.51 ? 74  GLU B CG  1 
ATOM   1290 C  CD  . GLU B 1 74  ? 0.384   6.072   12.095  1.00 22.63 ? 74  GLU B CD  1 
ATOM   1291 O  OE1 . GLU B 1 74  ? -0.165  5.281   12.892  1.00 23.12 ? 74  GLU B OE1 1 
ATOM   1292 O  OE2 . GLU B 1 74  ? -0.163  6.461   11.034  1.00 20.72 ? 74  GLU B OE2 1 
ATOM   1293 N  N   . PRO B 1 75  ? 3.497   6.847   16.431  1.00 19.11 ? 75  PRO B N   1 
ATOM   1294 C  CA  . PRO B 1 75  ? 4.172   5.969   17.388  1.00 19.36 ? 75  PRO B CA  1 
ATOM   1295 C  C   . PRO B 1 75  ? 3.936   4.531   16.936  1.00 19.49 ? 75  PRO B C   1 
ATOM   1296 O  O   . PRO B 1 75  ? 2.998   4.260   16.186  1.00 21.28 ? 75  PRO B O   1 
ATOM   1297 C  CB  . PRO B 1 75  ? 3.457   6.272   18.703  1.00 21.28 ? 75  PRO B CB  1 
ATOM   1298 C  CG  . PRO B 1 75  ? 2.990   7.691   18.527  1.00 22.18 ? 75  PRO B CG  1 
ATOM   1299 C  CD  . PRO B 1 75  ? 2.497   7.696   17.101  1.00 20.13 ? 75  PRO B CD  1 
ATOM   1300 N  N   . LEU B 1 76  ? 4.788   3.617   17.380  1.00 19.09 ? 76  LEU B N   1 
ATOM   1301 C  CA  . LEU B 1 76  ? 4.638   2.212   17.028  1.00 18.14 ? 76  LEU B CA  1 
ATOM   1302 C  C   . LEU B 1 76  ? 4.304   1.406   18.282  1.00 18.62 ? 76  LEU B C   1 
ATOM   1303 O  O   . LEU B 1 76  ? 5.202   1.007   19.028  1.00 21.62 ? 76  LEU B O   1 
ATOM   1304 C  CB  . LEU B 1 76  ? 5.928   1.675   16.402  1.00 18.77 ? 76  LEU B CB  1 
ATOM   1305 C  CG  . LEU B 1 76  ? 6.441   2.372   15.136  1.00 18.58 ? 76  LEU B CG  1 
ATOM   1306 C  CD1 . LEU B 1 76  ? 7.706   1.674   14.663  1.00 22.75 ? 76  LEU B CD1 1 
ATOM   1307 C  CD2 . LEU B 1 76  ? 5.377   2.346   14.047  1.00 20.19 ? 76  LEU B CD2 1 
ATOM   1308 N  N   . PRO B 1 77  ? 3.007   1.158   18.529  1.00 18.33 ? 77  PRO B N   1 
ATOM   1309 C  CA  . PRO B 1 77  ? 2.566   0.393   19.701  1.00 18.90 ? 77  PRO B CA  1 
ATOM   1310 C  C   . PRO B 1 77  ? 3.059   -1.045  19.618  1.00 16.80 ? 77  PRO B C   1 
ATOM   1311 O  O   . PRO B 1 77  ? 3.395   -1.530  18.533  1.00 17.06 ? 77  PRO B O   1 
ATOM   1312 C  CB  . PRO B 1 77  ? 1.041   0.443   19.606  1.00 22.67 ? 77  PRO B CB  1 
ATOM   1313 C  CG  . PRO B 1 77  ? 0.760   1.626   18.724  1.00 23.10 ? 77  PRO B CG  1 
ATOM   1314 C  CD  . PRO B 1 77  ? 1.857   1.572   17.711  1.00 19.86 ? 77  PRO B CD  1 
ATOM   1315 N  N   . ALA B 1 78  ? 3.109   -1.730  20.756  1.00 16.04 ? 78  ALA B N   1 
ATOM   1316 C  CA  . ALA B 1 78  ? 3.527   -3.124  20.742  1.00 15.77 ? 78  ALA B CA  1 
ATOM   1317 C  C   . ALA B 1 78  ? 2.562   -3.827  19.797  1.00 15.39 ? 78  ALA B C   1 
ATOM   1318 O  O   . ALA B 1 78  ? 1.344   -3.623  19.871  1.00 16.65 ? 78  ALA B O   1 
ATOM   1319 C  CB  . ALA B 1 78  ? 3.426   -3.723  22.130  1.00 16.78 ? 78  ALA B CB  1 
ATOM   1320 N  N   . GLY B 1 79  ? 3.112   -4.639  18.904  1.00 15.03 ? 79  GLY B N   1 
ATOM   1321 C  CA  . GLY B 1 79  ? 2.297   -5.351  17.939  1.00 15.46 ? 79  GLY B CA  1 
ATOM   1322 C  C   . GLY B 1 79  ? 3.167   -5.885  16.816  1.00 15.40 ? 79  GLY B C   1 
ATOM   1323 O  O   . GLY B 1 79  ? 4.393   -5.820  16.894  1.00 16.91 ? 79  GLY B O   1 
ATOM   1324 N  N   . THR B 1 80  ? 2.529   -6.396  15.767  1.00 14.76 ? 80  THR B N   1 
ATOM   1325 C  CA  . THR B 1 80  ? 3.237   -6.972  14.630  1.00 15.10 ? 80  THR B CA  1 
ATOM   1326 C  C   . THR B 1 80  ? 3.175   -6.035  13.430  1.00 14.17 ? 80  THR B C   1 
ATOM   1327 O  O   . THR B 1 80  ? 2.126   -5.457  13.139  1.00 14.03 ? 80  THR B O   1 
ATOM   1328 C  CB  . THR B 1 80  ? 2.624   -8.330  14.256  1.00 17.36 ? 80  THR B CB  1 
ATOM   1329 O  OG1 . THR B 1 80  ? 2.620   -9.175  15.415  1.00 23.06 ? 80  THR B OG1 1 
ATOM   1330 C  CG2 . THR B 1 80  ? 3.424   -9.000  13.158  1.00 18.84 ? 80  THR B CG2 1 
ATOM   1331 N  N   . TYR B 1 81  ? 4.302   -5.906  12.735  1.00 12.80 ? 81  TYR B N   1 
ATOM   1332 C  CA  . TYR B 1 81  ? 4.398   -5.015  11.585  1.00 13.21 ? 81  TYR B CA  1 
ATOM   1333 C  C   . TYR B 1 81  ? 4.971   -5.662  10.344  1.00 13.67 ? 81  TYR B C   1 
ATOM   1334 O  O   . TYR B 1 81  ? 5.838   -6.522  10.423  1.00 15.63 ? 81  TYR B O   1 
ATOM   1335 C  CB  . TYR B 1 81  ? 5.275   -3.814  11.929  1.00 12.33 ? 81  TYR B CB  1 
ATOM   1336 C  CG  . TYR B 1 81  ? 4.706   -2.953  13.016  1.00 13.56 ? 81  TYR B CG  1 
ATOM   1337 C  CD1 . TYR B 1 81  ? 4.852   -3.302  14.358  1.00 13.59 ? 81  TYR B CD1 1 
ATOM   1338 C  CD2 . TYR B 1 81  ? 3.977   -1.808  12.704  1.00 13.44 ? 81  TYR B CD2 1 
ATOM   1339 C  CE1 . TYR B 1 81  ? 4.286   -2.532  15.364  1.00 14.36 ? 81  TYR B CE1 1 
ATOM   1340 C  CE2 . TYR B 1 81  ? 3.406   -1.030  13.700  1.00 13.97 ? 81  TYR B CE2 1 
ATOM   1341 C  CZ  . TYR B 1 81  ? 3.564   -1.396  15.025  1.00 15.77 ? 81  TYR B CZ  1 
ATOM   1342 O  OH  . TYR B 1 81  ? 3.008   -0.622  16.007  1.00 15.67 ? 81  TYR B OH  1 
ATOM   1343 N  N   . ARG B 1 82  ? 4.488   -5.222  9.191   1.00 13.51 ? 82  ARG B N   1 
ATOM   1344 C  CA  . ARG B 1 82  ? 4.996   -5.732  7.933   1.00 14.14 ? 82  ARG B CA  1 
ATOM   1345 C  C   . ARG B 1 82  ? 5.600   -4.582  7.145   1.00 14.31 ? 82  ARG B C   1 
ATOM   1346 O  O   . ARG B 1 82  ? 4.998   -3.517  7.019   1.00 14.02 ? 82  ARG B O   1 
ATOM   1347 C  CB  . ARG B 1 82  ? 3.884   -6.384  7.112   1.00 16.44 ? 82  ARG B CB  1 
ATOM   1348 C  CG  . ARG B 1 82  ? 4.335   -6.774  5.713   1.00 19.86 ? 82  ARG B CG  1 
ATOM   1349 C  CD  . ARG B 1 82  ? 3.239   -7.473  4.935   1.00 24.07 ? 82  ARG B CD  1 
ATOM   1350 N  NE  . ARG B 1 82  ? 3.549   -7.509  3.511   1.00 30.43 ? 82  ARG B NE  1 
ATOM   1351 C  CZ  . ARG B 1 82  ? 2.887   -8.232  2.616   1.00 33.22 ? 82  ARG B CZ  1 
ATOM   1352 N  NH1 . ARG B 1 82  ? 1.867   -8.991  2.996   1.00 35.98 ? 82  ARG B NH1 1 
ATOM   1353 N  NH2 . ARG B 1 82  ? 3.243   -8.195  1.339   1.00 32.81 ? 82  ARG B NH2 1 
ATOM   1354 N  N   . VAL B 1 83  ? 6.807   -4.799  6.640   1.00 14.26 ? 83  VAL B N   1 
ATOM   1355 C  CA  . VAL B 1 83  ? 7.491   -3.799  5.837   1.00 14.73 ? 83  VAL B CA  1 
ATOM   1356 C  C   . VAL B 1 83  ? 7.454   -4.267  4.387   1.00 14.50 ? 83  VAL B C   1 
ATOM   1357 O  O   . VAL B 1 83  ? 7.848   -5.390  4.089   1.00 15.98 ? 83  VAL B O   1 
ATOM   1358 C  CB  . VAL B 1 83  ? 8.974   -3.651  6.255   1.00 14.44 ? 83  VAL B CB  1 
ATOM   1359 C  CG1 . VAL B 1 83  ? 9.680   -2.667  5.328   1.00 17.95 ? 83  VAL B CG1 1 
ATOM   1360 C  CG2 . VAL B 1 83  ? 9.069   -3.188  7.700   1.00 18.91 ? 83  VAL B CG2 1 
ATOM   1361 N  N   . ASP B 1 84  ? 6.940   -3.426  3.497   1.00 15.19 ? 84  ASP B N   1 
ATOM   1362 C  CA  . ASP B 1 84  ? 6.904   -3.752  2.073   1.00 15.70 ? 84  ASP B CA  1 
ATOM   1363 C  C   . ASP B 1 84  ? 7.870   -2.773  1.427   1.00 17.39 ? 84  ASP B C   1 
ATOM   1364 O  O   . ASP B 1 84  ? 7.764   -1.566  1.643   1.00 20.31 ? 84  ASP B O   1 
ATOM   1365 C  CB  . ASP B 1 84  ? 5.498   -3.557  1.500   1.00 17.29 ? 84  ASP B CB  1 
ATOM   1366 C  CG  . ASP B 1 84  ? 4.557   -4.688  1.864   1.00 21.28 ? 84  ASP B CG  1 
ATOM   1367 O  OD1 . ASP B 1 84  ? 4.719   -5.798  1.312   1.00 24.55 ? 84  ASP B OD1 1 
ATOM   1368 O  OD2 . ASP B 1 84  ? 3.657   -4.469  2.702   1.00 23.53 ? 84  ASP B OD2 1 
ATOM   1369 N  N   . TRP B 1 85  ? 8.821   -3.278  0.651   1.00 15.43 ? 85  TRP B N   1 
ATOM   1370 C  CA  . TRP B 1 85  ? 9.791   -2.392  0.023   1.00 14.62 ? 85  TRP B CA  1 
ATOM   1371 C  C   . TRP B 1 85  ? 9.902   -2.552  -1.487  1.00 15.49 ? 85  TRP B C   1 
ATOM   1372 O  O   . TRP B 1 85  ? 9.538   -3.588  -2.050  1.00 16.33 ? 85  TRP B O   1 
ATOM   1373 C  CB  . TRP B 1 85  ? 11.175  -2.565  0.668   1.00 15.00 ? 85  TRP B CB  1 
ATOM   1374 C  CG  . TRP B 1 85  ? 11.679  -3.976  0.716   1.00 17.17 ? 85  TRP B CG  1 
ATOM   1375 C  CD1 . TRP B 1 85  ? 11.564  -4.855  1.759   1.00 18.56 ? 85  TRP B CD1 1 
ATOM   1376 C  CD2 . TRP B 1 85  ? 12.392  -4.671  -0.315  1.00 19.27 ? 85  TRP B CD2 1 
ATOM   1377 N  NE1 . TRP B 1 85  ? 12.165  -6.049  1.441   1.00 18.73 ? 85  TRP B NE1 1 
ATOM   1378 C  CE2 . TRP B 1 85  ? 12.681  -5.965  0.175   1.00 20.30 ? 85  TRP B CE2 1 
ATOM   1379 C  CE3 . TRP B 1 85  ? 12.815  -4.326  -1.606  1.00 19.77 ? 85  TRP B CE3 1 
ATOM   1380 C  CZ2 . TRP B 1 85  ? 13.376  -6.916  -0.581  1.00 20.17 ? 85  TRP B CZ2 1 
ATOM   1381 C  CZ3 . TRP B 1 85  ? 13.508  -5.273  -2.359  1.00 20.21 ? 85  TRP B CZ3 1 
ATOM   1382 C  CH2 . TRP B 1 85  ? 13.780  -6.553  -1.841  1.00 20.38 ? 85  TRP B CH2 1 
ATOM   1383 N  N   . ARG B 1 86  ? 10.400  -1.493  -2.121  1.00 15.68 ? 86  ARG B N   1 
ATOM   1384 C  CA  . ARG B 1 86  ? 10.587  -1.422  -3.565  1.00 17.11 ? 86  ARG B CA  1 
ATOM   1385 C  C   . ARG B 1 86  ? 11.971  -0.804  -3.735  1.00 15.80 ? 86  ARG B C   1 
ATOM   1386 O  O   . ARG B 1 86  ? 12.202  0.333   -3.318  1.00 16.10 ? 86  ARG B O   1 
ATOM   1387 C  CB  . ARG B 1 86  ? 9.524   -0.504  -4.175  1.00 20.10 ? 86  ARG B CB  1 
ATOM   1388 C  CG  . ARG B 1 86  ? 9.589   -0.292  -5.686  1.00 25.68 ? 86  ARG B CG  1 
ATOM   1389 C  CD  . ARG B 1 86  ? 8.794   0.969   -6.040  1.00 30.02 ? 86  ARG B CD  1 
ATOM   1390 N  NE  . ARG B 1 86  ? 8.368   1.061   -7.437  1.00 36.55 ? 86  ARG B NE  1 
ATOM   1391 C  CZ  . ARG B 1 86  ? 9.185   1.099   -8.485  1.00 39.48 ? 86  ARG B CZ  1 
ATOM   1392 N  NH1 . ARG B 1 86  ? 10.496  1.046   -8.317  1.00 42.17 ? 86  ARG B NH1 1 
ATOM   1393 N  NH2 . ARG B 1 86  ? 8.684   1.204   -9.709  1.00 38.58 ? 86  ARG B NH2 1 
ATOM   1394 N  N   . ALA B 1 87  ? 12.896  -1.556  -4.322  1.00 16.24 ? 87  ALA B N   1 
ATOM   1395 C  CA  . ALA B 1 87  ? 14.253  -1.067  -4.510  1.00 16.68 ? 87  ALA B CA  1 
ATOM   1396 C  C   . ALA B 1 87  ? 14.650  -1.079  -5.980  1.00 17.75 ? 87  ALA B C   1 
ATOM   1397 O  O   . ALA B 1 87  ? 14.429  -2.066  -6.685  1.00 18.59 ? 87  ALA B O   1 
ATOM   1398 C  CB  . ALA B 1 87  ? 15.230  -1.912  -3.694  1.00 18.29 ? 87  ALA B CB  1 
ATOM   1399 N  N   . VAL B 1 88  ? 15.238  0.025   -6.431  1.00 16.78 ? 88  VAL B N   1 
ATOM   1400 C  CA  . VAL B 1 88  ? 15.668  0.162   -7.818  1.00 18.59 ? 88  VAL B CA  1 
ATOM   1401 C  C   . VAL B 1 88  ? 17.112  0.638   -7.880  1.00 20.78 ? 88  VAL B C   1 
ATOM   1402 O  O   . VAL B 1 88  ? 17.511  1.522   -7.124  1.00 20.68 ? 88  VAL B O   1 
ATOM   1403 C  CB  . VAL B 1 88  ? 14.782  1.183   -8.571  1.00 17.73 ? 88  VAL B CB  1 
ATOM   1404 C  CG1 . VAL B 1 88  ? 15.232  1.307   -10.027 1.00 19.13 ? 88  VAL B CG1 1 
ATOM   1405 C  CG2 . VAL B 1 88  ? 13.332  0.756   -8.501  1.00 19.71 ? 88  VAL B CG2 1 
ATOM   1406 N  N   . SER B 1 89  ? 17.896  0.036   -8.770  1.00 21.89 ? 89  SER B N   1 
ATOM   1407 C  CA  . SER B 1 89  ? 19.292  0.419   -8.946  1.00 24.85 ? 89  SER B CA  1 
ATOM   1408 C  C   . SER B 1 89  ? 19.419  1.127   -10.291 1.00 25.81 ? 89  SER B C   1 
ATOM   1409 O  O   . SER B 1 89  ? 18.415  1.397   -10.951 1.00 24.70 ? 89  SER B O   1 
ATOM   1410 C  CB  . SER B 1 89  ? 20.197  -0.815  -8.920  1.00 27.65 ? 89  SER B CB  1 
ATOM   1411 O  OG  . SER B 1 89  ? 19.919  -1.674  -10.014 1.00 32.38 ? 89  SER B OG  1 
ATOM   1412 N  N   . SER B 1 90  ? 20.649  1.424   -10.700 1.00 27.92 ? 90  SER B N   1 
ATOM   1413 C  CA  . SER B 1 90  ? 20.885  2.106   -11.970 1.00 29.87 ? 90  SER B CA  1 
ATOM   1414 C  C   . SER B 1 90  ? 20.273  1.360   -13.158 1.00 30.45 ? 90  SER B C   1 
ATOM   1415 O  O   . SER B 1 90  ? 19.925  1.973   -14.167 1.00 31.39 ? 90  SER B O   1 
ATOM   1416 C  CB  . SER B 1 90  ? 22.388  2.286   -12.200 1.00 31.30 ? 90  SER B CB  1 
ATOM   1417 O  OG  . SER B 1 90  ? 23.042  1.031   -12.283 1.00 34.95 ? 90  SER B OG  1 
ATOM   1418 N  N   . ASP B 1 91  ? 20.151  0.040   -13.037 1.00 31.03 ? 91  ASP B N   1 
ATOM   1419 C  CA  . ASP B 1 91  ? 19.574  -0.778  -14.102 1.00 30.96 ? 91  ASP B CA  1 
ATOM   1420 C  C   . ASP B 1 91  ? 18.117  -0.396  -14.328 1.00 28.78 ? 91  ASP B C   1 
ATOM   1421 O  O   . ASP B 1 91  ? 17.519  -0.745  -15.346 1.00 26.64 ? 91  ASP B O   1 
ATOM   1422 C  CB  . ASP B 1 91  ? 19.664  -2.263  -13.742 1.00 34.81 ? 91  ASP B CB  1 
ATOM   1423 C  CG  . ASP B 1 91  ? 21.090  -2.778  -13.747 1.00 38.55 ? 91  ASP B CG  1 
ATOM   1424 O  OD1 . ASP B 1 91  ? 21.942  -2.178  -13.058 1.00 42.15 ? 91  ASP B OD1 1 
ATOM   1425 O  OD2 . ASP B 1 91  ? 21.359  -3.787  -14.435 1.00 39.94 ? 91  ASP B OD2 1 
ATOM   1426 N  N   . THR B 1 92  ? 17.553  0.317   -13.359 1.00 26.63 ? 92  THR B N   1 
ATOM   1427 C  CA  . THR B 1 92  ? 16.174  0.780   -13.425 1.00 25.21 ? 92  THR B CA  1 
ATOM   1428 C  C   . THR B 1 92  ? 15.138  -0.342  -13.483 1.00 26.28 ? 92  THR B C   1 
ATOM   1429 O  O   . THR B 1 92  ? 14.220  -0.311  -14.303 1.00 28.34 ? 92  THR B O   1 
ATOM   1430 C  CB  . THR B 1 92  ? 15.968  1.722   -14.630 1.00 24.32 ? 92  THR B CB  1 
ATOM   1431 O  OG1 . THR B 1 92  ? 16.983  2.733   -14.617 1.00 22.22 ? 92  THR B OG1 1 
ATOM   1432 C  CG2 . THR B 1 92  ? 14.607  2.398   -14.555 1.00 24.35 ? 92  THR B CG2 1 
ATOM   1433 N  N   . HIS B 1 93  ? 15.294  -1.342  -12.626 1.00 25.35 ? 93  HIS B N   1 
ATOM   1434 C  CA  . HIS B 1 93  ? 14.327  -2.429  -12.575 1.00 25.43 ? 93  HIS B CA  1 
ATOM   1435 C  C   . HIS B 1 93  ? 13.872  -2.613  -11.138 1.00 24.87 ? 93  HIS B C   1 
ATOM   1436 O  O   . HIS B 1 93  ? 14.662  -2.978  -10.270 1.00 25.04 ? 93  HIS B O   1 
ATOM   1437 C  CB  . HIS B 1 93  ? 14.915  -3.745  -13.078 1.00 26.09 ? 93  HIS B CB  1 
ATOM   1438 C  CG  . HIS B 1 93  ? 13.875  -4.785  -13.356 1.00 27.63 ? 93  HIS B CG  1 
ATOM   1439 N  ND1 . HIS B 1 93  ? 12.914  -5.134  -12.431 1.00 27.41 ? 93  HIS B ND1 1 
ATOM   1440 C  CD2 . HIS B 1 93  ? 13.597  -5.496  -14.473 1.00 27.18 ? 93  HIS B CD2 1 
ATOM   1441 C  CE1 . HIS B 1 93  ? 12.084  -6.010  -12.970 1.00 28.38 ? 93  HIS B CE1 1 
ATOM   1442 N  NE2 . HIS B 1 93  ? 12.477  -6.246  -14.209 1.00 28.32 ? 93  HIS B NE2 1 
ATOM   1443 N  N   . PRO B 1 94  ? 12.585  -2.362  -10.867 1.00 25.63 ? 94  PRO B N   1 
ATOM   1444 C  CA  . PRO B 1 94  ? 12.072  -2.513  -9.504  1.00 24.47 ? 94  PRO B CA  1 
ATOM   1445 C  C   . PRO B 1 94  ? 12.140  -3.939  -8.961  1.00 23.48 ? 94  PRO B C   1 
ATOM   1446 O  O   . PRO B 1 94  ? 11.796  -4.900  -9.650  1.00 25.10 ? 94  PRO B O   1 
ATOM   1447 C  CB  . PRO B 1 94  ? 10.633  -2.010  -9.618  1.00 24.99 ? 94  PRO B CB  1 
ATOM   1448 C  CG  . PRO B 1 94  ? 10.701  -1.026  -10.749 1.00 28.51 ? 94  PRO B CG  1 
ATOM   1449 C  CD  . PRO B 1 94  ? 11.569  -1.753  -11.743 1.00 25.97 ? 94  PRO B CD  1 
ATOM   1450 N  N   . ILE B 1 95  ? 12.605  -4.059  -7.723  1.00 21.45 ? 95  ILE B N   1 
ATOM   1451 C  CA  . ILE B 1 95  ? 12.689  -5.340  -7.035  1.00 20.28 ? 95  ILE B CA  1 
ATOM   1452 C  C   . ILE B 1 95  ? 11.885  -5.103  -5.765  1.00 19.49 ? 95  ILE B C   1 
ATOM   1453 O  O   . ILE B 1 95  ? 12.070  -4.092  -5.095  1.00 18.88 ? 95  ILE B O   1 
ATOM   1454 C  CB  . ILE B 1 95  ? 14.139  -5.705  -6.663  1.00 21.72 ? 95  ILE B CB  1 
ATOM   1455 C  CG1 . ILE B 1 95  ? 14.983  -5.847  -7.935  1.00 22.99 ? 95  ILE B CG1 1 
ATOM   1456 C  CG2 . ILE B 1 95  ? 14.167  -7.009  -5.873  1.00 23.88 ? 95  ILE B CG2 1 
ATOM   1457 C  CD1 . ILE B 1 95  ? 14.475  -6.912  -8.902  1.00 24.01 ? 95  ILE B CD1 1 
ATOM   1458 N  N   . THR B 1 96  ? 10.975  -6.017  -5.452  1.00 20.19 ? 96  THR B N   1 
ATOM   1459 C  CA  . THR B 1 96  ? 10.146  -5.859  -4.265  1.00 19.94 ? 96  THR B CA  1 
ATOM   1460 C  C   . THR B 1 96  ? 10.284  -7.013  -3.297  1.00 19.05 ? 96  THR B C   1 
ATOM   1461 O  O   . THR B 1 96  ? 10.689  -8.112  -3.669  1.00 20.28 ? 96  THR B O   1 
ATOM   1462 C  CB  . THR B 1 96  ? 8.664   -5.725  -4.639  1.00 21.16 ? 96  THR B CB  1 
ATOM   1463 O  OG1 . THR B 1 96  ? 8.264   -6.861  -5.420  1.00 23.71 ? 96  THR B OG1 1 
ATOM   1464 C  CG2 . THR B 1 96  ? 8.434   -4.452  -5.441  1.00 22.48 ? 96  THR B CG2 1 
ATOM   1465 N  N   . GLY B 1 97  ? 9.944   -6.746  -2.044  1.00 17.36 ? 97  GLY B N   1 
ATOM   1466 C  CA  . GLY B 1 97  ? 10.023  -7.772  -1.027  1.00 17.14 ? 97  GLY B CA  1 
ATOM   1467 C  C   . GLY B 1 97  ? 9.279   -7.295  0.196   1.00 15.14 ? 97  GLY B C   1 
ATOM   1468 O  O   . GLY B 1 97  ? 8.763   -6.176  0.229   1.00 15.61 ? 97  GLY B O   1 
ATOM   1469 N  N   . ASN B 1 98  ? 9.213   -8.150  1.206   1.00 17.47 ? 98  ASN B N   1 
ATOM   1470 C  CA  . ASN B 1 98  ? 8.534   -7.789  2.434   1.00 17.50 ? 98  ASN B CA  1 
ATOM   1471 C  C   . ASN B 1 98  ? 9.031   -8.674  3.558   1.00 17.84 ? 98  ASN B C   1 
ATOM   1472 O  O   . ASN B 1 98  ? 9.580   -9.752  3.325   1.00 18.05 ? 98  ASN B O   1 
ATOM   1473 C  CB  . ASN B 1 98  ? 7.017   -7.955  2.272   1.00 18.84 ? 98  ASN B CB  1 
ATOM   1474 C  CG  . ASN B 1 98  ? 6.600   -9.405  2.095   1.00 22.91 ? 98  ASN B CG  1 
ATOM   1475 O  OD1 . ASN B 1 98  ? 6.450   -10.147 3.068   1.00 23.45 ? 98  ASN B OD1 1 
ATOM   1476 N  ND2 . ASN B 1 98  ? 6.421   -9.821  0.845   1.00 23.26 ? 98  ASN B ND2 1 
ATOM   1477 N  N   . TYR B 1 99  ? 8.865   -8.197  4.782   1.00 15.78 ? 99  TYR B N   1 
ATOM   1478 C  CA  . TYR B 1 99  ? 9.256   -8.971  5.944   1.00 15.21 ? 99  TYR B CA  1 
ATOM   1479 C  C   . TYR B 1 99  ? 8.473   -8.455  7.128   1.00 15.56 ? 99  TYR B C   1 
ATOM   1480 O  O   . TYR B 1 99  ? 7.896   -7.362  7.085   1.00 15.75 ? 99  TYR B O   1 
ATOM   1481 C  CB  . TYR B 1 99  ? 10.772  -8.897  6.185   1.00 16.01 ? 99  TYR B CB  1 
ATOM   1482 C  CG  . TYR B 1 99  ? 11.301  -7.622  6.807   1.00 15.29 ? 99  TYR B CG  1 
ATOM   1483 C  CD1 . TYR B 1 99  ? 11.246  -7.417  8.187   1.00 15.01 ? 99  TYR B CD1 1 
ATOM   1484 C  CD2 . TYR B 1 99  ? 11.909  -6.644  6.022   1.00 18.29 ? 99  TYR B CD2 1 
ATOM   1485 C  CE1 . TYR B 1 99  ? 11.797  -6.273  8.769   1.00 16.32 ? 99  TYR B CE1 1 
ATOM   1486 C  CE2 . TYR B 1 99  ? 12.456  -5.499  6.590   1.00 16.53 ? 99  TYR B CE2 1 
ATOM   1487 C  CZ  . TYR B 1 99  ? 12.402  -5.321  7.961   1.00 16.67 ? 99  TYR B CZ  1 
ATOM   1488 O  OH  . TYR B 1 99  ? 12.972  -4.204  8.533   1.00 19.71 ? 99  TYR B OH  1 
ATOM   1489 N  N   . THR B 1 100 ? 8.443   -9.245  8.188   1.00 16.51 ? 100 THR B N   1 
ATOM   1490 C  CA  . THR B 1 100 ? 7.695   -8.874  9.374   1.00 17.73 ? 100 THR B CA  1 
ATOM   1491 C  C   . THR B 1 100 ? 8.583   -8.826  10.612  1.00 17.32 ? 100 THR B C   1 
ATOM   1492 O  O   . THR B 1 100 ? 9.601   -9.516  10.693  1.00 18.13 ? 100 THR B O   1 
ATOM   1493 C  CB  . THR B 1 100 ? 6.542   -9.891  9.606   1.00 19.55 ? 100 THR B CB  1 
ATOM   1494 O  OG1 . THR B 1 100 ? 5.538   -9.721  8.594   1.00 22.68 ? 100 THR B OG1 1 
ATOM   1495 C  CG2 . THR B 1 100 ? 5.916   -9.706  10.977  1.00 20.88 ? 100 THR B CG2 1 
ATOM   1496 N  N   . PHE B 1 101 ? 8.218   -7.963  11.553  1.00 15.89 ? 101 PHE B N   1 
ATOM   1497 C  CA  . PHE B 1 101 ? 8.928   -7.865  12.819  1.00 15.47 ? 101 PHE B CA  1 
ATOM   1498 C  C   . PHE B 1 101 ? 7.907   -7.454  13.870  1.00 15.81 ? 101 PHE B C   1 
ATOM   1499 O  O   . PHE B 1 101 ? 6.825   -6.957  13.547  1.00 15.32 ? 101 PHE B O   1 
ATOM   1500 C  CB  . PHE B 1 101 ? 10.095  -6.861  12.765  1.00 15.91 ? 101 PHE B CB  1 
ATOM   1501 C  CG  . PHE B 1 101 ? 9.677   -5.421  12.691  1.00 16.02 ? 101 PHE B CG  1 
ATOM   1502 C  CD1 . PHE B 1 101 ? 9.520   -4.788  11.461  1.00 15.88 ? 101 PHE B CD1 1 
ATOM   1503 C  CD2 . PHE B 1 101 ? 9.452   -4.690  13.854  1.00 16.07 ? 101 PHE B CD2 1 
ATOM   1504 C  CE1 . PHE B 1 101 ? 9.148   -3.448  11.391  1.00 17.06 ? 101 PHE B CE1 1 
ATOM   1505 C  CE2 . PHE B 1 101 ? 9.080   -3.351  13.795  1.00 16.13 ? 101 PHE B CE2 1 
ATOM   1506 C  CZ  . PHE B 1 101 ? 8.928   -2.728  12.559  1.00 17.49 ? 101 PHE B CZ  1 
ATOM   1507 N  N   . THR B 1 102 ? 8.235   -7.687  15.131  1.00 14.73 ? 102 THR B N   1 
ATOM   1508 C  CA  . THR B 1 102 ? 7.324   -7.346  16.200  1.00 15.27 ? 102 THR B CA  1 
ATOM   1509 C  C   . THR B 1 102 ? 7.937   -6.343  17.153  1.00 14.69 ? 102 THR B C   1 
ATOM   1510 O  O   . THR B 1 102 ? 9.148   -6.339  17.381  1.00 14.96 ? 102 THR B O   1 
ATOM   1511 C  CB  . THR B 1 102 ? 6.919   -8.610  16.989  1.00 16.65 ? 102 THR B CB  1 
ATOM   1512 O  OG1 . THR B 1 102 ? 6.242   -9.517  16.109  1.00 19.17 ? 102 THR B OG1 1 
ATOM   1513 C  CG2 . THR B 1 102 ? 6.001   -8.254  18.149  1.00 20.95 ? 102 THR B CG2 1 
ATOM   1514 N  N   . VAL B 1 103 ? 7.086   -5.480  17.695  1.00 15.21 ? 103 VAL B N   1 
ATOM   1515 C  CA  . VAL B 1 103 ? 7.504   -4.484  18.668  1.00 15.81 ? 103 VAL B CA  1 
ATOM   1516 C  C   . VAL B 1 103 ? 6.975   -4.962  20.011  1.00 17.20 ? 103 VAL B C   1 
ATOM   1517 O  O   . VAL B 1 103 ? 5.806   -5.333  20.126  1.00 16.87 ? 103 VAL B O   1 
ATOM   1518 C  CB  . VAL B 1 103 ? 6.895   -3.097  18.366  1.00 15.07 ? 103 VAL B CB  1 
ATOM   1519 C  CG1 . VAL B 1 103 ? 7.143   -2.149  19.534  1.00 16.44 ? 103 VAL B CG1 1 
ATOM   1520 C  CG2 . VAL B 1 103 ? 7.508   -2.531  17.094  1.00 15.97 ? 103 VAL B CG2 1 
ATOM   1521 N  N   . LYS B 1 104 ? 7.836   -4.980  21.021  1.00 20.67 ? 104 LYS B N   1 
ATOM   1522 C  CA  . LYS B 1 104 ? 7.410   -5.401  22.347  1.00 27.20 ? 104 LYS B CA  1 
ATOM   1523 C  C   . LYS B 1 104 ? 7.908   -4.422  23.399  1.00 31.29 ? 104 LYS B C   1 
ATOM   1524 O  O   . LYS B 1 104 ? 8.577   -3.436  23.014  1.00 33.34 ? 104 LYS B O   1 
ATOM   1525 C  CB  . LYS B 1 104 ? 7.923   -6.809  22.662  1.00 29.50 ? 104 LYS B CB  1 
ATOM   1526 C  CG  . LYS B 1 104 ? 9.430   -6.938  22.785  1.00 29.72 ? 104 LYS B CG  1 
ATOM   1527 C  CD  . LYS B 1 104 ? 9.794   -8.303  23.351  1.00 31.35 ? 104 LYS B CD  1 
ATOM   1528 C  CE  . LYS B 1 104 ? 11.285  -8.445  23.581  1.00 31.96 ? 104 LYS B CE  1 
ATOM   1529 N  NZ  . LYS B 1 104 ? 11.604  -9.679  24.357  1.00 26.66 ? 104 LYS B NZ  1 
ATOM   1530 O  OXT . LYS B 1 104 ? 7.619   -4.649  24.595  1.00 34.32 ? 104 LYS B OXT 1 
HETATM 1531 O  O   . HOH C 2 .   ? -3.476  0.925   -5.420  1.00 18.17 ? 105 HOH A O   1 
HETATM 1532 O  O   . HOH C 2 .   ? 4.266   8.339   -15.834 1.00 17.59 ? 106 HOH A O   1 
HETATM 1533 O  O   . HOH C 2 .   ? -1.405  12.555  -17.798 1.00 18.42 ? 107 HOH A O   1 
HETATM 1534 O  O   . HOH C 2 .   ? -5.094  5.055   -1.340  1.00 21.04 ? 108 HOH A O   1 
HETATM 1535 O  O   . HOH C 2 .   ? -10.173 -6.404  -9.862  1.00 23.21 ? 109 HOH A O   1 
HETATM 1536 O  O   . HOH C 2 .   ? -21.231 -1.939  2.681   1.00 24.65 ? 110 HOH A O   1 
HETATM 1537 O  O   . HOH C 2 .   ? -24.440 1.427   -3.213  1.00 28.48 ? 111 HOH A O   1 
HETATM 1538 O  O   . HOH C 2 .   ? -14.357 -7.377  15.492  1.00 27.09 ? 112 HOH A O   1 
HETATM 1539 O  O   . HOH C 2 .   ? 5.416   12.222  -20.096 1.00 24.87 ? 113 HOH A O   1 
HETATM 1540 O  O   . HOH C 2 .   ? -20.870 12.387  -5.367  1.00 24.07 ? 114 HOH A O   1 
HETATM 1541 O  O   . HOH C 2 .   ? -4.147  -3.216  -12.372 1.00 27.11 ? 115 HOH A O   1 
HETATM 1542 O  O   . HOH C 2 .   ? -3.522  13.559  -6.651  1.00 26.99 ? 116 HOH A O   1 
HETATM 1543 O  O   . HOH C 2 .   ? -7.403  -3.546  -15.202 1.00 26.05 ? 117 HOH A O   1 
HETATM 1544 O  O   . HOH C 2 .   ? -9.088  0.920   3.300   1.00 24.60 ? 118 HOH A O   1 
HETATM 1545 O  O   . HOH C 2 .   ? -21.653 -4.341  4.198   1.00 22.66 ? 119 HOH A O   1 
HETATM 1546 O  O   . HOH C 2 .   ? -15.793 13.735  1.224   1.00 30.49 ? 120 HOH A O   1 
HETATM 1547 O  O   . HOH C 2 .   ? -18.898 -6.271  -14.522 1.00 28.62 ? 121 HOH A O   1 
HETATM 1548 O  O   . HOH C 2 .   ? -7.374  -13.262 -3.441  1.00 29.97 ? 122 HOH A O   1 
HETATM 1549 O  O   . HOH C 2 .   ? -16.065 9.769   -14.333 1.00 30.76 ? 123 HOH A O   1 
HETATM 1550 O  O   . HOH C 2 .   ? -13.990 13.425  -5.277  1.00 27.32 ? 124 HOH A O   1 
HETATM 1551 O  O   . HOH C 2 .   ? -10.820 4.887   5.102   1.00 27.79 ? 125 HOH A O   1 
HETATM 1552 O  O   . HOH C 2 .   ? -7.434  -8.841  -9.661  1.00 33.68 ? 126 HOH A O   1 
HETATM 1553 O  O   . HOH C 2 .   ? -5.788  -11.972 -4.863  1.00 30.72 ? 127 HOH A O   1 
HETATM 1554 O  O   . HOH C 2 .   ? -1.773  0.857   -13.387 1.00 31.61 ? 128 HOH A O   1 
HETATM 1555 O  O   . HOH C 2 .   ? -16.536 3.395   -16.505 1.00 29.97 ? 129 HOH A O   1 
HETATM 1556 O  O   . HOH C 2 .   ? -16.138 -11.678 8.658   1.00 33.02 ? 130 HOH A O   1 
HETATM 1557 O  O   . HOH C 2 .   ? -19.823 -4.525  7.266   1.00 29.63 ? 131 HOH A O   1 
HETATM 1558 O  O   . HOH C 2 .   ? -17.335 -3.724  -14.086 1.00 28.95 ? 132 HOH A O   1 
HETATM 1559 O  O   . HOH C 2 .   ? -17.974 -16.890 -0.971  1.00 42.31 ? 133 HOH A O   1 
HETATM 1560 O  O   . HOH C 2 .   ? -23.764 -3.634  -4.618  1.00 32.52 ? 134 HOH A O   1 
HETATM 1561 O  O   . HOH C 2 .   ? -5.443  6.571   1.821   1.00 40.82 ? 135 HOH A O   1 
HETATM 1562 O  O   . HOH C 2 .   ? -0.403  8.168   -17.874 1.00 34.76 ? 136 HOH A O   1 
HETATM 1563 O  O   . HOH C 2 .   ? -21.952 2.205   -3.757  1.00 29.14 ? 137 HOH A O   1 
HETATM 1564 O  O   . HOH C 2 .   ? -10.146 15.452  -9.281  1.00 32.23 ? 138 HOH A O   1 
HETATM 1565 O  O   . HOH C 2 .   ? 5.606   6.185   -12.388 1.00 28.53 ? 139 HOH A O   1 
HETATM 1566 O  O   . HOH C 2 .   ? -4.111  -7.821  -6.178  1.00 32.24 ? 140 HOH A O   1 
HETATM 1567 O  O   . HOH C 2 .   ? -10.821 14.581  -15.636 1.00 33.43 ? 141 HOH A O   1 
HETATM 1568 O  O   . HOH C 2 .   ? -13.169 -11.013 -8.101  1.00 34.87 ? 142 HOH A O   1 
HETATM 1569 O  O   . HOH C 2 .   ? -21.729 9.813   -5.841  1.00 31.33 ? 143 HOH A O   1 
HETATM 1570 O  O   . HOH C 2 .   ? -17.377 7.083   -10.450 1.00 35.09 ? 144 HOH A O   1 
HETATM 1571 O  O   . HOH C 2 .   ? -13.140 13.932  -2.855  1.00 28.11 ? 145 HOH A O   1 
HETATM 1572 O  O   . HOH C 2 .   ? -13.139 5.871   5.997   1.00 39.72 ? 146 HOH A O   1 
HETATM 1573 O  O   . HOH C 2 .   ? -7.240  -6.897  -13.005 1.00 48.14 ? 147 HOH A O   1 
HETATM 1574 O  O   . HOH C 2 .   ? -5.059  10.509  -19.608 1.00 28.04 ? 148 HOH A O   1 
HETATM 1575 O  O   . HOH C 2 .   ? -13.441 -0.822  -20.063 1.00 33.67 ? 149 HOH A O   1 
HETATM 1576 O  O   . HOH C 2 .   ? 4.266   3.107   -12.647 1.00 38.34 ? 150 HOH A O   1 
HETATM 1577 O  O   . HOH C 2 .   ? -17.991 10.036  -10.530 1.00 34.29 ? 151 HOH A O   1 
HETATM 1578 O  O   . HOH C 2 .   ? 7.437   4.756   -6.304  1.00 43.68 ? 152 HOH A O   1 
HETATM 1579 O  O   . HOH C 2 .   ? -19.608 -0.855  -14.000 1.00 37.80 ? 153 HOH A O   1 
HETATM 1580 O  O   . HOH C 2 .   ? -16.403 10.065  -18.278 1.00 38.37 ? 154 HOH A O   1 
HETATM 1581 O  O   . HOH C 2 .   ? -8.591  15.614  -13.774 1.00 28.85 ? 155 HOH A O   1 
HETATM 1582 O  O   . HOH C 2 .   ? -22.088 -1.370  -12.225 1.00 34.21 ? 156 HOH A O   1 
HETATM 1583 O  O   . HOH C 2 .   ? -14.692 15.116  -13.788 1.00 45.01 ? 157 HOH A O   1 
HETATM 1584 O  O   . HOH C 2 .   ? 0.811   3.342   -15.471 1.00 36.20 ? 158 HOH A O   1 
HETATM 1585 O  O   . HOH C 2 .   ? -10.177 -3.273  7.451   1.00 33.03 ? 159 HOH A O   1 
HETATM 1586 O  O   . HOH C 2 .   ? -4.733  14.342  0.755   1.00 29.28 ? 160 HOH A O   1 
HETATM 1587 O  O   . HOH C 2 .   ? -7.340  -14.729 -1.193  1.00 47.37 ? 161 HOH A O   1 
HETATM 1588 O  O   . HOH C 2 .   ? -7.415  2.363   -18.837 1.00 41.34 ? 162 HOH A O   1 
HETATM 1589 O  O   . HOH C 2 .   ? -5.272  -5.411  -2.043  1.00 39.37 ? 163 HOH A O   1 
HETATM 1590 O  O   . HOH C 2 .   ? -16.935 -10.307 13.563  1.00 32.89 ? 164 HOH A O   1 
HETATM 1591 O  O   . HOH C 2 .   ? -12.789 -0.256  6.990   1.00 47.00 ? 165 HOH A O   1 
HETATM 1592 O  O   . HOH C 2 .   ? -14.705 -3.644  -14.699 1.00 40.04 ? 166 HOH A O   1 
HETATM 1593 O  O   . HOH C 2 .   ? -21.960 3.792   -9.590  1.00 39.30 ? 167 HOH A O   1 
HETATM 1594 O  O   . HOH C 2 .   ? -23.141 -5.852  -6.068  1.00 23.98 ? 168 HOH A O   1 
HETATM 1595 O  O   . HOH C 2 .   ? -16.458 7.267   -13.312 1.00 29.90 ? 169 HOH A O   1 
HETATM 1596 O  O   . HOH C 2 .   ? -11.573 -5.919  -12.490 1.00 29.05 ? 170 HOH A O   1 
HETATM 1597 O  O   . HOH C 2 .   ? -17.901 5.837   -15.356 1.00 32.53 ? 171 HOH A O   1 
HETATM 1598 O  O   . HOH C 2 .   ? 4.109   5.718   -16.812 1.00 34.35 ? 172 HOH A O   1 
HETATM 1599 O  O   . HOH C 2 .   ? 1.484   18.744  -25.164 1.00 37.40 ? 173 HOH A O   1 
HETATM 1600 O  O   . HOH C 2 .   ? -8.805  3.667   3.924   1.00 31.16 ? 174 HOH A O   1 
HETATM 1601 O  O   . HOH C 2 .   ? -11.031 13.455  -6.295  1.00 31.17 ? 175 HOH A O   1 
HETATM 1602 O  O   . HOH C 2 .   ? -4.261  -10.474 -6.175  1.00 41.98 ? 176 HOH A O   1 
HETATM 1603 O  O   . HOH C 2 .   ? -2.583  4.606   -0.276  1.00 41.01 ? 177 HOH A O   1 
HETATM 1604 O  O   . HOH C 2 .   ? -6.278  0.592   2.690   1.00 42.44 ? 178 HOH A O   1 
HETATM 1605 O  O   . HOH C 2 .   ? 3.432   1.077   -10.932 1.00 33.37 ? 179 HOH A O   1 
HETATM 1606 O  O   . HOH C 2 .   ? -9.318  -5.974  -14.402 1.00 45.24 ? 180 HOH A O   1 
HETATM 1607 O  O   . HOH C 2 .   ? -8.088  4.196   1.072   1.00 37.15 ? 181 HOH A O   1 
HETATM 1608 O  O   . HOH C 2 .   ? -4.886  -4.373  -14.891 1.00 44.38 ? 182 HOH A O   1 
HETATM 1609 O  O   . HOH C 2 .   ? -19.753 -15.114 -4.103  1.00 40.43 ? 183 HOH A O   1 
HETATM 1610 O  O   . HOH C 2 .   ? -24.440 -11.885 0.872   1.00 43.56 ? 184 HOH A O   1 
HETATM 1611 O  O   . HOH C 2 .   ? -24.490 -12.021 -7.022  1.00 40.91 ? 185 HOH A O   1 
HETATM 1612 O  O   . HOH C 2 .   ? -2.761  -9.431  -3.023  1.00 46.81 ? 186 HOH A O   1 
HETATM 1613 O  O   . HOH C 2 .   ? 2.113   9.049   -18.850 1.00 39.90 ? 187 HOH A O   1 
HETATM 1614 O  O   . HOH C 2 .   ? 6.786   14.332  -20.802 1.00 42.79 ? 188 HOH A O   1 
HETATM 1615 O  O   . HOH C 2 .   ? -17.686 -7.747  -16.201 1.00 39.96 ? 189 HOH A O   1 
HETATM 1616 O  O   . HOH C 2 .   ? 0.014   -1.368  -11.966 1.00 44.69 ? 190 HOH A O   1 
HETATM 1617 O  O   . HOH C 2 .   ? -8.049  -17.176 4.495   1.00 45.96 ? 191 HOH A O   1 
HETATM 1618 O  O   . HOH C 2 .   ? -15.550 2.345   5.995   1.00 38.33 ? 192 HOH A O   1 
HETATM 1619 O  O   . HOH C 2 .   ? -10.583 -1.801  9.560   1.00 44.56 ? 193 HOH A O   1 
HETATM 1620 O  O   . HOH C 2 .   ? 3.453   11.911  -21.876 1.00 46.03 ? 194 HOH A O   1 
HETATM 1621 O  O   . HOH C 2 .   ? -20.317 10.082  -9.006  1.00 45.05 ? 195 HOH A O   1 
HETATM 1622 O  O   . HOH C 2 .   ? -14.722 15.528  -7.033  1.00 43.58 ? 196 HOH A O   1 
HETATM 1623 O  O   . HOH D 2 .   ? -5.225  -8.781  18.111  1.00 14.35 ? 105 HOH B O   1 
HETATM 1624 O  O   . HOH D 2 .   ? 10.611  -7.267  -15.877 1.00 16.64 ? 106 HOH B O   1 
HETATM 1625 O  O   . HOH D 2 .   ? -5.898  -9.415  20.456  1.00 22.20 ? 107 HOH B O   1 
HETATM 1626 O  O   . HOH D 2 .   ? 3.479   -2.799  4.636   1.00 16.82 ? 108 HOH B O   1 
HETATM 1627 O  O   . HOH D 2 .   ? 2.742   -9.359  9.307   1.00 22.94 ? 109 HOH B O   1 
HETATM 1628 O  O   . HOH D 2 .   ? 0.242   -6.038  20.878  1.00 21.62 ? 110 HOH B O   1 
HETATM 1629 O  O   . HOH D 2 .   ? 5.972   -10.407 5.970   1.00 24.97 ? 111 HOH B O   1 
HETATM 1630 O  O   . HOH D 2 .   ? 20.475  6.269   -0.443  1.00 24.30 ? 112 HOH B O   1 
HETATM 1631 O  O   . HOH D 2 .   ? 3.531   3.337   5.121   1.00 21.45 ? 113 HOH B O   1 
HETATM 1632 O  O   . HOH D 2 .   ? 13.602  11.016  -13.446 1.00 21.78 ? 114 HOH B O   1 
HETATM 1633 O  O   . HOH D 2 .   ? 10.356  7.358   15.344  1.00 24.35 ? 115 HOH B O   1 
HETATM 1634 O  O   . HOH D 2 .   ? 8.467   -0.660  22.421  1.00 32.45 ? 116 HOH B O   1 
HETATM 1635 O  O   . HOH D 2 .   ? 4.584   -7.527  21.172  1.00 24.74 ? 117 HOH B O   1 
HETATM 1636 O  O   . HOH D 2 .   ? 15.901  2.703   16.712  1.00 28.39 ? 118 HOH B O   1 
HETATM 1637 O  O   . HOH D 2 .   ? 10.094  -10.901 0.290   1.00 26.18 ? 119 HOH B O   1 
HETATM 1638 O  O   . HOH D 2 .   ? 17.295  4.029   -12.056 1.00 24.82 ? 120 HOH B O   1 
HETATM 1639 O  O   . HOH D 2 .   ? 12.383  -8.813  2.549   1.00 24.46 ? 121 HOH B O   1 
HETATM 1640 O  O   . HOH D 2 .   ? 9.577   -11.911 8.021   1.00 25.42 ? 122 HOH B O   1 
HETATM 1641 O  O   . HOH D 2 .   ? 11.597  -13.432 17.081  1.00 23.59 ? 123 HOH B O   1 
HETATM 1642 O  O   . HOH D 2 .   ? 19.115  -8.455  8.586   1.00 25.04 ? 124 HOH B O   1 
HETATM 1643 O  O   . HOH D 2 .   ? 16.243  -12.386 10.079  1.00 27.53 ? 125 HOH B O   1 
HETATM 1644 O  O   . HOH D 2 .   ? -10.776 -11.110 15.096  1.00 30.41 ? 126 HOH B O   1 
HETATM 1645 O  O   . HOH D 2 .   ? 15.233  -4.062  21.076  1.00 32.31 ? 127 HOH B O   1 
HETATM 1646 O  O   . HOH D 2 .   ? 0.608   3.761   15.068  1.00 24.76 ? 128 HOH B O   1 
HETATM 1647 O  O   . HOH D 2 .   ? 14.569  -1.338  18.253  1.00 27.95 ? 129 HOH B O   1 
HETATM 1648 O  O   . HOH D 2 .   ? 16.164  -9.329  -1.343  1.00 29.45 ? 130 HOH B O   1 
HETATM 1649 O  O   . HOH D 2 .   ? 2.896   6.932   4.485   1.00 29.17 ? 131 HOH B O   1 
HETATM 1650 O  O   . HOH D 2 .   ? 21.893  -3.863  -9.944  1.00 40.80 ? 132 HOH B O   1 
HETATM 1651 O  O   . HOH D 2 .   ? 23.137  4.550   6.018   1.00 27.69 ? 133 HOH B O   1 
HETATM 1652 O  O   . HOH D 2 .   ? 17.162  -6.167  14.688  1.00 30.90 ? 134 HOH B O   1 
HETATM 1653 O  O   . HOH D 2 .   ? -5.462  -7.422  12.034  1.00 24.20 ? 135 HOH B O   1 
HETATM 1654 O  O   . HOH D 2 .   ? -2.491  -3.532  22.857  1.00 33.40 ? 136 HOH B O   1 
HETATM 1655 O  O   . HOH D 2 .   ? 7.813   5.222   -0.253  1.00 23.78 ? 137 HOH B O   1 
HETATM 1656 O  O   . HOH D 2 .   ? 24.376  -2.619  2.216   1.00 31.94 ? 138 HOH B O   1 
HETATM 1657 O  O   . HOH D 2 .   ? 11.401  13.040  11.681  1.00 28.01 ? 139 HOH B O   1 
HETATM 1658 O  O   . HOH D 2 .   ? 6.114   1.034   21.655  1.00 28.91 ? 140 HOH B O   1 
HETATM 1659 O  O   . HOH D 2 .   ? 5.955   4.958   3.645   1.00 27.50 ? 141 HOH B O   1 
HETATM 1660 O  O   . HOH D 2 .   ? 9.229   9.254   13.970  1.00 25.31 ? 142 HOH B O   1 
HETATM 1661 O  O   . HOH D 2 .   ? 8.561   -11.046 14.943  1.00 29.86 ? 143 HOH B O   1 
HETATM 1662 O  O   . HOH D 2 .   ? 7.235   -9.562  -3.696  1.00 36.71 ? 144 HOH B O   1 
HETATM 1663 O  O   . HOH D 2 .   ? 9.157   -9.415  -5.289  1.00 24.47 ? 145 HOH B O   1 
HETATM 1664 O  O   . HOH D 2 .   ? 8.538   9.503   1.649   1.00 30.70 ? 146 HOH B O   1 
HETATM 1665 O  O   . HOH D 2 .   ? 0.368   -10.101 12.211  1.00 28.92 ? 147 HOH B O   1 
HETATM 1666 O  O   . HOH D 2 .   ? 11.776  8.418   -2.774  1.00 42.86 ? 148 HOH B O   1 
HETATM 1667 O  O   . HOH D 2 .   ? 6.570   -8.344  -1.450  1.00 34.99 ? 149 HOH B O   1 
HETATM 1668 O  O   . HOH D 2 .   ? 10.612  -8.346  -7.131  1.00 29.80 ? 150 HOH B O   1 
HETATM 1669 O  O   . HOH D 2 .   ? 8.045   0.663   -12.470 1.00 31.06 ? 151 HOH B O   1 
HETATM 1670 O  O   . HOH D 2 .   ? 21.211  6.154   -3.257  1.00 25.93 ? 152 HOH B O   1 
HETATM 1671 O  O   . HOH D 2 .   ? 17.066  -2.063  -10.456 1.00 29.60 ? 153 HOH B O   1 
HETATM 1672 O  O   . HOH D 2 .   ? 17.490  8.332   15.606  1.00 26.04 ? 154 HOH B O   1 
HETATM 1673 O  O   . HOH D 2 .   ? 7.021   4.529   19.006  1.00 30.40 ? 155 HOH B O   1 
HETATM 1674 O  O   . HOH D 2 .   ? 16.362  -8.830  7.775   1.00 47.74 ? 156 HOH B O   1 
HETATM 1675 O  O   . HOH D 2 .   ? 11.506  -16.293 12.395  1.00 33.01 ? 157 HOH B O   1 
HETATM 1676 O  O   . HOH D 2 .   ? 20.275  -6.521  11.046  1.00 38.97 ? 158 HOH B O   1 
HETATM 1677 O  O   . HOH D 2 .   ? 26.065  -0.332  -6.862  1.00 31.23 ? 159 HOH B O   1 
HETATM 1678 O  O   . HOH D 2 .   ? 16.339  5.081   -16.089 1.00 29.05 ? 160 HOH B O   1 
HETATM 1679 O  O   . HOH D 2 .   ? -2.227  5.823   9.422   1.00 36.79 ? 161 HOH B O   1 
HETATM 1680 O  O   . HOH D 2 .   ? 24.373  9.560   1.133   1.00 32.03 ? 162 HOH B O   1 
HETATM 1681 O  O   . HOH D 2 .   ? 7.867   -14.931 9.270   1.00 39.30 ? 163 HOH B O   1 
HETATM 1682 O  O   . HOH D 2 .   ? -3.506  -2.786  4.812   1.00 44.66 ? 164 HOH B O   1 
HETATM 1683 O  O   . HOH D 2 .   ? 1.072   -8.450  17.925  1.00 33.74 ? 165 HOH B O   1 
HETATM 1684 O  O   . HOH D 2 .   ? 9.014   4.664   17.164  1.00 42.52 ? 166 HOH B O   1 
HETATM 1685 O  O   . HOH D 2 .   ? 24.124  0.051   3.270   1.00 38.77 ? 167 HOH B O   1 
HETATM 1686 O  O   . HOH D 2 .   ? 12.319  2.001   21.974  1.00 45.91 ? 168 HOH B O   1 
HETATM 1687 O  O   . HOH D 2 .   ? 14.826  -7.571  21.590  1.00 46.99 ? 169 HOH B O   1 
HETATM 1688 O  O   . HOH D 2 .   ? 15.870  -8.925  18.688  1.00 38.27 ? 170 HOH B O   1 
HETATM 1689 O  O   . HOH D 2 .   ? 19.411  8.148   -5.413  1.00 47.58 ? 171 HOH B O   1 
HETATM 1690 O  O   . HOH D 2 .   ? 2.005   14.655  7.072   1.00 51.81 ? 172 HOH B O   1 
HETATM 1691 O  O   . HOH D 2 .   ? 22.809  -7.439  -6.568  1.00 53.17 ? 173 HOH B O   1 
HETATM 1692 O  O   . HOH D 2 .   ? 13.552  -16.668 10.843  1.00 36.59 ? 174 HOH B O   1 
HETATM 1693 O  O   . HOH D 2 .   ? 17.467  9.718   -6.468  1.00 16.77 ? 175 HOH B O   1 
HETATM 1694 O  O   . HOH D 2 .   ? 15.404  -1.852  15.862  1.00 24.59 ? 176 HOH B O   1 
HETATM 1695 O  O   . HOH D 2 .   ? 9.015   -12.473 17.932  1.00 22.85 ? 177 HOH B O   1 
HETATM 1696 O  O   . HOH D 2 .   ? 1.553   -9.725  6.744   1.00 32.48 ? 178 HOH B O   1 
HETATM 1697 O  O   . HOH D 2 .   ? -6.142  -11.138 18.003  1.00 29.95 ? 179 HOH B O   1 
HETATM 1698 O  O   . HOH D 2 .   ? 6.944   7.166   1.802   1.00 35.78 ? 180 HOH B O   1 
HETATM 1699 O  O   . HOH D 2 .   ? 13.828  -10.079 4.576   1.00 27.70 ? 181 HOH B O   1 
HETATM 1700 O  O   . HOH D 2 .   ? 17.085  -4.024  16.383  1.00 31.10 ? 182 HOH B O   1 
HETATM 1701 O  O   . HOH D 2 .   ? 1.017   -6.086  23.581  1.00 39.97 ? 183 HOH B O   1 
HETATM 1702 O  O   . HOH D 2 .   ? 17.304  -8.670  16.487  1.00 32.10 ? 184 HOH B O   1 
HETATM 1703 O  O   . HOH D 2 .   ? -3.421  -10.373 18.539  1.00 39.20 ? 185 HOH B O   1 
HETATM 1704 O  O   . HOH D 2 .   ? -3.998  -8.988  9.963   1.00 42.20 ? 186 HOH B O   1 
HETATM 1705 O  O   . HOH D 2 .   ? 12.523  -9.909  -3.139  1.00 41.07 ? 187 HOH B O   1 
HETATM 1706 O  O   . HOH D 2 .   ? -4.249  3.683   9.109   1.00 36.99 ? 188 HOH B O   1 
HETATM 1707 O  O   . HOH D 2 .   ? 19.568  -4.979  -16.001 1.00 44.21 ? 189 HOH B O   1 
HETATM 1708 O  O   . HOH D 2 .   ? -1.197  -10.302 17.043  1.00 39.49 ? 190 HOH B O   1 
HETATM 1709 O  O   . HOH D 2 .   ? 7.514   -12.677 6.197   1.00 39.55 ? 191 HOH B O   1 
HETATM 1710 O  O   . HOH D 2 .   ? 23.190  1.536   -8.745  1.00 33.66 ? 192 HOH B O   1 
HETATM 1711 O  O   . HOH D 2 .   ? 9.462   6.283   -5.824  1.00 37.13 ? 193 HOH B O   1 
HETATM 1712 O  O   . HOH D 2 .   ? 16.713  -5.612  19.131  1.00 41.14 ? 194 HOH B O   1 
HETATM 1713 O  O   . HOH D 2 .   ? 19.623  -6.362  13.771  1.00 48.15 ? 195 HOH B O   1 
HETATM 1714 O  O   . HOH D 2 .   ? 3.837   -7.139  23.691  1.00 41.66 ? 196 HOH B O   1 
HETATM 1715 O  O   . HOH D 2 .   ? 6.804   -4.785  -1.673  1.00 36.05 ? 197 HOH B O   1 
HETATM 1716 O  O   . HOH D 2 .   ? 9.602   6.941   -1.632  1.00 41.19 ? 198 HOH B O   1 
HETATM 1717 O  O   . HOH D 2 .   ? 2.135   -7.902  20.239  1.00 44.04 ? 199 HOH B O   1 
HETATM 1718 O  O   . HOH D 2 .   ? 12.565  -1.935  -15.213 1.00 40.83 ? 200 HOH B O   1 
HETATM 1719 O  O   . HOH D 2 .   ? 3.009   9.993   5.087   1.00 39.66 ? 201 HOH B O   1 
HETATM 1720 O  O   . HOH D 2 .   ? 8.466   -16.365 11.767  1.00 40.07 ? 202 HOH B O   1 
HETATM 1721 O  O   . HOH D 2 .   ? 3.258   -11.330 5.638   1.00 42.48 ? 203 HOH B O   1 
HETATM 1722 O  O   . HOH D 2 .   ? 10.923  7.589   18.177  1.00 41.47 ? 204 HOH B O   1 
HETATM 1723 O  O   . HOH D 2 .   ? -2.085  6.251   6.768   1.00 40.30 ? 205 HOH B O   1 
# 
